data_7ZSL
#
_entry.id   7ZSL
#
_cell.length_a   79.120
_cell.length_b   185.100
_cell.length_c   79.180
_cell.angle_alpha   90.000
_cell.angle_beta   119.940
_cell.angle_gamma   90.000
#
_symmetry.space_group_name_H-M   'P 1 21 1'
#
loop_
_entity.id
_entity.type
_entity.pdbx_description
1 polymer 'Purine nucleoside phosphorylase'
2 non-polymer '[2-[(4-oxidanylidene-3,5-dihydropyrrolo[3,2-d]pyrimidin-7-yl)sulfanyl]phenoxy]methylphosphonic acid'
3 non-polymer 1,2-ETHANEDIOL
4 non-polymer 'SULFATE ION'
5 non-polymer DI(HYDROXYETHYL)ETHER
6 water water
#
_entity_poly.entity_id   1
_entity_poly.type   'polypeptide(L)'
_entity_poly.pdbx_seq_one_letter_code
;MENGYTYEDYKNTAEWLLSHTKHRPQVAIICGSGLGGLTDKLTQAQIFDYGEIPNFPRSTVPGHAGRLVFGFLNGRACVM
MQGRFHMYEGYPLWKVTFPVRVFHLLGVDTLVVTNAAGGLNPKFEVGDIMLIRDHINLPGFSGQNPLRGPNDERFGDRFP
AMSDAYDRTMRQRALSTWKQMGEQRELQEGTYVMVAGPSFETVAECRVLQKLGADAVGMSTVPEVIVARHCGLRVFGFSL
ITNKVIMDYESLEKANHEEVLAAGKQAAQKLEQFVSILMASIPLPDKAS
;
_entity_poly.pdbx_strand_id   A,B,C,D,E,F
#
# COMPACT_ATOMS: atom_id res chain seq x y z
N ASN A 3 14.03 22.08 35.27
CA ASN A 3 12.66 22.54 35.62
C ASN A 3 12.62 22.87 37.12
N GLY A 4 12.82 21.88 38.00
CA GLY A 4 12.65 22.01 39.46
C GLY A 4 13.94 22.45 40.17
N TYR A 5 15.06 22.53 39.46
CA TYR A 5 16.36 23.05 40.01
C TYR A 5 16.59 24.50 39.58
N THR A 6 17.02 25.32 40.54
CA THR A 6 17.56 26.69 40.28
C THR A 6 19.05 26.56 40.01
N TYR A 7 19.63 27.56 39.35
CA TYR A 7 21.09 27.66 39.19
C TYR A 7 21.80 27.45 40.54
N GLU A 8 21.25 28.06 41.60
CA GLU A 8 21.84 28.05 42.96
C GLU A 8 21.88 26.62 43.52
N ASP A 9 20.90 25.78 43.20
CA ASP A 9 20.86 24.34 43.57
C ASP A 9 22.08 23.64 42.95
N TYR A 10 22.33 23.82 41.64
CA TYR A 10 23.51 23.21 40.98
C TYR A 10 24.77 23.70 41.70
N LYS A 11 24.87 25.01 41.93
CA LYS A 11 26.06 25.66 42.55
C LYS A 11 26.26 25.10 43.96
N ASN A 12 25.18 24.93 44.73
CA ASN A 12 25.23 24.41 46.12
C ASN A 12 25.81 22.99 46.12
N THR A 13 25.33 22.13 45.22
CA THR A 13 25.83 20.74 45.06
C THR A 13 27.33 20.79 44.72
N ALA A 14 27.72 21.57 43.73
CA ALA A 14 29.13 21.71 43.26
C ALA A 14 30.00 22.16 44.44
N GLU A 15 29.57 23.19 45.18
CA GLU A 15 30.34 23.74 46.34
C GLU A 15 30.48 22.65 47.42
N TRP A 16 29.43 21.89 47.69
CA TRP A 16 29.49 20.77 48.67
C TRP A 16 30.56 19.77 48.25
N LEU A 17 30.53 19.31 46.99
CA LEU A 17 31.54 18.32 46.51
C LEU A 17 32.94 18.92 46.59
N LEU A 18 33.14 20.18 46.13
CA LEU A 18 34.46 20.84 46.11
C LEU A 18 35.02 20.99 47.53
N SER A 19 34.16 21.15 48.52
CA SER A 19 34.57 21.28 49.96
C SER A 19 34.86 19.89 50.56
N HIS A 20 34.31 18.81 49.97
CA HIS A 20 34.33 17.45 50.60
C HIS A 20 35.39 16.56 49.93
N THR A 21 35.93 16.95 48.79
CA THR A 21 37.07 16.27 48.13
C THR A 21 38.09 17.32 47.71
N LYS A 22 39.38 16.97 47.73
CA LYS A 22 40.46 17.77 47.13
C LYS A 22 40.56 17.46 45.63
N HIS A 23 39.90 16.39 45.18
CA HIS A 23 39.97 15.97 43.75
C HIS A 23 39.28 17.03 42.89
N ARG A 24 39.88 17.33 41.75
CA ARG A 24 39.37 18.28 40.73
C ARG A 24 39.31 17.53 39.41
N PRO A 25 38.18 16.86 39.08
CA PRO A 25 38.12 16.05 37.87
C PRO A 25 38.16 16.88 36.58
N GLN A 26 38.84 16.38 35.57
CA GLN A 26 38.76 16.88 34.17
C GLN A 26 37.69 16.08 33.42
N VAL A 27 37.54 14.80 33.75
CA VAL A 27 36.72 13.83 32.95
C VAL A 27 35.61 13.28 33.84
N ALA A 28 34.36 13.33 33.36
CA ALA A 28 33.24 12.59 33.99
C ALA A 28 32.98 11.33 33.18
N ILE A 29 32.81 10.21 33.85
CA ILE A 29 32.50 8.91 33.21
C ILE A 29 31.16 8.42 33.76
N ILE A 30 30.16 8.31 32.87
CA ILE A 30 28.83 7.78 33.26
C ILE A 30 28.82 6.31 32.88
N CYS A 31 28.98 5.45 33.89
CA CYS A 31 29.24 4.00 33.70
C CYS A 31 27.93 3.31 33.33
N GLY A 32 27.91 2.72 32.14
CA GLY A 32 26.83 1.85 31.65
C GLY A 32 27.14 0.40 31.94
N SER A 33 26.39 -0.51 31.30
CA SER A 33 26.45 -1.97 31.48
C SER A 33 27.87 -2.47 31.20
N GLY A 34 28.44 -3.24 32.14
CA GLY A 34 29.80 -3.79 32.03
C GLY A 34 30.83 -2.98 32.81
N LEU A 35 30.51 -1.76 33.24
CA LEU A 35 31.51 -0.83 33.86
C LEU A 35 31.28 -0.69 35.37
N GLY A 36 30.55 -1.63 35.97
CA GLY A 36 30.35 -1.70 37.43
C GLY A 36 31.64 -1.50 38.20
N GLY A 37 32.71 -2.20 37.79
CA GLY A 37 33.98 -2.28 38.55
C GLY A 37 35.08 -1.37 38.02
N LEU A 38 34.76 -0.42 37.14
CA LEU A 38 35.77 0.56 36.65
C LEU A 38 36.33 1.35 37.84
N THR A 39 35.51 1.66 38.84
CA THR A 39 35.94 2.44 40.03
C THR A 39 37.07 1.67 40.73
N ASP A 40 37.08 0.34 40.61
CA ASP A 40 38.06 -0.55 41.27
C ASP A 40 39.48 -0.30 40.72
N LYS A 41 39.60 0.35 39.57
CA LYS A 41 40.91 0.69 38.96
C LYS A 41 41.41 2.10 39.33
N LEU A 42 40.61 2.90 40.06
CA LEU A 42 41.02 4.27 40.44
C LEU A 42 42.16 4.21 41.47
N THR A 43 43.07 5.19 41.40
CA THR A 43 43.98 5.52 42.52
C THR A 43 43.36 6.70 43.28
N GLN A 44 43.71 6.83 44.56
CA GLN A 44 43.20 7.87 45.48
C GLN A 44 41.69 7.95 45.40
N ALA A 45 40.99 6.81 45.44
CA ALA A 45 39.52 6.70 45.26
C ALA A 45 38.82 7.39 46.43
N GLN A 46 37.78 8.18 46.14
CA GLN A 46 36.96 8.79 47.22
C GLN A 46 35.50 8.66 46.79
N ILE A 47 34.70 8.01 47.63
CA ILE A 47 33.32 7.54 47.34
C ILE A 47 32.31 8.45 48.05
N PHE A 48 31.31 8.93 47.32
CA PHE A 48 30.13 9.60 47.92
C PHE A 48 28.88 8.85 47.47
N ASP A 49 28.09 8.31 48.40
CA ASP A 49 26.77 7.72 48.05
C ASP A 49 25.87 8.89 47.60
N TYR A 50 25.09 8.71 46.54
CA TYR A 50 24.16 9.75 46.03
C TYR A 50 23.36 10.33 47.22
N GLY A 51 22.95 9.48 48.16
CA GLY A 51 22.17 9.88 49.36
C GLY A 51 22.82 10.98 50.18
N GLU A 52 24.17 11.05 50.22
CA GLU A 52 24.92 12.05 51.02
C GLU A 52 24.95 13.40 50.31
N ILE A 53 24.79 13.41 48.98
CA ILE A 53 25.08 14.59 48.13
C ILE A 53 23.83 15.46 48.07
N PRO A 54 23.94 16.76 48.43
CA PRO A 54 22.80 17.68 48.35
C PRO A 54 22.22 17.67 46.93
N ASN A 55 20.89 17.57 46.86
CA ASN A 55 20.05 17.85 45.64
C ASN A 55 20.14 16.71 44.62
N PHE A 56 20.91 15.66 44.88
CA PHE A 56 20.97 14.48 44.00
C PHE A 56 19.61 13.80 43.99
N PRO A 57 19.11 13.38 42.81
N PRO A 57 19.11 13.38 42.81
CA PRO A 57 17.89 12.57 42.73
CA PRO A 57 17.89 12.57 42.73
C PRO A 57 17.98 11.31 43.63
C PRO A 57 17.98 11.31 43.63
N ARG A 58 16.87 10.96 44.29
CA ARG A 58 16.77 9.82 45.25
C ARG A 58 16.25 8.54 44.57
N GLY A 66 23.58 3.77 44.25
CA GLY A 66 24.34 4.67 43.36
C GLY A 66 25.42 5.46 44.07
N ARG A 67 26.58 5.62 43.43
CA ARG A 67 27.77 6.29 44.02
C ARG A 67 28.47 7.19 43.00
N LEU A 68 28.99 8.32 43.48
CA LEU A 68 29.97 9.18 42.77
C LEU A 68 31.36 8.85 43.33
N VAL A 69 32.30 8.45 42.47
CA VAL A 69 33.69 8.14 42.89
C VAL A 69 34.66 9.08 42.18
N PHE A 70 35.48 9.80 42.95
CA PHE A 70 36.55 10.69 42.44
C PHE A 70 37.88 9.94 42.55
N GLY A 71 38.77 10.18 41.59
CA GLY A 71 40.15 9.66 41.67
C GLY A 71 40.87 9.84 40.36
N PHE A 72 41.95 9.08 40.22
CA PHE A 72 42.79 9.05 39.01
C PHE A 72 42.57 7.70 38.33
N LEU A 73 42.22 7.75 37.07
CA LEU A 73 42.17 6.54 36.20
C LEU A 73 43.34 6.66 35.23
N ASN A 74 44.34 5.82 35.42
CA ASN A 74 45.57 5.84 34.58
C ASN A 74 46.15 7.25 34.67
N GLY A 75 46.07 7.87 35.84
CA GLY A 75 46.69 9.18 36.14
C GLY A 75 45.87 10.38 35.64
N ARG A 76 44.66 10.17 35.13
CA ARG A 76 43.76 11.27 34.69
C ARG A 76 42.73 11.53 35.77
N ALA A 77 42.58 12.80 36.16
CA ALA A 77 41.63 13.20 37.23
C ALA A 77 40.20 13.00 36.72
N CYS A 78 39.41 12.13 37.38
CA CYS A 78 38.07 11.69 36.90
CA CYS A 78 38.07 11.71 36.90
C CYS A 78 37.05 11.65 38.03
N VAL A 79 35.78 11.73 37.68
CA VAL A 79 34.63 11.47 38.59
C VAL A 79 33.73 10.50 37.84
N MET A 80 33.39 9.41 38.50
CA MET A 80 32.66 8.28 37.91
C MET A 80 31.27 8.22 38.58
N MET A 81 30.24 8.19 37.74
CA MET A 81 28.86 7.85 38.13
C MET A 81 28.68 6.34 38.01
N GLN A 82 28.53 5.68 39.15
CA GLN A 82 28.24 4.22 39.26
C GLN A 82 26.77 4.06 39.63
N GLY A 83 25.94 3.73 38.64
CA GLY A 83 24.48 3.85 38.72
C GLY A 83 24.05 5.14 38.04
N ARG A 84 23.17 5.08 37.04
CA ARG A 84 22.66 6.28 36.35
C ARG A 84 21.13 6.26 36.43
N PHE A 85 20.50 7.43 36.29
CA PHE A 85 19.03 7.61 36.31
C PHE A 85 18.49 7.44 34.90
N HIS A 86 17.31 6.83 34.81
CA HIS A 86 16.70 6.50 33.51
C HIS A 86 15.25 7.00 33.46
N MET A 87 14.87 7.42 32.28
CA MET A 87 13.49 7.87 31.99
C MET A 87 12.48 6.81 32.44
N TYR A 88 12.77 5.53 32.19
CA TYR A 88 11.79 4.43 32.47
C TYR A 88 11.56 4.30 33.99
N GLU A 89 12.47 4.80 34.83
CA GLU A 89 12.34 4.72 36.32
C GLU A 89 11.28 5.72 36.80
N GLY A 90 10.87 6.69 35.96
CA GLY A 90 9.89 7.73 36.27
C GLY A 90 10.54 9.09 36.52
N TYR A 91 11.88 9.19 36.50
CA TYR A 91 12.60 10.47 36.65
C TYR A 91 12.32 11.37 35.45
N PRO A 92 11.94 12.64 35.68
CA PRO A 92 12.01 13.66 34.65
C PRO A 92 13.44 13.84 34.12
N LEU A 93 13.59 14.29 32.88
CA LEU A 93 14.93 14.43 32.25
C LEU A 93 15.77 15.50 32.97
N TRP A 94 15.14 16.44 33.68
CA TRP A 94 15.89 17.47 34.45
C TRP A 94 16.52 16.85 35.71
N LYS A 95 15.99 15.71 36.17
CA LYS A 95 16.62 14.90 37.26
C LYS A 95 17.66 13.97 36.63
N VAL A 96 17.32 13.29 35.54
CA VAL A 96 18.27 12.38 34.86
C VAL A 96 19.60 13.10 34.63
N THR A 97 19.55 14.33 34.16
CA THR A 97 20.75 15.07 33.62
C THR A 97 21.34 16.02 34.64
N PHE A 98 20.76 16.12 35.84
CA PHE A 98 21.25 17.05 36.91
C PHE A 98 22.75 16.85 37.14
N PRO A 99 23.27 15.62 37.25
CA PRO A 99 24.70 15.44 37.52
C PRO A 99 25.61 16.08 36.46
N VAL A 100 25.17 16.13 35.20
CA VAL A 100 26.02 16.66 34.09
C VAL A 100 26.29 18.15 34.34
N ARG A 101 25.25 18.91 34.69
CA ARG A 101 25.38 20.35 35.06
C ARG A 101 26.38 20.49 36.21
N VAL A 102 26.25 19.64 37.22
CA VAL A 102 27.14 19.64 38.41
C VAL A 102 28.59 19.38 37.94
N PHE A 103 28.79 18.40 37.06
CA PHE A 103 30.14 18.07 36.53
C PHE A 103 30.77 19.32 35.87
N HIS A 104 30.02 20.03 35.02
CA HIS A 104 30.46 21.31 34.42
C HIS A 104 30.93 22.27 35.51
N LEU A 105 30.14 22.47 36.54
CA LEU A 105 30.49 23.42 37.63
C LEU A 105 31.69 22.93 38.43
N LEU A 106 32.00 21.63 38.43
CA LEU A 106 33.22 21.09 39.10
C LEU A 106 34.48 21.42 38.30
N GLY A 107 34.34 21.69 37.00
CA GLY A 107 35.44 22.02 36.07
C GLY A 107 35.68 20.95 35.02
N VAL A 108 34.83 19.91 34.96
CA VAL A 108 34.95 18.80 33.97
C VAL A 108 34.85 19.41 32.58
N ASP A 109 35.69 19.00 31.64
CA ASP A 109 35.59 19.49 30.25
C ASP A 109 35.26 18.34 29.29
N THR A 110 35.25 17.09 29.76
CA THR A 110 35.03 15.90 28.90
C THR A 110 34.06 14.93 29.59
N LEU A 111 33.06 14.46 28.86
CA LEU A 111 32.14 13.39 29.27
C LEU A 111 32.41 12.14 28.45
N VAL A 112 32.68 11.03 29.16
CA VAL A 112 32.68 9.66 28.60
C VAL A 112 31.38 8.99 29.07
N VAL A 113 30.54 8.57 28.15
CA VAL A 113 29.19 7.96 28.47
C VAL A 113 29.17 6.57 27.91
N THR A 114 28.78 5.58 28.71
CA THR A 114 28.69 4.18 28.21
C THR A 114 27.29 3.65 28.47
N ASN A 115 26.89 2.66 27.71
CA ASN A 115 25.58 1.99 27.90
C ASN A 115 25.61 0.57 27.35
N ALA A 116 24.50 -0.13 27.57
CA ALA A 116 24.16 -1.37 26.85
C ALA A 116 23.24 -1.00 25.70
N ALA A 117 23.29 -1.76 24.61
CA ALA A 117 22.35 -1.55 23.48
C ALA A 117 22.02 -2.88 22.84
N GLY A 118 20.83 -2.97 22.28
CA GLY A 118 20.45 -4.02 21.34
C GLY A 118 21.01 -3.74 19.97
N GLY A 119 21.58 -4.75 19.32
CA GLY A 119 22.08 -4.67 17.92
C GLY A 119 20.95 -4.64 16.89
N LEU A 120 20.86 -3.56 16.11
CA LEU A 120 19.93 -3.44 14.97
C LEU A 120 20.67 -3.76 13.67
N ASN A 121 21.94 -3.38 13.60
CA ASN A 121 22.86 -3.69 12.46
C ASN A 121 23.13 -5.18 12.49
N PRO A 122 22.72 -5.95 11.47
CA PRO A 122 22.95 -7.40 11.47
C PRO A 122 24.43 -7.81 11.48
N LYS A 123 25.36 -6.91 11.19
CA LYS A 123 26.81 -7.21 11.26
C LYS A 123 27.28 -7.26 12.71
N PHE A 124 26.53 -6.68 13.66
CA PHE A 124 26.94 -6.61 15.08
C PHE A 124 26.77 -7.99 15.75
N GLU A 125 27.68 -8.37 16.63
CA GLU A 125 27.54 -9.61 17.46
C GLU A 125 27.51 -9.21 18.93
N VAL A 126 26.94 -10.05 19.78
CA VAL A 126 26.94 -9.89 21.26
C VAL A 126 28.39 -9.74 21.70
N GLY A 127 28.69 -8.75 22.56
CA GLY A 127 30.05 -8.48 23.07
C GLY A 127 30.77 -7.40 22.26
N ASP A 128 30.27 -7.06 21.07
CA ASP A 128 30.79 -5.96 20.23
C ASP A 128 30.66 -4.65 20.99
N ILE A 129 31.66 -3.78 20.80
CA ILE A 129 31.68 -2.40 21.36
C ILE A 129 31.41 -1.50 20.15
N MET A 130 30.37 -0.66 20.24
CA MET A 130 30.02 0.27 19.15
C MET A 130 30.35 1.69 19.62
N LEU A 131 31.36 2.30 19.00
CA LEU A 131 31.60 3.75 19.18
C LEU A 131 30.38 4.48 18.66
N ILE A 132 29.86 5.39 19.45
CA ILE A 132 28.69 6.21 19.06
C ILE A 132 29.20 7.37 18.24
N ARG A 133 28.89 7.37 16.94
CA ARG A 133 29.21 8.45 16.00
C ARG A 133 28.08 9.49 16.04
N ASP A 134 26.88 9.06 16.39
CA ASP A 134 25.67 9.89 16.29
C ASP A 134 24.53 9.25 17.07
N HIS A 135 23.47 9.99 17.27
CA HIS A 135 22.24 9.48 17.90
C HIS A 135 20.99 9.96 17.18
N ILE A 136 19.90 9.26 17.46
CA ILE A 136 18.51 9.62 17.08
C ILE A 136 17.72 9.72 18.38
N ASN A 137 17.27 10.91 18.69
CA ASN A 137 16.58 11.22 19.97
C ASN A 137 15.05 11.15 19.73
N LEU A 138 14.47 9.96 19.81
CA LEU A 138 13.01 9.81 19.57
C LEU A 138 12.19 10.51 20.66
N PRO A 139 12.53 10.44 21.95
CA PRO A 139 11.77 11.22 22.94
C PRO A 139 11.87 12.74 22.68
N GLY A 140 13.06 13.22 22.26
CA GLY A 140 13.31 14.64 21.94
C GLY A 140 12.35 15.19 20.91
N PHE A 141 12.10 14.46 19.84
CA PHE A 141 11.21 14.93 18.74
C PHE A 141 9.85 15.36 19.31
N SER A 142 9.32 14.61 20.28
CA SER A 142 7.94 14.77 20.78
C SER A 142 7.89 15.63 22.07
N GLY A 143 9.00 16.21 22.50
CA GLY A 143 9.00 17.16 23.64
C GLY A 143 9.88 16.76 24.81
N GLN A 144 10.27 15.49 24.92
CA GLN A 144 11.09 14.98 26.04
C GLN A 144 12.57 15.27 25.74
N ASN A 145 12.93 16.56 25.84
CA ASN A 145 14.31 17.09 25.68
C ASN A 145 14.68 17.69 27.03
N PRO A 146 15.87 17.38 27.60
CA PRO A 146 16.22 17.89 28.93
C PRO A 146 16.39 19.40 28.99
N LEU A 147 16.46 20.08 27.83
CA LEU A 147 16.62 21.55 27.74
C LEU A 147 15.26 22.26 27.76
N ARG A 148 14.15 21.50 27.72
CA ARG A 148 12.79 22.07 27.66
C ARG A 148 12.58 22.99 28.86
N GLY A 149 12.09 24.20 28.62
CA GLY A 149 11.86 25.17 29.71
C GLY A 149 12.81 26.35 29.55
N PRO A 150 12.85 27.27 30.54
CA PRO A 150 13.67 28.46 30.42
C PRO A 150 15.15 28.05 30.27
N ASN A 151 15.89 28.77 29.45
CA ASN A 151 17.34 28.53 29.24
C ASN A 151 18.12 29.42 30.23
N ASP A 152 19.16 28.89 30.86
CA ASP A 152 20.13 29.69 31.65
C ASP A 152 21.43 29.84 30.84
N GLU A 153 21.75 31.07 30.42
CA GLU A 153 22.92 31.37 29.55
C GLU A 153 24.22 31.07 30.30
N ARG A 154 24.18 31.01 31.63
CA ARG A 154 25.37 30.56 32.40
C ARG A 154 25.73 29.12 32.05
N PHE A 155 24.78 28.27 31.64
CA PHE A 155 25.08 26.89 31.15
C PHE A 155 25.37 26.92 29.64
N GLY A 156 24.52 27.58 28.85
CA GLY A 156 24.75 27.61 27.40
C GLY A 156 23.63 28.29 26.63
N ASP A 157 23.63 28.09 25.32
CA ASP A 157 22.78 28.79 24.34
C ASP A 157 21.36 28.20 24.39
N ARG A 158 20.36 28.99 24.04
CA ARG A 158 18.95 28.54 23.99
C ARG A 158 18.79 27.39 22.97
N PHE A 159 19.45 27.48 21.81
CA PHE A 159 19.24 26.55 20.67
C PHE A 159 20.57 25.95 20.25
N PRO A 160 21.16 25.02 21.05
CA PRO A 160 22.46 24.43 20.71
C PRO A 160 22.36 23.43 19.56
N ALA A 161 23.40 23.38 18.73
CA ALA A 161 23.57 22.37 17.67
C ALA A 161 23.99 21.04 18.30
N MET A 162 23.54 19.92 17.73
CA MET A 162 23.91 18.55 18.15
C MET A 162 24.63 17.79 17.01
N SER A 163 24.81 18.37 15.83
CA SER A 163 25.35 17.65 14.65
C SER A 163 26.83 17.27 14.87
N ASP A 164 27.52 17.92 15.80
CA ASP A 164 28.94 17.59 16.12
C ASP A 164 29.05 17.05 17.55
N ALA A 165 28.02 16.36 18.05
CA ALA A 165 27.93 16.03 19.50
C ALA A 165 29.08 15.09 19.90
N TYR A 166 29.44 14.13 19.04
CA TYR A 166 30.41 13.04 19.38
C TYR A 166 31.76 13.40 18.76
N ASP A 167 32.65 13.87 19.62
CA ASP A 167 34.01 14.36 19.28
C ASP A 167 34.71 13.45 18.26
N ARG A 168 35.05 14.00 17.09
CA ARG A 168 35.66 13.24 15.97
C ARG A 168 37.05 12.71 16.41
N THR A 169 37.86 13.56 17.02
CA THR A 169 39.24 13.24 17.49
C THR A 169 39.21 12.01 18.42
N MET A 170 38.35 12.03 19.44
CA MET A 170 38.25 10.92 20.41
C MET A 170 37.84 9.62 19.72
N ARG A 171 36.97 9.66 18.70
CA ARG A 171 36.57 8.43 17.98
C ARG A 171 37.80 7.87 17.22
N GLN A 172 38.62 8.76 16.65
CA GLN A 172 39.87 8.37 15.92
C GLN A 172 40.85 7.73 16.91
N ARG A 173 41.03 8.34 18.08
CA ARG A 173 41.98 7.86 19.12
C ARG A 173 41.46 6.58 19.76
N ALA A 174 40.14 6.40 19.86
CA ALA A 174 39.52 5.16 20.36
C ALA A 174 39.84 3.99 19.40
N LEU A 175 39.72 4.23 18.09
CA LEU A 175 40.05 3.22 17.05
C LEU A 175 41.55 2.84 17.16
N SER A 176 42.45 3.83 17.21
CA SER A 176 43.92 3.59 17.30
C SER A 176 44.27 2.89 18.62
N THR A 177 43.69 3.30 19.76
CA THR A 177 43.88 2.64 21.09
C THR A 177 43.51 1.16 21.02
N TRP A 178 42.38 0.87 20.39
CA TRP A 178 41.83 -0.50 20.30
C TRP A 178 42.83 -1.38 19.54
N LYS A 179 43.33 -0.85 18.43
CA LYS A 179 44.27 -1.54 17.52
C LYS A 179 45.54 -1.93 18.29
N GLN A 180 45.98 -1.06 19.21
CA GLN A 180 47.25 -1.27 19.98
C GLN A 180 47.02 -2.25 21.12
N MET A 181 45.76 -2.53 21.49
CA MET A 181 45.42 -3.53 22.54
C MET A 181 45.45 -4.95 21.92
N GLY A 182 45.56 -5.07 20.60
CA GLY A 182 45.56 -6.37 19.91
C GLY A 182 44.39 -7.25 20.35
N GLU A 183 43.15 -6.76 20.15
CA GLU A 183 41.89 -7.44 20.54
C GLU A 183 41.43 -8.35 19.41
N GLN A 184 40.82 -9.50 19.72
CA GLN A 184 40.37 -10.53 18.74
C GLN A 184 39.42 -9.90 17.71
N ARG A 185 38.50 -9.07 18.17
CA ARG A 185 37.40 -8.53 17.32
C ARG A 185 37.56 -7.01 17.21
N GLU A 186 37.14 -6.45 16.09
CA GLU A 186 37.25 -4.99 15.81
C GLU A 186 36.14 -4.21 16.55
N LEU A 187 36.40 -2.93 16.74
CA LEU A 187 35.42 -1.93 17.21
C LEU A 187 34.37 -1.71 16.13
N GLN A 188 33.12 -1.60 16.55
CA GLN A 188 32.03 -1.16 15.63
C GLN A 188 31.89 0.35 15.77
N GLU A 189 31.18 0.98 14.85
CA GLU A 189 30.87 2.44 14.92
C GLU A 189 29.48 2.65 14.31
N GLY A 190 28.62 3.44 14.96
CA GLY A 190 27.34 3.78 14.31
C GLY A 190 26.43 4.64 15.18
N THR A 191 25.15 4.59 14.85
CA THR A 191 24.11 5.48 15.39
C THR A 191 23.33 4.80 16.49
N TYR A 192 23.26 5.45 17.65
CA TYR A 192 22.46 4.97 18.79
C TYR A 192 21.10 5.68 18.75
N VAL A 193 20.03 4.92 18.81
CA VAL A 193 18.65 5.48 18.98
C VAL A 193 18.25 5.27 20.43
N MET A 194 17.79 6.34 21.08
CA MET A 194 17.20 6.21 22.44
C MET A 194 15.69 6.00 22.28
N VAL A 195 15.18 4.98 22.95
CA VAL A 195 13.73 4.78 23.21
C VAL A 195 13.56 4.83 24.74
N ALA A 196 12.37 5.15 25.21
CA ALA A 196 12.13 5.32 26.67
C ALA A 196 12.16 3.97 27.41
N GLY A 197 11.74 2.88 26.76
CA GLY A 197 11.48 1.58 27.42
C GLY A 197 10.39 1.71 28.50
N PRO A 198 10.33 0.83 29.53
CA PRO A 198 11.34 -0.21 29.80
C PRO A 198 11.16 -1.55 29.10
N SER A 199 10.02 -1.76 28.45
CA SER A 199 9.72 -2.97 27.65
C SER A 199 10.57 -2.98 26.37
N PHE A 200 11.02 -4.15 25.95
CA PHE A 200 11.82 -4.36 24.72
C PHE A 200 10.93 -4.23 23.47
N GLU A 201 11.56 -4.10 22.32
CA GLU A 201 10.89 -3.74 21.04
C GLU A 201 10.20 -4.96 20.45
N THR A 202 9.09 -4.72 19.75
CA THR A 202 8.43 -5.75 18.90
C THR A 202 9.30 -5.90 17.64
N VAL A 203 9.04 -6.92 16.85
CA VAL A 203 9.69 -7.10 15.52
C VAL A 203 9.40 -5.88 14.65
N ALA A 204 8.11 -5.46 14.54
CA ALA A 204 7.74 -4.29 13.72
C ALA A 204 8.52 -3.04 14.18
N GLU A 205 8.64 -2.79 15.47
CA GLU A 205 9.42 -1.67 16.02
C GLU A 205 10.90 -1.78 15.63
N CYS A 206 11.48 -2.97 15.73
CA CYS A 206 12.89 -3.22 15.36
CA CYS A 206 12.89 -3.22 15.35
C CYS A 206 13.09 -2.81 13.90
N ARG A 207 12.16 -3.20 13.03
CA ARG A 207 12.21 -2.88 11.58
C ARG A 207 12.11 -1.35 11.39
N VAL A 208 11.31 -0.67 12.21
CA VAL A 208 11.19 0.82 12.16
C VAL A 208 12.59 1.41 12.47
N LEU A 209 13.19 1.03 13.60
CA LEU A 209 14.48 1.63 14.07
C LEU A 209 15.57 1.33 13.02
N GLN A 210 15.58 0.16 12.46
CA GLN A 210 16.50 -0.18 11.30
C GLN A 210 16.27 0.77 10.13
N LYS A 211 15.03 0.95 9.70
CA LYS A 211 14.72 1.84 8.54
C LYS A 211 15.04 3.30 8.87
N LEU A 212 15.02 3.71 10.16
CA LEU A 212 15.43 5.08 10.57
C LEU A 212 16.96 5.22 10.49
N GLY A 213 17.70 4.12 10.29
CA GLY A 213 19.16 4.14 10.16
C GLY A 213 19.88 3.97 11.50
N ALA A 214 19.22 3.45 12.51
CA ALA A 214 19.84 3.19 13.85
C ALA A 214 20.61 1.88 13.76
N ASP A 215 21.80 1.82 14.35
CA ASP A 215 22.65 0.60 14.41
C ASP A 215 22.38 -0.14 15.73
N ALA A 216 22.01 0.59 16.77
CA ALA A 216 21.87 0.04 18.12
C ALA A 216 20.83 0.85 18.89
N VAL A 217 20.03 0.17 19.72
CA VAL A 217 18.93 0.81 20.48
C VAL A 217 19.22 0.65 21.99
N GLY A 218 18.88 1.68 22.75
CA GLY A 218 18.97 1.60 24.21
C GLY A 218 18.10 2.65 24.87
N MET A 219 18.27 2.82 26.18
CA MET A 219 17.25 3.55 26.98
C MET A 219 17.90 4.66 27.80
N SER A 220 19.04 5.19 27.37
CA SER A 220 19.73 6.25 28.15
C SER A 220 20.54 7.16 27.25
N THR A 221 21.47 7.91 27.87
CA THR A 221 22.69 8.47 27.21
C THR A 221 22.33 9.74 26.46
N VAL A 222 21.35 9.70 25.56
CA VAL A 222 21.05 10.86 24.70
C VAL A 222 20.77 12.11 25.54
N PRO A 223 19.98 12.05 26.62
CA PRO A 223 19.76 13.23 27.46
C PRO A 223 21.04 13.83 28.05
N GLU A 224 21.91 12.98 28.60
CA GLU A 224 23.19 13.39 29.24
C GLU A 224 24.07 14.08 28.19
N VAL A 225 24.14 13.49 26.98
CA VAL A 225 24.95 14.06 25.87
C VAL A 225 24.43 15.44 25.47
N ILE A 226 23.10 15.60 25.40
CA ILE A 226 22.50 16.90 24.99
C ILE A 226 22.86 17.96 26.05
N VAL A 227 22.70 17.62 27.31
CA VAL A 227 23.08 18.57 28.41
C VAL A 227 24.59 18.83 28.39
N ALA A 228 25.42 17.82 28.15
CA ALA A 228 26.89 17.99 28.10
C ALA A 228 27.27 18.98 26.98
N ARG A 229 26.69 18.80 25.78
CA ARG A 229 26.98 19.66 24.62
C ARG A 229 26.46 21.07 24.89
N HIS A 230 25.28 21.21 25.49
CA HIS A 230 24.74 22.52 25.92
C HIS A 230 25.77 23.28 26.77
N CYS A 231 26.46 22.58 27.69
CA CYS A 231 27.45 23.14 28.67
C CYS A 231 28.84 23.29 28.04
N GLY A 232 29.05 22.78 26.82
CA GLY A 232 30.34 22.88 26.12
C GLY A 232 31.32 21.75 26.41
N LEU A 233 30.89 20.62 26.97
CA LEU A 233 31.79 19.47 27.26
C LEU A 233 32.11 18.77 25.94
N ARG A 234 33.32 18.25 25.80
CA ARG A 234 33.69 17.25 24.78
C ARG A 234 33.03 15.91 25.17
N VAL A 235 32.42 15.19 24.23
CA VAL A 235 31.68 13.92 24.50
C VAL A 235 32.24 12.76 23.69
N PHE A 236 32.44 11.62 24.35
CA PHE A 236 32.82 10.34 23.71
C PHE A 236 31.88 9.33 24.32
N GLY A 237 31.41 8.39 23.52
CA GLY A 237 30.48 7.37 24.02
C GLY A 237 30.64 6.04 23.34
N PHE A 238 30.22 4.97 24.01
CA PHE A 238 30.10 3.67 23.32
C PHE A 238 29.03 2.82 23.98
N SER A 239 28.54 1.90 23.18
CA SER A 239 27.52 0.90 23.54
C SER A 239 28.20 -0.46 23.59
N LEU A 240 27.93 -1.23 24.64
CA LEU A 240 28.11 -2.70 24.59
C LEU A 240 26.85 -3.34 23.97
N ILE A 241 27.01 -4.01 22.82
CA ILE A 241 25.92 -4.78 22.15
C ILE A 241 25.70 -6.05 22.98
N THR A 242 24.64 -6.08 23.76
CA THR A 242 24.33 -7.14 24.73
C THR A 242 23.49 -8.23 24.07
N ASN A 243 22.84 -7.94 22.94
CA ASN A 243 21.86 -8.85 22.30
C ASN A 243 21.56 -8.35 20.90
N LYS A 244 21.20 -9.28 20.01
CA LYS A 244 20.70 -8.98 18.66
C LYS A 244 19.18 -8.85 18.77
N VAL A 245 18.62 -7.70 18.42
CA VAL A 245 17.14 -7.49 18.57
C VAL A 245 16.46 -8.45 17.61
N ILE A 246 15.31 -9.01 17.99
CA ILE A 246 14.55 -10.01 17.18
C ILE A 246 13.90 -9.27 16.01
N MET A 247 14.19 -9.67 14.77
CA MET A 247 13.81 -8.91 13.55
C MET A 247 12.95 -9.76 12.61
N ASP A 248 12.51 -10.94 13.05
CA ASP A 248 11.63 -11.83 12.27
C ASP A 248 10.74 -12.63 13.22
N TYR A 249 9.57 -13.07 12.72
CA TYR A 249 8.48 -13.68 13.52
C TYR A 249 8.79 -15.17 13.76
N GLU A 250 9.71 -15.77 13.00
CA GLU A 250 10.08 -17.20 13.13
C GLU A 250 10.74 -17.42 14.50
N SER A 251 11.75 -16.61 14.84
CA SER A 251 12.56 -16.74 16.09
C SER A 251 11.65 -16.97 17.30
N LEU A 252 12.04 -17.88 18.21
CA LEU A 252 11.38 -18.04 19.53
C LEU A 252 12.30 -17.51 20.63
N GLU A 253 13.47 -16.95 20.26
CA GLU A 253 14.31 -16.11 21.17
C GLU A 253 13.55 -14.82 21.53
N LYS A 254 13.65 -14.36 22.77
CA LYS A 254 13.16 -13.04 23.23
C LYS A 254 14.24 -12.33 24.05
N ALA A 255 14.28 -10.99 23.93
CA ALA A 255 15.18 -10.10 24.68
C ALA A 255 14.80 -10.20 26.14
N ASN A 256 15.79 -10.23 27.02
CA ASN A 256 15.58 -10.33 28.47
C ASN A 256 16.72 -9.61 29.21
N HIS A 257 16.41 -9.07 30.38
CA HIS A 257 17.38 -8.33 31.22
C HIS A 257 18.53 -9.25 31.65
N GLU A 258 18.24 -10.53 31.90
CA GLU A 258 19.26 -11.50 32.39
C GLU A 258 20.40 -11.59 31.35
N GLU A 259 20.08 -11.67 30.06
CA GLU A 259 21.09 -11.75 28.96
C GLU A 259 21.86 -10.43 28.87
N VAL A 260 21.21 -9.29 29.14
CA VAL A 260 21.88 -7.95 29.16
C VAL A 260 22.91 -7.95 30.29
N LEU A 261 22.52 -8.36 31.50
CA LEU A 261 23.45 -8.45 32.66
C LEU A 261 24.60 -9.40 32.31
N ALA A 262 24.31 -10.56 31.75
CA ALA A 262 25.30 -11.63 31.48
C ALA A 262 26.36 -11.12 30.48
N ALA A 263 25.92 -10.43 29.42
CA ALA A 263 26.81 -9.87 28.37
C ALA A 263 27.70 -8.77 28.98
N GLY A 264 27.13 -7.96 29.88
CA GLY A 264 27.86 -6.94 30.62
C GLY A 264 28.96 -7.54 31.44
N LYS A 265 28.65 -8.58 32.22
CA LYS A 265 29.63 -9.30 33.08
C LYS A 265 30.75 -9.85 32.21
N GLN A 266 30.42 -10.45 31.06
CA GLN A 266 31.38 -11.09 30.14
C GLN A 266 32.35 -10.07 29.54
N ALA A 267 31.88 -8.85 29.26
CA ALA A 267 32.66 -7.78 28.58
C ALA A 267 33.41 -6.91 29.60
N ALA A 268 33.10 -7.03 30.89
CA ALA A 268 33.50 -6.05 31.93
C ALA A 268 35.02 -5.79 31.92
N GLN A 269 35.86 -6.82 31.94
CA GLN A 269 37.34 -6.68 32.04
C GLN A 269 37.84 -5.95 30.79
N LYS A 270 37.36 -6.34 29.61
CA LYS A 270 37.68 -5.71 28.29
C LYS A 270 37.30 -4.23 28.29
N LEU A 271 36.09 -3.89 28.72
CA LEU A 271 35.59 -2.49 28.69
C LEU A 271 36.40 -1.62 29.65
N GLU A 272 36.64 -2.13 30.86
CA GLU A 272 37.41 -1.44 31.92
C GLU A 272 38.83 -1.11 31.41
N GLN A 273 39.49 -2.08 30.81
CA GLN A 273 40.87 -1.93 30.28
C GLN A 273 40.86 -0.84 29.20
N PHE A 274 39.89 -0.92 28.29
CA PHE A 274 39.77 0.00 27.13
C PHE A 274 39.59 1.45 27.60
N VAL A 275 38.66 1.66 28.52
CA VAL A 275 38.41 3.03 29.05
C VAL A 275 39.67 3.56 29.76
N SER A 276 40.28 2.75 30.62
CA SER A 276 41.52 3.09 31.37
C SER A 276 42.59 3.57 30.39
N ILE A 277 42.90 2.79 29.36
CA ILE A 277 43.97 3.11 28.36
C ILE A 277 43.58 4.39 27.63
N LEU A 278 42.29 4.53 27.27
CA LEU A 278 41.76 5.69 26.49
C LEU A 278 41.98 7.01 27.25
N MET A 279 41.99 6.99 28.60
CA MET A 279 42.24 8.23 29.39
C MET A 279 43.50 8.94 28.89
N ALA A 280 44.54 8.19 28.52
CA ALA A 280 45.86 8.73 28.09
C ALA A 280 45.68 9.57 26.81
N SER A 281 44.67 9.25 26.01
CA SER A 281 44.38 9.88 24.69
C SER A 281 43.51 11.13 24.80
N ILE A 282 42.94 11.43 25.98
CA ILE A 282 42.07 12.63 26.13
C ILE A 282 42.95 13.88 26.13
N PRO A 283 42.59 14.96 25.41
CA PRO A 283 43.37 16.19 25.46
C PRO A 283 43.50 16.72 26.88
N LEU A 284 44.62 17.41 27.17
CA LEU A 284 44.84 18.03 28.50
C LEU A 284 43.94 19.26 28.63
N PRO A 285 43.69 19.73 29.86
CA PRO A 285 42.91 20.95 30.04
C PRO A 285 43.70 22.20 29.62
N ASN B 3 2.71 6.90 38.23
CA ASN B 3 1.60 6.02 38.71
C ASN B 3 1.09 6.52 40.05
N GLY B 4 -0.21 6.63 40.13
CA GLY B 4 -1.04 7.10 41.24
C GLY B 4 -1.66 5.93 42.00
N TYR B 5 -1.52 4.69 41.49
CA TYR B 5 -2.05 3.47 42.17
C TYR B 5 -0.92 2.69 42.85
N THR B 6 -1.17 2.22 44.07
CA THR B 6 -0.32 1.26 44.80
C THR B 6 -0.79 -0.16 44.46
N TYR B 7 0.05 -1.16 44.68
CA TYR B 7 -0.35 -2.59 44.56
C TYR B 7 -1.67 -2.82 45.30
N GLU B 8 -1.80 -2.27 46.52
CA GLU B 8 -2.94 -2.48 47.43
C GLU B 8 -4.23 -1.96 46.78
N ASP B 9 -4.16 -0.87 46.02
CA ASP B 9 -5.30 -0.30 45.27
C ASP B 9 -5.80 -1.34 44.26
N TYR B 10 -4.91 -1.93 43.46
CA TYR B 10 -5.33 -2.98 42.49
C TYR B 10 -5.99 -4.14 43.26
N LYS B 11 -5.34 -4.57 44.35
CA LYS B 11 -5.80 -5.72 45.17
C LYS B 11 -7.18 -5.39 45.77
N ASN B 12 -7.37 -4.16 46.26
CA ASN B 12 -8.64 -3.72 46.89
C ASN B 12 -9.77 -3.81 45.86
N THR B 13 -9.54 -3.31 44.65
CA THR B 13 -10.54 -3.37 43.55
C THR B 13 -10.86 -4.84 43.25
N ALA B 14 -9.84 -5.68 43.06
CA ALA B 14 -10.03 -7.12 42.77
C ALA B 14 -10.85 -7.78 43.88
N GLU B 15 -10.50 -7.54 45.15
CA GLU B 15 -11.20 -8.15 46.33
C GLU B 15 -12.67 -7.68 46.34
N TRP B 16 -12.93 -6.40 46.06
CA TRP B 16 -14.31 -5.86 45.97
C TRP B 16 -15.10 -6.66 44.92
N LEU B 17 -14.58 -6.78 43.70
CA LEU B 17 -15.29 -7.51 42.63
C LEU B 17 -15.49 -8.98 43.04
N LEU B 18 -14.48 -9.64 43.57
CA LEU B 18 -14.53 -11.08 43.97
C LEU B 18 -15.58 -11.29 45.06
N SER B 19 -15.81 -10.30 45.93
CA SER B 19 -16.83 -10.36 47.02
C SER B 19 -18.24 -10.04 46.48
N HIS B 20 -18.34 -9.38 45.33
CA HIS B 20 -19.62 -8.83 44.82
C HIS B 20 -20.16 -9.68 43.67
N THR B 21 -19.37 -10.60 43.12
CA THR B 21 -19.82 -11.60 42.13
C THR B 21 -19.26 -12.96 42.53
N LYS B 22 -19.98 -14.03 42.23
CA LYS B 22 -19.48 -15.43 42.32
C LYS B 22 -18.73 -15.78 41.03
N HIS B 23 -18.86 -14.97 39.98
CA HIS B 23 -18.21 -15.23 38.67
C HIS B 23 -16.69 -15.13 38.83
N ARG B 24 -15.97 -16.08 38.22
CA ARG B 24 -14.48 -16.13 38.20
C ARG B 24 -14.04 -16.18 36.74
N PRO B 25 -13.81 -15.03 36.09
CA PRO B 25 -13.48 -15.02 34.67
C PRO B 25 -12.11 -15.63 34.37
N GLN B 26 -12.00 -16.36 33.27
CA GLN B 26 -10.71 -16.75 32.64
C GLN B 26 -10.30 -15.70 31.60
N VAL B 27 -11.27 -15.10 30.92
CA VAL B 27 -11.02 -14.25 29.71
C VAL B 27 -11.55 -12.84 29.98
N ALA B 28 -10.71 -11.82 29.73
CA ALA B 28 -11.16 -10.41 29.71
C ALA B 28 -11.31 -10.02 28.25
N ILE B 29 -12.42 -9.37 27.93
CA ILE B 29 -12.70 -8.86 26.55
C ILE B 29 -12.85 -7.33 26.64
N ILE B 30 -11.93 -6.60 26.01
CA ILE B 30 -11.99 -5.11 25.94
C ILE B 30 -12.63 -4.77 24.59
N CYS B 31 -13.91 -4.39 24.66
CA CYS B 31 -14.80 -4.27 23.47
C CYS B 31 -14.45 -2.95 22.76
N GLY B 32 -14.00 -3.09 21.51
CA GLY B 32 -13.79 -1.96 20.59
C GLY B 32 -15.03 -1.74 19.72
N SER B 33 -14.85 -0.98 18.65
CA SER B 33 -15.90 -0.56 17.68
C SER B 33 -16.55 -1.80 17.08
N GLY B 34 -17.89 -1.87 17.11
CA GLY B 34 -18.70 -2.98 16.57
C GLY B 34 -19.10 -3.99 17.65
N LEU B 35 -18.52 -3.94 18.86
CA LEU B 35 -18.77 -4.97 19.92
C LEU B 35 -19.66 -4.43 21.05
N GLY B 36 -20.37 -3.33 20.79
CA GLY B 36 -21.29 -2.71 21.78
C GLY B 36 -22.19 -3.74 22.44
N GLY B 37 -22.77 -4.64 21.65
CA GLY B 37 -23.82 -5.58 22.07
C GLY B 37 -23.34 -6.99 22.35
N LEU B 38 -22.01 -7.22 22.44
CA LEU B 38 -21.46 -8.55 22.77
C LEU B 38 -21.97 -8.98 24.16
N THR B 39 -22.08 -8.05 25.11
CA THR B 39 -22.50 -8.38 26.50
C THR B 39 -23.92 -8.96 26.44
N ASP B 40 -24.70 -8.60 25.42
CA ASP B 40 -26.12 -9.02 25.27
C ASP B 40 -26.19 -10.53 24.98
N LYS B 41 -25.07 -11.17 24.62
CA LYS B 41 -25.02 -12.63 24.38
C LYS B 41 -24.59 -13.41 25.63
N LEU B 42 -24.22 -12.76 26.73
CA LEU B 42 -23.72 -13.48 27.94
C LEU B 42 -24.85 -14.26 28.61
N THR B 43 -24.56 -15.44 29.15
CA THR B 43 -25.45 -16.11 30.13
C THR B 43 -24.99 -15.76 31.55
N GLN B 44 -25.91 -15.79 32.49
CA GLN B 44 -25.69 -15.42 33.91
C GLN B 44 -24.98 -14.07 33.99
N ALA B 45 -25.46 -13.08 33.23
CA ALA B 45 -24.82 -11.75 33.13
C ALA B 45 -24.93 -11.03 34.48
N GLN B 46 -23.85 -10.38 34.92
CA GLN B 46 -23.87 -9.52 36.12
C GLN B 46 -23.11 -8.23 35.79
N ILE B 47 -23.77 -7.08 35.96
CA ILE B 47 -23.32 -5.73 35.49
C ILE B 47 -22.81 -4.91 36.67
N PHE B 48 -21.62 -4.31 36.55
CA PHE B 48 -21.15 -3.27 37.49
C PHE B 48 -20.84 -2.00 36.71
N ASP B 49 -21.50 -0.88 37.03
CA ASP B 49 -21.16 0.43 36.42
C ASP B 49 -19.78 0.81 36.96
N TYR B 50 -18.90 1.35 36.12
CA TYR B 50 -17.54 1.78 36.53
C TYR B 50 -17.63 2.61 37.81
N GLY B 51 -18.67 3.47 37.91
CA GLY B 51 -18.92 4.35 39.06
C GLY B 51 -18.98 3.62 40.40
N GLU B 52 -19.46 2.38 40.42
CA GLU B 52 -19.65 1.58 41.66
C GLU B 52 -18.34 0.95 42.11
N ILE B 53 -17.39 0.76 41.17
CA ILE B 53 -16.18 -0.06 41.40
C ILE B 53 -15.10 0.82 42.02
N PRO B 54 -14.55 0.41 43.18
CA PRO B 54 -13.47 1.15 43.84
C PRO B 54 -12.29 1.37 42.88
N ASN B 55 -11.80 2.61 42.82
CA ASN B 55 -10.51 3.00 42.18
C ASN B 55 -10.61 3.03 40.65
N PHE B 56 -11.77 2.72 40.07
CA PHE B 56 -11.96 2.80 38.59
C PHE B 56 -11.86 4.25 38.17
N PRO B 57 -11.11 4.56 37.08
CA PRO B 57 -11.07 5.90 36.52
C PRO B 57 -12.47 6.51 36.29
N GLY B 66 -19.84 3.67 31.16
CA GLY B 66 -19.03 2.44 31.01
C GLY B 66 -19.44 1.37 32.03
N ARG B 67 -19.34 0.10 31.65
CA ARG B 67 -19.69 -1.01 32.58
C ARG B 67 -18.80 -2.22 32.38
N LEU B 68 -18.61 -2.93 33.50
CA LEU B 68 -17.97 -4.26 33.56
C LEU B 68 -19.10 -5.29 33.64
N VAL B 69 -19.15 -6.23 32.70
CA VAL B 69 -20.17 -7.32 32.74
C VAL B 69 -19.46 -8.66 32.85
N PHE B 70 -19.81 -9.45 33.87
CA PHE B 70 -19.32 -10.82 34.09
C PHE B 70 -20.36 -11.80 33.56
N GLY B 71 -19.90 -12.93 33.04
CA GLY B 71 -20.77 -14.09 32.75
C GLY B 71 -20.10 -15.06 31.82
N PHE B 72 -20.90 -15.83 31.09
CA PHE B 72 -20.42 -16.91 30.19
C PHE B 72 -20.72 -16.48 28.77
N LEU B 73 -19.71 -16.49 27.92
CA LEU B 73 -19.87 -16.28 26.47
C LEU B 73 -19.61 -17.64 25.82
N ASN B 74 -20.64 -18.26 25.29
CA ASN B 74 -20.51 -19.59 24.64
C ASN B 74 -19.90 -20.54 25.69
N GLY B 75 -20.30 -20.38 26.95
CA GLY B 75 -19.93 -21.26 28.07
C GLY B 75 -18.56 -20.98 28.67
N ARG B 76 -17.85 -19.94 28.20
CA ARG B 76 -16.51 -19.55 28.71
C ARG B 76 -16.67 -18.42 29.72
N ALA B 77 -16.10 -18.55 30.91
CA ALA B 77 -16.16 -17.55 31.99
C ALA B 77 -15.41 -16.28 31.56
N CYS B 78 -16.09 -15.14 31.46
CA CYS B 78 -15.54 -13.89 30.86
CA CYS B 78 -15.50 -13.89 30.90
C CYS B 78 -15.93 -12.65 31.68
N VAL B 79 -15.16 -11.58 31.56
CA VAL B 79 -15.50 -10.24 32.08
C VAL B 79 -15.25 -9.30 30.91
N MET B 80 -16.26 -8.49 30.61
CA MET B 80 -16.28 -7.64 29.40
C MET B 80 -16.26 -6.19 29.85
N MET B 81 -15.30 -5.45 29.31
CA MET B 81 -15.25 -3.97 29.39
C MET B 81 -16.06 -3.38 28.24
N GLN B 82 -17.18 -2.76 28.57
CA GLN B 82 -18.05 -2.02 27.62
C GLN B 82 -17.83 -0.53 27.86
N GLY B 83 -17.07 0.09 26.97
CA GLY B 83 -16.45 1.42 27.20
C GLY B 83 -15.01 1.22 27.65
N ARG B 84 -14.05 1.79 26.92
CA ARG B 84 -12.61 1.72 27.30
C ARG B 84 -12.09 3.15 27.37
N PHE B 85 -11.05 3.37 28.16
CA PHE B 85 -10.39 4.69 28.37
C PHE B 85 -9.32 4.88 27.29
N HIS B 86 -9.22 6.11 26.79
CA HIS B 86 -8.30 6.46 25.68
C HIS B 86 -7.38 7.58 26.13
N MET B 87 -6.15 7.54 25.66
CA MET B 87 -5.14 8.58 25.87
C MET B 87 -5.69 9.96 25.43
N TYR B 88 -6.45 10.01 24.32
CA TYR B 88 -6.93 11.30 23.77
C TYR B 88 -7.94 11.94 24.72
N GLU B 89 -8.57 11.18 25.62
CA GLU B 89 -9.57 11.71 26.58
C GLU B 89 -8.85 12.49 27.69
N GLY B 90 -7.54 12.35 27.83
CA GLY B 90 -6.70 13.04 28.84
C GLY B 90 -6.27 12.11 29.97
N TYR B 91 -6.73 10.86 29.96
CA TYR B 91 -6.30 9.84 30.95
C TYR B 91 -4.82 9.53 30.78
N PRO B 92 -4.02 9.57 31.86
CA PRO B 92 -2.70 8.95 31.88
C PRO B 92 -2.80 7.44 31.62
N LEU B 93 -1.73 6.85 31.08
CA LEU B 93 -1.76 5.42 30.71
C LEU B 93 -1.90 4.52 31.93
N TRP B 94 -1.53 5.00 33.13
CA TRP B 94 -1.71 4.20 34.37
C TRP B 94 -3.19 4.15 34.76
N LYS B 95 -4.01 5.07 34.26
CA LYS B 95 -5.50 5.02 34.38
C LYS B 95 -6.06 4.16 33.25
N VAL B 96 -5.62 4.40 32.02
CA VAL B 96 -6.09 3.64 30.84
C VAL B 96 -6.02 2.14 31.14
N THR B 97 -4.91 1.67 31.70
CA THR B 97 -4.57 0.22 31.78
C THR B 97 -4.89 -0.35 33.16
N PHE B 98 -5.40 0.45 34.10
CA PHE B 98 -5.69 -0.01 35.48
C PHE B 98 -6.54 -1.28 35.44
N PRO B 99 -7.61 -1.37 34.61
CA PRO B 99 -8.45 -2.58 34.61
C PRO B 99 -7.68 -3.87 34.31
N VAL B 100 -6.62 -3.79 33.47
CA VAL B 100 -5.85 -4.99 33.07
C VAL B 100 -5.18 -5.63 34.31
N ARG B 101 -4.56 -4.82 35.16
CA ARG B 101 -3.95 -5.27 36.43
C ARG B 101 -5.03 -5.95 37.29
N VAL B 102 -6.19 -5.31 37.39
CA VAL B 102 -7.35 -5.86 38.16
C VAL B 102 -7.72 -7.24 37.58
N PHE B 103 -7.81 -7.35 36.26
CA PHE B 103 -8.19 -8.62 35.60
C PHE B 103 -7.21 -9.74 35.99
N HIS B 104 -5.90 -9.47 35.95
CA HIS B 104 -4.86 -10.40 36.42
C HIS B 104 -5.20 -10.88 37.84
N LEU B 105 -5.47 -9.95 38.75
CA LEU B 105 -5.75 -10.32 40.17
C LEU B 105 -7.09 -11.05 40.31
N LEU B 106 -8.01 -10.92 39.34
CA LEU B 106 -9.30 -11.71 39.34
C LEU B 106 -9.05 -13.17 38.96
N GLY B 107 -7.92 -13.45 38.28
CA GLY B 107 -7.55 -14.79 37.81
C GLY B 107 -7.60 -14.94 36.30
N VAL B 108 -7.86 -13.85 35.57
CA VAL B 108 -7.93 -13.85 34.08
C VAL B 108 -6.56 -14.26 33.56
N ASP B 109 -6.51 -15.13 32.56
CA ASP B 109 -5.22 -15.54 31.97
C ASP B 109 -5.17 -15.15 30.50
N THR B 110 -6.27 -14.67 29.92
CA THR B 110 -6.34 -14.31 28.50
C THR B 110 -7.04 -12.96 28.31
N LEU B 111 -6.45 -12.08 27.51
CA LEU B 111 -7.04 -10.80 27.06
C LEU B 111 -7.38 -10.88 25.58
N VAL B 112 -8.65 -10.65 25.27
CA VAL B 112 -9.14 -10.35 23.90
C VAL B 112 -9.35 -8.84 23.82
N VAL B 113 -8.65 -8.19 22.90
CA VAL B 113 -8.71 -6.70 22.74
C VAL B 113 -9.21 -6.43 21.33
N THR B 114 -10.23 -5.57 21.18
CA THR B 114 -10.70 -5.21 19.82
C THR B 114 -10.67 -3.69 19.66
N ASN B 115 -10.64 -3.24 18.40
CA ASN B 115 -10.66 -1.78 18.12
C ASN B 115 -11.15 -1.53 16.72
N ALA B 116 -11.33 -0.24 16.41
CA ALA B 116 -11.47 0.27 15.04
C ALA B 116 -10.10 0.73 14.56
N ALA B 117 -9.83 0.62 13.27
CA ALA B 117 -8.57 1.17 12.72
C ALA B 117 -8.81 1.74 11.32
N GLY B 118 -7.99 2.71 10.94
CA GLY B 118 -7.86 3.12 9.55
C GLY B 118 -6.97 2.15 8.78
N GLY B 119 -7.36 1.78 7.58
CA GLY B 119 -6.56 0.95 6.66
C GLY B 119 -5.41 1.69 6.04
N LEU B 120 -4.16 1.23 6.28
CA LEU B 120 -2.96 1.75 5.60
C LEU B 120 -2.56 0.82 4.46
N ASN B 121 -2.77 -0.49 4.65
CA ASN B 121 -2.48 -1.54 3.65
C ASN B 121 -3.48 -1.39 2.52
N PRO B 122 -3.04 -1.11 1.27
CA PRO B 122 -3.97 -0.97 0.15
C PRO B 122 -4.79 -2.24 -0.20
N LYS B 123 -4.41 -3.41 0.31
CA LYS B 123 -5.22 -4.66 0.11
C LYS B 123 -6.48 -4.63 0.98
N PHE B 124 -6.50 -3.81 2.04
CA PHE B 124 -7.61 -3.78 3.03
C PHE B 124 -8.82 -3.06 2.42
N GLU B 125 -10.02 -3.56 2.70
CA GLU B 125 -11.29 -2.86 2.37
C GLU B 125 -12.04 -2.55 3.67
N VAL B 126 -12.92 -1.54 3.63
CA VAL B 126 -13.79 -1.18 4.80
C VAL B 126 -14.60 -2.43 5.17
N GLY B 127 -14.68 -2.79 6.44
CA GLY B 127 -15.39 -4.00 6.92
C GLY B 127 -14.48 -5.20 7.12
N ASP B 128 -13.25 -5.14 6.60
CA ASP B 128 -12.21 -6.17 6.83
C ASP B 128 -11.90 -6.25 8.32
N ILE B 129 -11.67 -7.49 8.80
CA ILE B 129 -11.15 -7.74 10.18
C ILE B 129 -9.68 -8.07 10.04
N MET B 130 -8.83 -7.33 10.76
CA MET B 130 -7.37 -7.58 10.75
C MET B 130 -6.97 -8.17 12.09
N LEU B 131 -6.56 -9.43 12.10
CA LEU B 131 -5.88 -10.03 13.27
C LEU B 131 -4.58 -9.24 13.46
N ILE B 132 -4.37 -8.80 14.69
CA ILE B 132 -3.14 -8.08 15.06
C ILE B 132 -2.06 -9.13 15.33
N ARG B 133 -1.06 -9.19 14.45
CA ARG B 133 0.14 -10.03 14.59
C ARG B 133 1.20 -9.27 15.40
N ASP B 134 1.16 -7.96 15.40
CA ASP B 134 2.22 -7.10 15.98
C ASP B 134 1.73 -5.66 16.10
N HIS B 135 2.46 -4.85 16.87
CA HIS B 135 2.14 -3.41 16.97
C HIS B 135 3.40 -2.57 16.89
N ILE B 136 3.17 -1.27 16.65
CA ILE B 136 4.20 -0.21 16.70
C ILE B 136 3.68 0.81 17.70
N ASN B 137 4.39 0.93 18.79
CA ASN B 137 4.02 1.80 19.93
C ASN B 137 4.73 3.18 19.77
N LEU B 138 4.13 4.08 19.02
CA LEU B 138 4.75 5.43 18.81
C LEU B 138 4.77 6.22 20.11
N PRO B 139 3.71 6.25 20.95
CA PRO B 139 3.82 6.95 22.23
C PRO B 139 4.91 6.34 23.13
N GLY B 140 5.02 4.99 23.14
CA GLY B 140 6.03 4.26 23.92
C GLY B 140 7.46 4.74 23.65
N PHE B 141 7.84 4.92 22.38
CA PHE B 141 9.20 5.36 22.01
C PHE B 141 9.60 6.62 22.80
N SER B 142 8.67 7.55 22.95
CA SER B 142 8.88 8.93 23.47
C SER B 142 8.64 9.00 25.01
N GLY B 143 8.31 7.87 25.69
CA GLY B 143 8.12 7.88 27.16
C GLY B 143 6.71 7.51 27.62
N GLN B 144 5.71 7.53 26.74
CA GLN B 144 4.31 7.20 27.10
C GLN B 144 4.13 5.69 27.03
N ASN B 145 4.73 5.01 28.01
CA ASN B 145 4.67 3.54 28.21
C ASN B 145 3.98 3.34 29.55
N PRO B 146 2.94 2.50 29.65
CA PRO B 146 2.22 2.34 30.93
C PRO B 146 3.09 1.71 32.04
N LEU B 147 4.25 1.14 31.71
CA LEU B 147 5.18 0.53 32.69
C LEU B 147 6.15 1.57 33.28
N ARG B 148 6.15 2.79 32.76
CA ARG B 148 7.07 3.87 33.23
C ARG B 148 6.83 4.09 34.73
N GLY B 149 7.88 4.14 35.53
CA GLY B 149 7.75 4.27 36.99
C GLY B 149 8.28 3.03 37.66
N PRO B 150 8.27 2.98 39.01
CA PRO B 150 8.82 1.82 39.72
C PRO B 150 8.08 0.55 39.29
N ASN B 151 8.80 -0.56 39.17
CA ASN B 151 8.22 -1.87 38.78
C ASN B 151 7.81 -2.62 40.04
N ASP B 152 6.65 -3.28 40.03
CA ASP B 152 6.26 -4.26 41.10
C ASP B 152 6.40 -5.68 40.57
N GLU B 153 7.34 -6.46 41.13
CA GLU B 153 7.67 -7.84 40.67
C GLU B 153 6.46 -8.76 40.89
N ARG B 154 5.54 -8.39 41.78
CA ARG B 154 4.29 -9.18 41.94
C ARG B 154 3.46 -9.13 40.67
N PHE B 155 3.56 -8.09 39.83
CA PHE B 155 2.94 -8.08 38.46
C PHE B 155 3.86 -8.72 37.42
N GLY B 156 5.13 -8.31 37.38
CA GLY B 156 6.04 -8.87 36.38
C GLY B 156 7.41 -8.22 36.38
N ASP B 157 8.17 -8.49 35.32
CA ASP B 157 9.60 -8.14 35.19
C ASP B 157 9.75 -6.65 34.91
N ARG B 158 10.88 -6.08 35.29
CA ARG B 158 11.17 -4.63 35.01
C ARG B 158 11.18 -4.39 33.50
N PHE B 159 11.76 -5.31 32.71
CA PHE B 159 12.02 -5.12 31.25
C PHE B 159 11.42 -6.30 30.49
N PRO B 160 10.07 -6.36 30.35
CA PRO B 160 9.44 -7.48 29.64
C PRO B 160 9.59 -7.37 28.12
N ALA B 161 9.74 -8.51 27.46
CA ALA B 161 9.75 -8.63 25.98
C ALA B 161 8.34 -8.43 25.45
N MET B 162 8.22 -7.78 24.27
CA MET B 162 6.93 -7.59 23.56
C MET B 162 6.96 -8.28 22.17
N SER B 163 8.07 -8.90 21.76
CA SER B 163 8.20 -9.52 20.42
C SER B 163 7.23 -10.69 20.25
N ASP B 164 6.75 -11.30 21.34
CA ASP B 164 5.80 -12.45 21.26
C ASP B 164 4.44 -12.04 21.84
N ALA B 165 4.06 -10.76 21.73
CA ALA B 165 2.91 -10.23 22.49
C ALA B 165 1.61 -10.94 22.04
N TYR B 166 1.45 -11.20 20.73
CA TYR B 166 0.17 -11.63 20.13
C TYR B 166 0.26 -13.14 19.88
N ASP B 167 -0.35 -13.88 20.79
CA ASP B 167 -0.30 -15.36 20.88
C ASP B 167 -0.44 -16.00 19.48
N ARG B 168 0.57 -16.74 19.06
CA ARG B 168 0.62 -17.38 17.72
C ARG B 168 -0.53 -18.38 17.56
N THR B 169 -0.74 -19.24 18.55
CA THR B 169 -1.79 -20.30 18.57
C THR B 169 -3.17 -19.69 18.35
N MET B 170 -3.52 -18.64 19.09
CA MET B 170 -4.86 -17.99 18.98
CA MET B 170 -4.86 -17.99 18.98
C MET B 170 -5.04 -17.39 17.57
N ARG B 171 -3.98 -16.85 16.96
CA ARG B 171 -4.10 -16.31 15.58
C ARG B 171 -4.38 -17.47 14.61
N GLN B 172 -3.75 -18.63 14.82
CA GLN B 172 -3.96 -19.85 13.98
C GLN B 172 -5.41 -20.34 14.15
N ARG B 173 -5.91 -20.39 15.39
CA ARG B 173 -7.28 -20.86 15.70
C ARG B 173 -8.32 -19.83 15.22
N ALA B 174 -7.99 -18.54 15.23
CA ALA B 174 -8.85 -17.47 14.67
C ALA B 174 -9.00 -17.67 13.16
N LEU B 175 -7.92 -17.94 12.45
CA LEU B 175 -7.94 -18.21 10.98
C LEU B 175 -8.80 -19.45 10.72
N SER B 176 -8.61 -20.56 11.44
CA SER B 176 -9.40 -21.82 11.25
C SER B 176 -10.88 -21.58 11.61
N THR B 177 -11.20 -20.88 12.69
CA THR B 177 -12.59 -20.51 13.09
C THR B 177 -13.27 -19.71 11.98
N TRP B 178 -12.55 -18.77 11.39
CA TRP B 178 -13.06 -17.88 10.32
C TRP B 178 -13.49 -18.75 9.12
N LYS B 179 -12.62 -19.68 8.75
CA LYS B 179 -12.78 -20.58 7.59
C LYS B 179 -14.06 -21.40 7.78
N GLN B 180 -14.35 -21.81 9.02
CA GLN B 180 -15.50 -22.69 9.35
C GLN B 180 -16.80 -21.86 9.38
N MET B 181 -16.71 -20.52 9.47
CA MET B 181 -17.90 -19.64 9.40
C MET B 181 -18.34 -19.42 7.94
N GLY B 182 -17.51 -19.84 6.98
CA GLY B 182 -17.75 -19.60 5.54
C GLY B 182 -18.09 -18.14 5.25
N GLU B 183 -17.18 -17.23 5.59
CA GLU B 183 -17.36 -15.76 5.42
C GLU B 183 -16.94 -15.35 4.01
N GLN B 184 -17.59 -14.33 3.43
CA GLN B 184 -17.38 -13.88 2.03
C GLN B 184 -15.91 -13.51 1.82
N ARG B 185 -15.30 -12.83 2.80
CA ARG B 185 -13.97 -12.22 2.64
C ARG B 185 -12.98 -12.89 3.60
N GLU B 186 -11.68 -12.88 3.29
CA GLU B 186 -10.64 -13.50 4.15
C GLU B 186 -10.33 -12.60 5.35
N LEU B 187 -9.82 -13.22 6.41
CA LEU B 187 -9.36 -12.56 7.65
C LEU B 187 -8.04 -11.91 7.28
N GLN B 188 -7.88 -10.61 7.51
CA GLN B 188 -6.56 -9.98 7.25
C GLN B 188 -5.69 -10.20 8.47
N GLU B 189 -4.41 -9.95 8.33
CA GLU B 189 -3.45 -10.04 9.45
C GLU B 189 -2.37 -8.98 9.23
N GLY B 190 -1.98 -8.25 10.28
CA GLY B 190 -0.85 -7.34 10.14
C GLY B 190 -0.54 -6.54 11.40
N THR B 191 0.11 -5.40 11.19
CA THR B 191 0.71 -4.58 12.27
C THR B 191 -0.22 -3.41 12.55
N TYR B 192 -0.59 -3.24 13.81
CA TYR B 192 -1.35 -2.06 14.28
C TYR B 192 -0.38 -1.02 14.84
N VAL B 193 -0.49 0.22 14.35
CA VAL B 193 0.29 1.34 14.95
C VAL B 193 -0.68 2.14 15.83
N MET B 194 -0.31 2.39 17.08
CA MET B 194 -1.07 3.30 17.95
C MET B 194 -0.53 4.73 17.76
N VAL B 195 -1.42 5.65 17.50
CA VAL B 195 -1.14 7.13 17.60
C VAL B 195 -2.11 7.66 18.67
N ALA B 196 -1.77 8.76 19.32
CA ALA B 196 -2.58 9.26 20.46
C ALA B 196 -3.94 9.86 19.97
N GLY B 197 -3.97 10.44 18.76
CA GLY B 197 -5.09 11.26 18.27
C GLY B 197 -5.34 12.47 19.18
N PRO B 198 -6.57 13.05 19.24
CA PRO B 198 -7.77 12.48 18.61
C PRO B 198 -8.08 12.91 17.18
N SER B 199 -7.32 13.85 16.64
CA SER B 199 -7.45 14.28 15.23
C SER B 199 -6.93 13.17 14.30
N PHE B 200 -7.55 13.01 13.14
CA PHE B 200 -7.14 12.05 12.08
C PHE B 200 -5.88 12.56 11.38
N GLU B 201 -5.21 11.66 10.69
CA GLU B 201 -3.84 11.86 10.14
C GLU B 201 -3.92 12.71 8.86
N THR B 202 -2.87 13.47 8.62
CA THR B 202 -2.66 14.17 7.33
C THR B 202 -2.24 13.11 6.30
N VAL B 203 -2.26 13.47 5.03
CA VAL B 203 -1.69 12.61 3.94
C VAL B 203 -0.23 12.28 4.24
N ALA B 204 0.60 13.30 4.53
CA ALA B 204 2.05 13.10 4.84
C ALA B 204 2.21 12.12 6.02
N GLU B 205 1.38 12.29 7.06
CA GLU B 205 1.44 11.37 8.22
C GLU B 205 0.99 9.97 7.79
N CYS B 206 0.05 9.77 7.01
N CYS B 206 0.04 9.76 7.01
CA CYS B 206 -0.40 8.44 6.51
CA CYS B 206 -0.41 8.43 6.50
C CYS B 206 0.77 7.78 5.75
C CYS B 206 0.77 7.78 5.75
N ARG B 207 1.48 8.55 4.93
CA ARG B 207 2.64 8.05 4.14
C ARG B 207 3.76 7.61 5.10
N VAL B 208 3.93 8.32 6.22
CA VAL B 208 4.93 7.96 7.25
C VAL B 208 4.56 6.58 7.82
N LEU B 209 3.33 6.43 8.30
CA LEU B 209 2.85 5.18 8.97
C LEU B 209 2.97 4.01 7.98
N GLN B 210 2.59 4.21 6.72
CA GLN B 210 2.79 3.18 5.67
C GLN B 210 4.28 2.80 5.54
N LYS B 211 5.17 3.78 5.44
CA LYS B 211 6.63 3.51 5.26
C LYS B 211 7.21 2.85 6.53
N LEU B 212 6.61 3.06 7.71
CA LEU B 212 7.04 2.40 8.97
C LEU B 212 6.60 0.93 8.96
N GLY B 213 5.74 0.53 8.00
CA GLY B 213 5.31 -0.88 7.88
C GLY B 213 4.02 -1.16 8.63
N ALA B 214 3.25 -0.14 9.01
CA ALA B 214 1.96 -0.31 9.71
C ALA B 214 0.92 -0.67 8.67
N ASP B 215 0.01 -1.62 8.99
CA ASP B 215 -1.10 -2.01 8.10
C ASP B 215 -2.35 -1.23 8.48
N ALA B 216 -2.46 -0.81 9.74
CA ALA B 216 -3.69 -0.22 10.26
C ALA B 216 -3.32 0.71 11.42
N VAL B 217 -4.02 1.84 11.53
CA VAL B 217 -3.73 2.86 12.58
C VAL B 217 -4.96 3.00 13.47
N GLY B 218 -4.71 3.19 14.77
CA GLY B 218 -5.81 3.48 15.71
C GLY B 218 -5.27 4.14 16.96
N MET B 219 -6.13 4.27 17.97
CA MET B 219 -5.85 5.18 19.11
C MET B 219 -6.01 4.47 20.42
N SER B 220 -5.81 3.15 20.48
CA SER B 220 -5.95 2.40 21.75
C SER B 220 -5.06 1.15 21.74
N THR B 221 -5.37 0.22 22.66
CA THR B 221 -5.05 -1.22 22.55
C THR B 221 -3.60 -1.47 22.96
N VAL B 222 -2.65 -0.77 22.37
CA VAL B 222 -1.20 -1.05 22.62
C VAL B 222 -0.89 -0.96 24.12
N PRO B 223 -1.36 0.07 24.85
CA PRO B 223 -1.11 0.13 26.30
C PRO B 223 -1.60 -1.09 27.08
N GLU B 224 -2.85 -1.49 26.81
CA GLU B 224 -3.51 -2.63 27.48
C GLU B 224 -2.70 -3.90 27.23
N VAL B 225 -2.29 -4.11 25.97
CA VAL B 225 -1.47 -5.28 25.58
C VAL B 225 -0.16 -5.31 26.35
N ILE B 226 0.52 -4.17 26.49
CA ILE B 226 1.82 -4.11 27.17
C ILE B 226 1.64 -4.50 28.63
N VAL B 227 0.62 -3.94 29.28
CA VAL B 227 0.33 -4.26 30.70
C VAL B 227 -0.07 -5.74 30.81
N ALA B 228 -0.87 -6.26 29.88
CA ALA B 228 -1.32 -7.68 29.89
C ALA B 228 -0.11 -8.61 29.82
N ARG B 229 0.80 -8.34 28.87
CA ARG B 229 2.03 -9.15 28.67
C ARG B 229 2.93 -9.02 29.90
N HIS B 230 3.07 -7.84 30.48
CA HIS B 230 3.84 -7.63 31.72
C HIS B 230 3.35 -8.60 32.82
N CYS B 231 2.01 -8.78 32.94
CA CYS B 231 1.44 -9.63 34.02
CA CYS B 231 1.34 -9.62 33.97
C CYS B 231 1.27 -11.09 33.57
N GLY B 232 1.68 -11.43 32.35
CA GLY B 232 1.74 -12.82 31.85
C GLY B 232 0.47 -13.31 31.21
N LEU B 233 -0.45 -12.42 30.80
CA LEU B 233 -1.72 -12.82 30.14
C LEU B 233 -1.39 -13.22 28.70
N ARG B 234 -2.09 -14.20 28.17
CA ARG B 234 -2.16 -14.50 26.73
C ARG B 234 -3.00 -13.40 26.06
N VAL B 235 -2.58 -12.88 24.92
CA VAL B 235 -3.25 -11.75 24.22
C VAL B 235 -3.66 -12.15 22.81
N PHE B 236 -4.89 -11.84 22.44
CA PHE B 236 -5.43 -11.99 21.06
C PHE B 236 -6.13 -10.66 20.77
N GLY B 237 -5.96 -10.15 19.58
CA GLY B 237 -6.57 -8.86 19.23
C GLY B 237 -6.92 -8.76 17.78
N PHE B 238 -7.89 -7.90 17.46
CA PHE B 238 -8.17 -7.58 16.05
C PHE B 238 -8.72 -6.17 15.92
N SER B 239 -8.57 -5.66 14.72
CA SER B 239 -9.05 -4.33 14.28
C SER B 239 -10.18 -4.54 13.29
N LEU B 240 -11.28 -3.83 13.44
CA LEU B 240 -12.21 -3.56 12.31
C LEU B 240 -11.71 -2.36 11.50
N ILE B 241 -11.42 -2.55 10.22
CA ILE B 241 -11.03 -1.51 9.25
C ILE B 241 -12.27 -0.71 8.91
N THR B 242 -12.40 0.49 9.49
CA THR B 242 -13.63 1.33 9.39
C THR B 242 -13.53 2.28 8.20
N ASN B 243 -12.32 2.51 7.68
CA ASN B 243 -12.07 3.51 6.61
C ASN B 243 -10.67 3.29 6.05
N LYS B 244 -10.48 3.65 4.78
CA LYS B 244 -9.16 3.68 4.13
C LYS B 244 -8.59 5.07 4.31
N VAL B 245 -7.43 5.17 4.96
CA VAL B 245 -6.86 6.51 5.31
C VAL B 245 -6.55 7.24 4.00
N ILE B 246 -6.74 8.55 3.95
CA ILE B 246 -6.50 9.36 2.70
C ILE B 246 -4.99 9.47 2.46
N MET B 247 -4.50 9.03 1.30
CA MET B 247 -3.04 8.90 1.05
C MET B 247 -2.60 9.71 -0.19
N ASP B 248 -3.48 10.56 -0.73
CA ASP B 248 -3.14 11.46 -1.85
C ASP B 248 -3.94 12.77 -1.72
N TYR B 249 -3.41 13.85 -2.31
CA TYR B 249 -3.94 15.22 -2.16
C TYR B 249 -5.18 15.46 -3.05
N GLU B 250 -5.38 14.63 -4.07
CA GLU B 250 -6.51 14.76 -5.03
C GLU B 250 -7.84 14.57 -4.29
N SER B 251 -7.96 13.49 -3.52
CA SER B 251 -9.21 13.08 -2.81
C SER B 251 -9.88 14.28 -2.12
N LEU B 252 -11.21 14.37 -2.18
CA LEU B 252 -12.02 15.30 -1.34
C LEU B 252 -12.74 14.53 -0.22
N GLU B 253 -12.53 13.21 -0.14
CA GLU B 253 -12.93 12.38 1.03
C GLU B 253 -12.09 12.77 2.25
N LYS B 254 -12.71 12.81 3.41
CA LYS B 254 -12.06 13.02 4.73
C LYS B 254 -12.51 11.95 5.72
N ALA B 255 -11.60 11.51 6.59
CA ALA B 255 -11.90 10.61 7.72
C ALA B 255 -12.84 11.37 8.68
N ASN B 256 -13.84 10.68 9.21
CA ASN B 256 -14.84 11.28 10.12
C ASN B 256 -15.32 10.19 11.08
N HIS B 257 -15.69 10.58 12.29
CA HIS B 257 -16.14 9.65 13.35
C HIS B 257 -17.44 8.96 12.91
N GLU B 258 -18.30 9.68 12.17
CA GLU B 258 -19.62 9.14 11.73
C GLU B 258 -19.39 7.87 10.90
N GLU B 259 -18.42 7.88 9.96
CA GLU B 259 -18.12 6.70 9.10
C GLU B 259 -17.55 5.57 9.96
N VAL B 260 -16.76 5.89 10.99
CA VAL B 260 -16.21 4.88 11.95
C VAL B 260 -17.37 4.20 12.66
N LEU B 261 -18.30 4.97 13.22
CA LEU B 261 -19.50 4.42 13.91
C LEU B 261 -20.32 3.57 12.93
N ALA B 262 -20.53 4.05 11.71
CA ALA B 262 -21.39 3.38 10.71
C ALA B 262 -20.79 2.01 10.32
N ALA B 263 -19.47 1.95 10.12
CA ALA B 263 -18.74 0.69 9.77
C ALA B 263 -18.84 -0.30 10.94
N GLY B 264 -18.74 0.22 12.17
CA GLY B 264 -18.90 -0.55 13.41
C GLY B 264 -20.27 -1.21 13.47
N LYS B 265 -21.31 -0.41 13.25
CA LYS B 265 -22.72 -0.88 13.25
C LYS B 265 -22.89 -1.98 12.19
N GLN B 266 -22.34 -1.77 10.99
CA GLN B 266 -22.48 -2.70 9.85
C GLN B 266 -21.80 -4.05 10.15
N ALA B 267 -20.68 -4.04 10.86
CA ALA B 267 -19.86 -5.25 11.16
C ALA B 267 -20.32 -5.95 12.45
N ALA B 268 -21.15 -5.31 13.26
CA ALA B 268 -21.43 -5.72 14.66
C ALA B 268 -21.86 -7.19 14.75
N GLN B 269 -22.83 -7.63 13.93
CA GLN B 269 -23.38 -9.01 14.00
C GLN B 269 -22.26 -10.02 13.69
N LYS B 270 -21.50 -9.77 12.63
CA LYS B 270 -20.33 -10.57 12.17
C LYS B 270 -19.29 -10.65 13.31
N LEU B 271 -18.92 -9.53 13.91
CA LEU B 271 -17.84 -9.49 14.93
C LEU B 271 -18.29 -10.25 16.18
N GLU B 272 -19.51 -10.02 16.63
CA GLU B 272 -20.10 -10.67 17.85
C GLU B 272 -20.09 -12.19 17.65
N GLN B 273 -20.54 -12.66 16.49
CA GLN B 273 -20.61 -14.12 16.19
C GLN B 273 -19.19 -14.71 16.22
N PHE B 274 -18.25 -14.03 15.58
CA PHE B 274 -16.82 -14.44 15.47
C PHE B 274 -16.19 -14.58 16.86
N VAL B 275 -16.33 -13.56 17.70
CA VAL B 275 -15.74 -13.59 19.07
C VAL B 275 -16.39 -14.72 19.88
N SER B 276 -17.73 -14.84 19.83
CA SER B 276 -18.50 -15.88 20.55
C SER B 276 -17.94 -17.26 20.19
N ILE B 277 -17.83 -17.58 18.89
CA ILE B 277 -17.38 -18.90 18.42
C ILE B 277 -15.91 -19.10 18.88
N LEU B 278 -15.10 -18.04 18.78
CA LEU B 278 -13.65 -18.10 19.12
C LEU B 278 -13.43 -18.47 20.60
N MET B 279 -14.35 -18.15 21.50
CA MET B 279 -14.22 -18.55 22.94
C MET B 279 -13.92 -20.04 23.05
N ALA B 280 -14.52 -20.87 22.20
CA ALA B 280 -14.40 -22.36 22.22
C ALA B 280 -12.95 -22.76 21.94
N SER B 281 -12.19 -21.93 21.22
CA SER B 281 -10.79 -22.19 20.80
C SER B 281 -9.76 -21.72 21.85
N ILE B 282 -10.17 -21.01 22.89
CA ILE B 282 -9.20 -20.51 23.91
C ILE B 282 -8.74 -21.69 24.76
N PRO B 283 -7.43 -21.81 25.07
CA PRO B 283 -6.96 -22.90 25.93
C PRO B 283 -7.65 -22.85 27.31
N LEU B 284 -7.79 -24.02 27.94
CA LEU B 284 -8.41 -24.13 29.27
C LEU B 284 -7.40 -23.64 30.32
N GLY C 4 -6.32 23.70 31.57
CA GLY C 4 -6.45 24.66 32.72
C GLY C 4 -7.42 25.79 32.44
N TYR C 5 -7.92 25.91 31.20
CA TYR C 5 -8.94 26.92 30.81
C TYR C 5 -10.32 26.30 30.71
N THR C 6 -11.33 26.99 31.26
CA THR C 6 -12.76 26.70 31.03
C THR C 6 -13.22 27.43 29.77
N TYR C 7 -14.31 26.99 29.15
CA TYR C 7 -14.95 27.70 28.03
C TYR C 7 -15.15 29.18 28.42
N GLU C 8 -15.59 29.44 29.64
CA GLU C 8 -15.92 30.79 30.16
C GLU C 8 -14.67 31.68 30.18
N ASP C 9 -13.49 31.11 30.45
CA ASP C 9 -12.18 31.81 30.37
C ASP C 9 -11.96 32.31 28.93
N TYR C 10 -12.11 31.45 27.93
CA TYR C 10 -11.95 31.88 26.51
C TYR C 10 -12.93 33.02 26.23
N LYS C 11 -14.18 32.83 26.63
CA LYS C 11 -15.28 33.80 26.37
C LYS C 11 -14.95 35.13 27.07
N ASN C 12 -14.47 35.08 28.30
CA ASN C 12 -14.11 36.29 29.10
C ASN C 12 -13.01 37.08 28.37
N THR C 13 -11.98 36.41 27.88
CA THR C 13 -10.87 37.03 27.12
C THR C 13 -11.46 37.70 25.86
N ALA C 14 -12.25 36.96 25.08
CA ALA C 14 -12.86 37.48 23.83
C ALA C 14 -13.71 38.73 24.16
N GLU C 15 -14.56 38.67 25.18
CA GLU C 15 -15.46 39.79 25.58
C GLU C 15 -14.61 41.01 25.98
N TRP C 16 -13.51 40.80 26.73
CA TRP C 16 -12.60 41.90 27.13
C TRP C 16 -12.06 42.58 25.87
N LEU C 17 -11.50 41.81 24.93
CA LEU C 17 -10.92 42.40 23.69
C LEU C 17 -12.01 43.15 22.91
N LEU C 18 -13.19 42.53 22.73
CA LEU C 18 -14.29 43.13 21.94
C LEU C 18 -14.76 44.44 22.56
N SER C 19 -14.68 44.59 23.88
CA SER C 19 -15.09 45.82 24.62
C SER C 19 -13.97 46.87 24.58
N HIS C 20 -12.73 46.47 24.31
CA HIS C 20 -11.54 47.37 24.43
C HIS C 20 -11.05 47.83 23.05
N THR C 21 -11.53 47.22 21.97
CA THR C 21 -11.25 47.68 20.59
C THR C 21 -12.57 47.68 19.82
N LYS C 22 -12.73 48.61 18.88
CA LYS C 22 -13.85 48.60 17.90
C LYS C 22 -13.47 47.71 16.72
N HIS C 23 -12.21 47.31 16.60
CA HIS C 23 -11.72 46.46 15.48
C HIS C 23 -12.39 45.08 15.58
N ARG C 24 -12.83 44.54 14.45
CA ARG C 24 -13.43 43.20 14.32
C ARG C 24 -12.64 42.44 13.27
N PRO C 25 -11.55 41.73 13.66
CA PRO C 25 -10.69 41.06 12.69
C PRO C 25 -11.39 39.90 11.96
N GLN C 26 -11.12 39.77 10.67
CA GLN C 26 -11.45 38.56 9.88
C GLN C 26 -10.26 37.61 9.88
N VAL C 27 -9.03 38.15 9.94
CA VAL C 27 -7.79 37.37 9.70
C VAL C 27 -6.90 37.48 10.94
N ALA C 28 -6.45 36.34 11.47
CA ALA C 28 -5.40 36.31 12.51
C ALA C 28 -4.10 35.95 11.84
N ILE C 29 -3.03 36.66 12.17
CA ILE C 29 -1.67 36.44 11.61
C ILE C 29 -0.73 36.15 12.78
N ILE C 30 -0.20 34.92 12.82
CA ILE C 30 0.80 34.53 13.84
C ILE C 30 2.16 34.72 13.18
N CYS C 31 2.83 35.80 13.57
CA CYS C 31 4.09 36.28 12.95
C CYS C 31 5.22 35.38 13.42
N GLY C 32 5.85 34.70 12.46
CA GLY C 32 7.10 33.95 12.66
C GLY C 32 8.32 34.83 12.42
N SER C 33 9.48 34.20 12.29
CA SER C 33 10.80 34.80 12.00
C SER C 33 10.70 35.63 10.72
N GLY C 34 11.15 36.90 10.78
CA GLY C 34 11.15 37.83 9.63
C GLY C 34 9.96 38.79 9.63
N LEU C 35 8.92 38.54 10.43
CA LEU C 35 7.64 39.33 10.37
C LEU C 35 7.51 40.25 11.58
N GLY C 36 8.61 40.51 12.30
CA GLY C 36 8.64 41.46 13.43
C GLY C 36 7.94 42.77 13.10
N GLY C 37 8.18 43.33 11.93
CA GLY C 37 7.76 44.68 11.54
C GLY C 37 6.51 44.71 10.67
N LEU C 38 5.80 43.59 10.51
CA LEU C 38 4.53 43.57 9.76
C LEU C 38 3.52 44.53 10.41
N THR C 39 3.51 44.63 11.74
CA THR C 39 2.56 45.50 12.47
C THR C 39 2.79 46.96 12.03
N ASP C 40 4.01 47.29 11.60
CA ASP C 40 4.40 48.65 11.20
C ASP C 40 3.65 49.07 9.92
N LYS C 41 3.06 48.13 9.19
CA LYS C 41 2.27 48.42 7.97
C LYS C 41 0.76 48.58 8.27
N LEU C 42 0.32 48.37 9.50
CA LEU C 42 -1.14 48.46 9.83
C LEU C 42 -1.62 49.90 9.74
N THR C 43 -2.86 50.12 9.29
CA THR C 43 -3.60 51.38 9.53
C THR C 43 -4.50 51.16 10.75
N GLN C 44 -4.83 52.26 11.44
CA GLN C 44 -5.66 52.28 12.67
C GLN C 44 -5.15 51.25 13.67
N ALA C 45 -3.83 51.20 13.89
CA ALA C 45 -3.18 50.15 14.73
C ALA C 45 -3.62 50.34 16.18
N GLN C 46 -3.94 49.23 16.87
CA GLN C 46 -4.26 49.28 18.32
C GLN C 46 -3.56 48.11 18.98
N ILE C 47 -2.70 48.40 19.96
CA ILE C 47 -1.74 47.45 20.60
C ILE C 47 -2.27 47.04 21.97
N PHE C 48 -2.31 45.74 22.26
CA PHE C 48 -2.52 45.23 23.64
C PHE C 48 -1.34 44.32 24.00
N ASP C 49 -0.61 44.67 25.06
CA ASP C 49 0.47 43.82 25.60
C ASP C 49 -0.22 42.56 26.15
N TYR C 50 0.36 41.38 25.92
CA TYR C 50 -0.22 40.09 26.44
C TYR C 50 -0.58 40.27 27.92
N GLY C 51 0.28 40.95 28.68
CA GLY C 51 0.11 41.17 30.13
C GLY C 51 -1.20 41.83 30.50
N GLU C 52 -1.77 42.70 29.62
CA GLU C 52 -3.02 43.43 29.97
C GLU C 52 -4.26 42.57 29.67
N ILE C 53 -4.10 41.51 28.86
CA ILE C 53 -5.25 40.70 28.35
C ILE C 53 -5.55 39.61 29.37
N PRO C 54 -6.81 39.52 29.84
CA PRO C 54 -7.21 38.45 30.76
C PRO C 54 -6.85 37.07 30.19
N ASN C 55 -6.22 36.22 31.01
CA ASN C 55 -6.02 34.76 30.78
C ASN C 55 -4.94 34.48 29.75
N PHE C 56 -4.32 35.48 29.16
CA PHE C 56 -3.19 35.28 28.21
C PHE C 56 -2.01 34.68 28.95
N PRO C 57 -1.35 33.65 28.39
CA PRO C 57 -0.12 33.10 28.99
C PRO C 57 0.94 34.20 29.20
N GLY C 66 5.60 40.30 24.29
CA GLY C 66 4.59 39.88 23.29
C GLY C 66 3.41 40.82 23.22
N ARG C 67 2.85 41.04 22.04
CA ARG C 67 1.68 41.94 21.87
C ARG C 67 0.71 41.43 20.80
N LEU C 68 -0.57 41.75 21.02
CA LEU C 68 -1.67 41.58 20.06
C LEU C 68 -1.95 42.95 19.45
N VAL C 69 -1.86 43.06 18.12
CA VAL C 69 -2.09 44.35 17.41
C VAL C 69 -3.25 44.17 16.43
N PHE C 70 -4.29 44.99 16.59
CA PHE C 70 -5.48 45.02 15.72
C PHE C 70 -5.30 46.16 14.72
N GLY C 71 -5.79 45.96 13.49
CA GLY C 71 -5.85 47.04 12.50
C GLY C 71 -6.20 46.52 11.13
N PHE C 72 -5.89 47.33 10.12
CA PHE C 72 -6.10 47.00 8.70
C PHE C 72 -4.73 46.80 8.06
N LEU C 73 -4.56 45.66 7.41
CA LEU C 73 -3.39 45.39 6.56
C LEU C 73 -3.89 45.39 5.13
N ASN C 74 -3.51 46.41 4.35
CA ASN C 74 -3.94 46.50 2.94
C ASN C 74 -5.49 46.52 2.94
N GLY C 75 -6.08 47.15 3.95
CA GLY C 75 -7.53 47.36 4.07
C GLY C 75 -8.30 46.14 4.60
N ARG C 76 -7.62 45.07 5.00
CA ARG C 76 -8.26 43.82 5.54
C ARG C 76 -8.16 43.87 7.05
N ALA C 77 -9.29 43.66 7.74
CA ALA C 77 -9.37 43.71 9.21
C ALA C 77 -8.59 42.49 9.77
N CYS C 78 -7.55 42.75 10.58
CA CYS C 78 -6.60 41.71 11.04
CA CYS C 78 -6.63 41.68 11.05
C CYS C 78 -6.27 41.89 12.52
N VAL C 79 -5.82 40.81 13.15
CA VAL C 79 -5.20 40.85 14.50
C VAL C 79 -3.90 40.05 14.34
N MET C 80 -2.80 40.65 14.77
CA MET C 80 -1.45 40.11 14.64
C MET C 80 -0.94 39.72 16.02
N MET C 81 -0.46 38.47 16.12
CA MET C 81 0.34 37.98 17.26
C MET C 81 1.80 38.28 16.96
N GLN C 82 2.38 39.18 17.74
CA GLN C 82 3.82 39.55 17.67
C GLN C 82 4.48 38.93 18.90
N GLY C 83 5.20 37.83 18.69
CA GLY C 83 5.61 36.92 19.76
C GLY C 83 4.64 35.76 19.82
N ARG C 84 5.13 34.53 19.64
CA ARG C 84 4.29 33.32 19.79
C ARG C 84 4.93 32.43 20.85
N PHE C 85 4.11 31.58 21.47
CA PHE C 85 4.53 30.62 22.53
C PHE C 85 4.99 29.33 21.86
N HIS C 86 6.04 28.75 22.40
CA HIS C 86 6.68 27.53 21.85
C HIS C 86 6.68 26.45 22.93
N MET C 87 6.49 25.22 22.48
CA MET C 87 6.65 24.01 23.31
C MET C 87 8.01 24.00 24.03
N TYR C 88 9.09 24.39 23.36
CA TYR C 88 10.47 24.33 23.95
C TYR C 88 10.60 25.29 25.13
N GLU C 89 9.74 26.32 25.22
CA GLU C 89 9.78 27.31 26.34
C GLU C 89 9.21 26.67 27.63
N GLY C 90 8.54 25.52 27.52
CA GLY C 90 7.94 24.76 28.64
C GLY C 90 6.42 24.92 28.72
N TYR C 91 5.82 25.74 27.84
CA TYR C 91 4.34 25.91 27.79
C TYR C 91 3.66 24.60 27.39
N PRO C 92 2.62 24.18 28.13
CA PRO C 92 1.68 23.18 27.68
C PRO C 92 0.97 23.64 26.40
N LEU C 93 0.54 22.68 25.56
CA LEU C 93 -0.05 23.07 24.25
C LEU C 93 -1.38 23.79 24.45
N TRP C 94 -2.06 23.62 25.59
CA TRP C 94 -3.33 24.35 25.88
C TRP C 94 -3.05 25.84 26.17
N LYS C 95 -1.82 26.19 26.54
CA LYS C 95 -1.36 27.60 26.63
C LYS C 95 -0.87 28.06 25.24
N VAL C 96 -0.05 27.26 24.59
CA VAL C 96 0.48 27.61 23.23
C VAL C 96 -0.69 28.05 22.33
N THR C 97 -1.78 27.31 22.34
CA THR C 97 -2.89 27.43 21.32
C THR C 97 -4.07 28.23 21.86
N PHE C 98 -4.01 28.69 23.12
CA PHE C 98 -5.10 29.49 23.73
C PHE C 98 -5.50 30.65 22.81
N PRO C 99 -4.57 31.43 22.22
CA PRO C 99 -4.97 32.58 21.39
C PRO C 99 -5.87 32.19 20.20
N VAL C 100 -5.67 30.99 19.64
CA VAL C 100 -6.45 30.54 18.45
C VAL C 100 -7.93 30.42 18.81
N ARG C 101 -8.25 29.82 19.94
CA ARG C 101 -9.64 29.72 20.47
C ARG C 101 -10.22 31.13 20.60
N VAL C 102 -9.44 32.03 21.18
CA VAL C 102 -9.85 33.46 21.36
C VAL C 102 -10.15 34.07 19.99
N PHE C 103 -9.27 33.87 19.01
CA PHE C 103 -9.44 34.41 17.63
C PHE C 103 -10.79 33.97 17.06
N HIS C 104 -11.11 32.68 17.16
CA HIS C 104 -12.42 32.12 16.75
C HIS C 104 -13.57 32.93 17.40
N LEU C 105 -13.51 33.14 18.71
CA LEU C 105 -14.59 33.82 19.46
C LEU C 105 -14.64 35.30 19.09
N LEU C 106 -13.56 35.89 18.55
CA LEU C 106 -13.55 37.29 18.07
C LEU C 106 -14.30 37.42 16.73
N GLY C 107 -14.44 36.30 15.99
CA GLY C 107 -15.08 36.26 14.67
C GLY C 107 -14.09 36.03 13.54
N VAL C 108 -12.80 35.78 13.85
CA VAL C 108 -11.76 35.49 12.82
C VAL C 108 -12.20 34.24 12.08
N ASP C 109 -12.06 34.20 10.75
CA ASP C 109 -12.41 32.98 9.99
C ASP C 109 -11.18 32.44 9.26
N THR C 110 -10.06 33.15 9.28
CA THR C 110 -8.83 32.77 8.55
C THR C 110 -7.60 32.96 9.44
N LEU C 111 -6.74 31.96 9.48
CA LEU C 111 -5.44 31.99 10.19
C LEU C 111 -4.34 31.93 9.16
N VAL C 112 -3.46 32.96 9.20
CA VAL C 112 -2.16 32.97 8.50
C VAL C 112 -1.10 32.69 9.55
N VAL C 113 -0.33 31.62 9.37
CA VAL C 113 0.74 31.21 10.32
C VAL C 113 2.06 31.24 9.58
N THR C 114 3.09 31.88 10.14
CA THR C 114 4.42 31.90 9.52
C THR C 114 5.45 31.38 10.52
N ASN C 115 6.56 30.90 10.02
CA ASN C 115 7.66 30.41 10.88
C ASN C 115 8.98 30.45 10.12
N ALA C 116 10.05 30.11 10.85
CA ALA C 116 11.35 29.78 10.25
C ALA C 116 11.43 28.25 10.15
N ALA C 117 12.15 27.73 9.18
CA ALA C 117 12.37 26.27 9.12
C ALA C 117 13.75 25.98 8.54
N GLY C 118 14.30 24.84 8.96
CA GLY C 118 15.48 24.26 8.31
C GLY C 118 15.07 23.54 7.04
N GLY C 119 15.83 23.73 5.96
CA GLY C 119 15.63 23.01 4.68
C GLY C 119 16.04 21.53 4.76
N LEU C 120 15.12 20.60 4.50
CA LEU C 120 15.45 19.16 4.33
C LEU C 120 15.50 18.80 2.85
N ASN C 121 14.65 19.44 2.04
CA ASN C 121 14.59 19.27 0.56
C ASN C 121 15.85 19.91 0.01
N PRO C 122 16.76 19.13 -0.64
CA PRO C 122 17.99 19.69 -1.18
C PRO C 122 17.80 20.78 -2.25
N LYS C 123 16.60 20.91 -2.83
CA LYS C 123 16.33 21.99 -3.82
C LYS C 123 16.16 23.33 -3.13
N PHE C 124 15.91 23.37 -1.82
CA PHE C 124 15.64 24.62 -1.08
C PHE C 124 16.95 25.39 -0.86
N GLU C 125 16.89 26.72 -0.98
CA GLU C 125 18.04 27.61 -0.64
C GLU C 125 17.62 28.53 0.51
N VAL C 126 18.60 29.04 1.26
CA VAL C 126 18.37 30.01 2.36
C VAL C 126 17.65 31.22 1.75
N GLY C 127 16.59 31.71 2.39
CA GLY C 127 15.78 32.85 1.91
C GLY C 127 14.55 32.40 1.12
N ASP C 128 14.46 31.13 0.74
CA ASP C 128 13.29 30.53 0.07
C ASP C 128 12.07 30.62 1.01
N ILE C 129 10.90 30.87 0.42
CA ILE C 129 9.58 30.81 1.13
C ILE C 129 8.92 29.50 0.70
N MET C 130 8.58 28.65 1.66
CA MET C 130 7.90 27.37 1.39
C MET C 130 6.45 27.49 1.86
N LEU C 131 5.51 27.50 0.92
CA LEU C 131 4.08 27.32 1.24
C LEU C 131 3.95 25.94 1.89
N ILE C 132 3.30 25.89 3.02
CA ILE C 132 3.01 24.63 3.72
C ILE C 132 1.77 24.01 3.08
N ARG C 133 1.97 22.90 2.37
CA ARG C 133 0.89 22.09 1.75
C ARG C 133 0.37 21.09 2.79
N ASP C 134 1.22 20.72 3.75
CA ASP C 134 0.90 19.62 4.69
C ASP C 134 1.90 19.65 5.84
N HIS C 135 1.61 18.91 6.89
CA HIS C 135 2.53 18.79 8.04
C HIS C 135 2.63 17.35 8.51
N ILE C 136 3.69 17.11 9.30
CA ILE C 136 3.92 15.86 10.06
C ILE C 136 4.05 16.27 11.52
N ASN C 137 3.08 15.83 12.32
CA ASN C 137 2.98 16.21 13.75
C ASN C 137 3.67 15.12 14.60
N LEU C 138 5.00 15.19 14.77
CA LEU C 138 5.72 14.15 15.55
C LEU C 138 5.32 14.24 17.04
N PRO C 139 5.18 15.41 17.67
CA PRO C 139 4.71 15.43 19.07
C PRO C 139 3.29 14.83 19.20
N GLY C 140 2.41 15.12 18.22
CA GLY C 140 1.03 14.59 18.17
C GLY C 140 0.98 13.07 18.27
N PHE C 141 1.81 12.36 17.50
CA PHE C 141 1.81 10.89 17.47
C PHE C 141 1.89 10.33 18.90
N SER C 142 2.74 10.94 19.73
CA SER C 142 3.11 10.40 21.07
C SER C 142 2.25 11.01 22.19
N GLY C 143 1.26 11.84 21.88
CA GLY C 143 0.28 12.37 22.86
C GLY C 143 0.25 13.88 23.01
N GLN C 144 1.26 14.60 22.49
CA GLN C 144 1.34 16.07 22.59
C GLN C 144 0.50 16.67 21.45
N ASN C 145 -0.80 16.50 21.53
CA ASN C 145 -1.84 17.06 20.62
C ASN C 145 -2.63 18.06 21.46
N PRO C 146 -2.82 19.32 20.98
CA PRO C 146 -3.51 20.34 21.78
C PRO C 146 -4.98 20.01 22.06
N LEU C 147 -5.56 19.03 21.35
CA LEU C 147 -6.98 18.62 21.53
C LEU C 147 -7.11 17.56 22.62
N ARG C 148 -6.00 17.05 23.18
CA ARG C 148 -6.03 15.97 24.19
C ARG C 148 -6.84 16.46 25.39
N GLY C 149 -7.79 15.66 25.85
CA GLY C 149 -8.63 16.06 26.99
C GLY C 149 -10.07 16.09 26.55
N PRO C 150 -10.99 16.51 27.43
CA PRO C 150 -12.41 16.55 27.08
C PRO C 150 -12.60 17.50 25.89
N ASN C 151 -13.50 17.16 24.98
CA ASN C 151 -13.81 18.01 23.80
C ASN C 151 -14.96 18.94 24.15
N ASP C 152 -14.90 20.22 23.74
CA ASP C 152 -16.06 21.14 23.82
C ASP C 152 -16.66 21.31 22.42
N GLU C 153 -17.90 20.84 22.21
CA GLU C 153 -18.57 20.85 20.87
C GLU C 153 -18.82 22.29 20.45
N ARG C 154 -18.85 23.24 21.38
CA ARG C 154 -18.94 24.68 21.03
C ARG C 154 -17.71 25.11 20.20
N PHE C 155 -16.54 24.47 20.35
CA PHE C 155 -15.37 24.73 19.47
C PHE C 155 -15.41 23.83 18.23
N GLY C 156 -15.63 22.53 18.42
CA GLY C 156 -15.66 21.62 17.26
C GLY C 156 -15.79 20.16 17.64
N ASP C 157 -15.55 19.29 16.68
CA ASP C 157 -15.80 17.82 16.74
C ASP C 157 -14.73 17.16 17.59
N ARG C 158 -15.06 16.03 18.21
CA ARG C 158 -14.11 15.25 19.04
C ARG C 158 -12.92 14.77 18.17
N PHE C 159 -13.17 14.34 16.94
CA PHE C 159 -12.17 13.69 16.06
C PHE C 159 -12.13 14.41 14.71
N PRO C 160 -11.55 15.63 14.65
CA PRO C 160 -11.48 16.38 13.40
C PRO C 160 -10.47 15.80 12.41
N ALA C 161 -10.78 15.88 11.12
CA ALA C 161 -9.82 15.57 10.04
C ALA C 161 -8.80 16.69 9.89
N MET C 162 -7.56 16.35 9.56
CA MET C 162 -6.44 17.27 9.27
C MET C 162 -5.94 17.12 7.83
N SER C 163 -6.48 16.20 7.02
CA SER C 163 -5.95 15.91 5.66
C SER C 163 -6.18 17.10 4.72
N ASP C 164 -7.10 18.01 5.04
CA ASP C 164 -7.36 19.21 4.20
C ASP C 164 -6.99 20.48 4.98
N ALA C 165 -6.02 20.41 5.89
CA ALA C 165 -5.77 21.50 6.87
C ALA C 165 -5.38 22.78 6.12
N TYR C 166 -4.55 22.67 5.06
CA TYR C 166 -3.94 23.88 4.42
C TYR C 166 -4.74 24.21 3.14
N ASP C 167 -5.58 25.21 3.25
CA ASP C 167 -6.54 25.66 2.21
C ASP C 167 -5.92 25.64 0.80
N ARG C 168 -6.48 24.84 -0.10
CA ARG C 168 -5.97 24.64 -1.49
C ARG C 168 -6.05 25.97 -2.26
N THR C 169 -7.17 26.67 -2.19
CA THR C 169 -7.43 27.96 -2.90
C THR C 169 -6.36 28.99 -2.52
N MET C 170 -6.10 29.18 -1.23
CA MET C 170 -5.10 30.18 -0.76
C MET C 170 -3.70 29.82 -1.28
N ARG C 171 -3.34 28.53 -1.38
CA ARG C 171 -2.02 28.12 -1.92
C ARG C 171 -1.95 28.53 -3.40
N GLN C 172 -3.04 28.37 -4.13
CA GLN C 172 -3.12 28.73 -5.59
C GLN C 172 -2.99 30.26 -5.75
N ARG C 173 -3.68 31.02 -4.90
CA ARG C 173 -3.67 32.50 -4.93
C ARG C 173 -2.32 33.04 -4.43
N ALA C 174 -1.66 32.34 -3.51
CA ALA C 174 -0.29 32.67 -3.05
C ALA C 174 0.70 32.54 -4.22
N LEU C 175 0.61 31.47 -4.99
CA LEU C 175 1.47 31.24 -6.18
C LEU C 175 1.24 32.37 -7.20
N SER C 176 -0.01 32.69 -7.54
CA SER C 176 -0.35 33.78 -8.50
C SER C 176 0.11 35.15 -7.97
N THR C 177 -0.11 35.46 -6.69
CA THR C 177 0.36 36.72 -6.03
C THR C 177 1.88 36.85 -6.15
N TRP C 178 2.61 35.75 -5.93
CA TRP C 178 4.09 35.72 -5.95
C TRP C 178 4.57 36.11 -7.35
N LYS C 179 3.93 35.55 -8.36
CA LYS C 179 4.26 35.76 -9.79
C LYS C 179 4.12 37.26 -10.12
N GLN C 180 3.11 37.91 -9.55
CA GLN C 180 2.77 39.34 -9.77
C GLN C 180 3.47 40.22 -8.73
N MET C 181 4.50 39.73 -8.05
CA MET C 181 5.47 40.53 -7.23
C MET C 181 6.78 40.63 -7.98
N GLN C 184 12.57 36.82 -8.26
CA GLN C 184 13.85 36.22 -8.79
C GLN C 184 13.83 34.69 -8.60
N ARG C 185 13.35 34.24 -7.44
CA ARG C 185 13.24 32.79 -7.12
C ARG C 185 11.76 32.43 -7.02
N GLU C 186 11.43 31.17 -7.29
CA GLU C 186 10.07 30.62 -7.20
C GLU C 186 9.68 30.38 -5.73
N LEU C 187 8.38 30.35 -5.49
CA LEU C 187 7.75 30.03 -4.19
C LEU C 187 7.90 28.51 -4.07
N GLN C 188 8.46 28.00 -2.98
CA GLN C 188 8.55 26.54 -2.80
C GLN C 188 7.22 26.09 -2.17
N GLU C 189 6.98 24.80 -2.17
CA GLU C 189 5.78 24.21 -1.55
C GLU C 189 6.16 22.83 -1.00
N GLY C 190 5.76 22.51 0.23
CA GLY C 190 5.97 21.14 0.72
C GLY C 190 5.50 20.92 2.14
N THR C 191 6.04 19.87 2.76
CA THR C 191 5.60 19.34 4.07
C THR C 191 6.47 19.88 5.19
N TYR C 192 5.85 20.50 6.19
CA TYR C 192 6.54 20.98 7.41
C TYR C 192 6.42 19.88 8.48
N VAL C 193 7.54 19.48 9.07
CA VAL C 193 7.56 18.57 10.24
C VAL C 193 7.83 19.40 11.48
N MET C 194 6.99 19.28 12.50
CA MET C 194 7.27 19.92 13.81
C MET C 194 8.06 18.94 14.66
N VAL C 195 9.16 19.43 15.21
CA VAL C 195 9.90 18.78 16.33
C VAL C 195 9.84 19.75 17.52
N ALA C 196 10.00 19.25 18.74
CA ALA C 196 9.82 20.09 19.95
C ALA C 196 11.03 21.04 20.12
N GLY C 197 12.22 20.65 19.66
CA GLY C 197 13.49 21.33 19.99
C GLY C 197 13.74 21.35 21.50
N PRO C 198 14.50 22.31 22.05
CA PRO C 198 15.05 23.47 21.30
C PRO C 198 16.41 23.25 20.63
N SER C 199 17.06 22.12 20.88
CA SER C 199 18.33 21.75 20.21
C SER C 199 18.06 21.44 18.72
N PHE C 200 19.01 21.78 17.86
CA PHE C 200 18.99 21.45 16.41
C PHE C 200 19.31 19.96 16.23
N GLU C 201 19.00 19.45 15.05
CA GLU C 201 18.97 18.00 14.75
C GLU C 201 20.40 17.50 14.51
N THR C 202 20.63 16.24 14.86
CA THR C 202 21.87 15.50 14.48
C THR C 202 21.78 15.19 12.98
N VAL C 203 22.86 14.77 12.37
CA VAL C 203 22.85 14.30 10.95
C VAL C 203 21.89 13.11 10.80
N ALA C 204 21.96 12.10 11.68
CA ALA C 204 21.07 10.93 11.68
C ALA C 204 19.60 11.38 11.78
N GLU C 205 19.26 12.31 12.67
CA GLU C 205 17.87 12.84 12.80
C GLU C 205 17.44 13.52 11.49
N CYS C 206 18.31 14.32 10.90
CA CYS C 206 18.02 15.02 9.61
CA CYS C 206 18.01 15.00 9.61
C CYS C 206 17.66 13.97 8.56
N ARG C 207 18.43 12.87 8.51
CA ARG C 207 18.19 11.77 7.53
C ARG C 207 16.84 11.12 7.81
N VAL C 208 16.47 11.00 9.08
CA VAL C 208 15.14 10.45 9.47
C VAL C 208 14.05 11.36 8.90
N LEU C 209 14.09 12.65 9.18
CA LEU C 209 13.02 13.61 8.77
C LEU C 209 12.92 13.61 7.23
N GLN C 210 14.06 13.61 6.52
CA GLN C 210 14.07 13.46 5.05
C GLN C 210 13.36 12.18 4.61
N LYS C 211 13.70 11.02 5.21
CA LYS C 211 13.10 9.72 4.81
C LYS C 211 11.60 9.69 5.19
N LEU C 212 11.14 10.46 6.19
CA LEU C 212 9.71 10.59 6.53
C LEU C 212 8.98 11.41 5.44
N GLY C 213 9.72 12.09 4.54
CA GLY C 213 9.15 12.90 3.45
C GLY C 213 8.92 14.35 3.84
N ALA C 214 9.59 14.84 4.87
CA ALA C 214 9.47 16.25 5.32
C ALA C 214 10.37 17.10 4.40
N ASP C 215 9.91 18.27 4.00
CA ASP C 215 10.70 19.23 3.17
C ASP C 215 11.41 20.22 4.08
N ALA C 216 10.82 20.53 5.22
CA ALA C 216 11.33 21.58 6.12
C ALA C 216 10.98 21.20 7.55
N VAL C 217 11.84 21.57 8.50
CA VAL C 217 11.63 21.25 9.94
C VAL C 217 11.59 22.56 10.74
N GLY C 218 10.72 22.59 11.75
CA GLY C 218 10.69 23.71 12.69
C GLY C 218 10.04 23.32 13.98
N MET C 219 9.74 24.29 14.83
CA MET C 219 9.46 24.03 16.26
C MET C 219 8.17 24.71 16.67
N SER C 220 7.21 24.89 15.76
CA SER C 220 5.95 25.58 16.09
C SER C 220 4.83 25.17 15.12
N THR C 221 3.77 25.97 15.10
CA THR C 221 2.80 26.11 13.98
C THR C 221 1.80 24.96 14.01
N VAL C 222 2.28 23.70 14.04
CA VAL C 222 1.37 22.52 13.90
C VAL C 222 0.29 22.57 14.98
N PRO C 223 0.58 22.85 16.25
CA PRO C 223 -0.46 22.98 17.28
C PRO C 223 -1.55 23.99 16.96
N GLU C 224 -1.15 25.19 16.54
CA GLU C 224 -2.09 26.29 16.25
C GLU C 224 -2.99 25.87 15.08
N VAL C 225 -2.40 25.29 14.05
CA VAL C 225 -3.16 24.82 12.87
C VAL C 225 -4.19 23.80 13.27
N ILE C 226 -3.83 22.84 14.15
CA ILE C 226 -4.77 21.79 14.59
C ILE C 226 -5.95 22.44 15.31
N VAL C 227 -5.68 23.35 16.23
CA VAL C 227 -6.74 24.05 16.98
C VAL C 227 -7.57 24.91 16.00
N ALA C 228 -6.95 25.59 15.04
CA ALA C 228 -7.64 26.43 14.04
C ALA C 228 -8.62 25.58 13.24
N ARG C 229 -8.16 24.45 12.73
CA ARG C 229 -9.01 23.51 11.94
C ARG C 229 -10.12 22.94 12.81
N HIS C 230 -9.83 22.58 14.06
CA HIS C 230 -10.85 22.13 15.03
C HIS C 230 -12.00 23.14 15.12
N CYS C 231 -11.67 24.45 15.16
CA CYS C 231 -12.64 25.57 15.31
C CYS C 231 -13.27 25.97 13.97
N GLY C 232 -12.80 25.41 12.86
CA GLY C 232 -13.33 25.65 11.50
C GLY C 232 -12.71 26.84 10.78
N LEU C 233 -11.55 27.34 11.21
CA LEU C 233 -10.85 28.46 10.50
C LEU C 233 -10.23 27.91 9.21
N ARG C 234 -10.19 28.75 8.19
CA ARG C 234 -9.37 28.52 6.97
C ARG C 234 -7.91 28.81 7.37
N VAL C 235 -6.96 28.00 6.93
CA VAL C 235 -5.53 28.08 7.34
C VAL C 235 -4.64 28.21 6.10
N PHE C 236 -3.74 29.20 6.16
CA PHE C 236 -2.67 29.38 5.16
C PHE C 236 -1.40 29.54 5.97
N GLY C 237 -0.33 28.95 5.52
CA GLY C 237 0.95 29.01 6.26
C GLY C 237 2.14 28.96 5.34
N PHE C 238 3.25 29.50 5.80
CA PHE C 238 4.52 29.35 5.08
C PHE C 238 5.70 29.43 6.06
N SER C 239 6.78 28.86 5.60
CA SER C 239 8.09 28.80 6.28
C SER C 239 9.07 29.66 5.51
N LEU C 240 9.84 30.48 6.20
CA LEU C 240 11.13 31.01 5.69
C LEU C 240 12.23 29.97 5.95
N ILE C 241 12.84 29.46 4.88
CA ILE C 241 14.01 28.54 4.95
C ILE C 241 15.23 29.36 5.37
N THR C 242 15.62 29.25 6.64
CA THR C 242 16.69 30.10 7.27
C THR C 242 18.05 29.42 7.11
N ASN C 243 18.08 28.11 6.85
CA ASN C 243 19.32 27.32 6.85
C ASN C 243 19.05 25.95 6.21
N LYS C 244 20.08 25.36 5.61
CA LYS C 244 20.03 23.96 5.10
C LYS C 244 20.52 23.06 6.23
N VAL C 245 19.69 22.11 6.68
CA VAL C 245 20.06 21.25 7.83
C VAL C 245 21.28 20.41 7.41
N ILE C 246 22.22 20.17 8.32
CA ILE C 246 23.48 19.42 8.02
C ILE C 246 23.13 17.94 7.85
N MET C 247 23.48 17.35 6.71
CA MET C 247 23.04 16.00 6.32
C MET C 247 24.24 15.08 6.03
N ASP C 248 25.46 15.50 6.35
CA ASP C 248 26.67 14.62 6.20
C ASP C 248 27.70 14.97 7.28
N TYR C 249 28.54 13.99 7.61
CA TYR C 249 29.51 14.07 8.74
C TYR C 249 30.75 14.89 8.36
N GLU C 250 31.00 15.09 7.06
CA GLU C 250 32.18 15.86 6.56
C GLU C 250 32.05 17.33 7.01
N SER C 251 30.90 17.95 6.76
CA SER C 251 30.64 19.39 7.01
C SER C 251 31.14 19.80 8.40
N LEU C 252 31.74 20.98 8.53
CA LEU C 252 32.07 21.62 9.84
C LEU C 252 31.11 22.79 10.11
N GLU C 253 30.17 23.05 9.18
CA GLU C 253 29.03 23.98 9.40
C GLU C 253 28.10 23.40 10.49
N LYS C 254 27.59 24.26 11.38
CA LYS C 254 26.56 23.92 12.40
C LYS C 254 25.41 24.92 12.35
N ALA C 255 24.18 24.43 12.55
CA ALA C 255 22.98 25.27 12.70
C ALA C 255 23.15 26.11 13.97
N ASN C 256 22.76 27.37 13.90
CA ASN C 256 22.86 28.30 15.06
C ASN C 256 21.73 29.33 14.97
N HIS C 257 21.28 29.82 16.13
CA HIS C 257 20.17 30.79 16.23
C HIS C 257 20.54 32.10 15.51
N GLU C 258 21.81 32.50 15.57
CA GLU C 258 22.29 33.77 14.97
C GLU C 258 21.99 33.75 13.47
N GLU C 259 22.25 32.64 12.77
CA GLU C 259 22.00 32.49 11.30
C GLU C 259 20.49 32.55 11.04
N VAL C 260 19.67 31.97 11.94
CA VAL C 260 18.19 31.99 11.82
C VAL C 260 17.71 33.43 11.90
N LEU C 261 18.17 34.19 12.92
CA LEU C 261 17.81 35.61 13.08
C LEU C 261 18.25 36.39 11.84
N ALA C 262 19.47 36.18 11.36
CA ALA C 262 20.07 36.95 10.25
C ALA C 262 19.27 36.73 8.97
N ALA C 263 18.87 35.49 8.66
CA ALA C 263 18.07 35.12 7.48
C ALA C 263 16.69 35.78 7.55
N GLY C 264 16.11 35.80 8.76
CA GLY C 264 14.82 36.46 9.06
C GLY C 264 14.91 37.95 8.74
N LYS C 265 15.94 38.62 9.25
CA LYS C 265 16.16 40.08 9.04
C LYS C 265 16.30 40.34 7.53
N GLN C 266 17.05 39.50 6.82
CA GLN C 266 17.34 39.65 5.37
C GLN C 266 16.05 39.52 4.54
N ALA C 267 15.13 38.65 4.94
CA ALA C 267 13.89 38.32 4.20
C ALA C 267 12.74 39.23 4.63
N ALA C 268 12.89 40.01 5.70
CA ALA C 268 11.78 40.71 6.39
C ALA C 268 10.97 41.56 5.40
N GLN C 269 11.60 42.40 4.59
CA GLN C 269 10.90 43.32 3.65
C GLN C 269 10.09 42.51 2.63
N LYS C 270 10.70 41.46 2.06
CA LYS C 270 10.08 40.51 1.09
C LYS C 270 8.85 39.84 1.73
N LEU C 271 8.99 39.30 2.95
CA LEU C 271 7.91 38.54 3.61
C LEU C 271 6.73 39.47 3.92
N GLU C 272 7.03 40.66 4.45
CA GLU C 272 6.03 41.69 4.83
C GLU C 272 5.22 42.09 3.58
N GLN C 273 5.90 42.36 2.47
CA GLN C 273 5.26 42.77 1.19
C GLN C 273 4.33 41.65 0.73
N PHE C 274 4.82 40.41 0.74
CA PHE C 274 4.09 39.20 0.28
C PHE C 274 2.80 39.02 1.09
N VAL C 275 2.89 39.05 2.41
CA VAL C 275 1.70 38.86 3.29
C VAL C 275 0.71 40.00 3.03
N SER C 276 1.17 41.25 3.00
CA SER C 276 0.34 42.47 2.79
C SER C 276 -0.46 42.29 1.50
N ILE C 277 0.20 41.97 0.38
CA ILE C 277 -0.47 41.84 -0.94
C ILE C 277 -1.46 40.67 -0.88
N LEU C 278 -1.06 39.57 -0.22
CA LEU C 278 -1.89 38.34 -0.11
C LEU C 278 -3.22 38.63 0.61
N MET C 279 -3.29 39.61 1.50
CA MET C 279 -4.56 39.98 2.19
C MET C 279 -5.68 40.17 1.16
N ALA C 280 -5.37 40.78 0.01
CA ALA C 280 -6.35 41.11 -1.05
C ALA C 280 -6.97 39.82 -1.61
N SER C 281 -6.26 38.69 -1.55
CA SER C 281 -6.65 37.38 -2.11
C SER C 281 -7.47 36.54 -1.12
N ILE C 282 -7.60 36.96 0.14
CA ILE C 282 -8.35 36.14 1.15
C ILE C 282 -9.84 36.28 0.84
N PRO C 283 -10.63 35.18 0.87
CA PRO C 283 -12.07 35.29 0.64
C PRO C 283 -12.73 36.23 1.65
N LEU C 284 -13.81 36.87 1.22
CA LEU C 284 -14.60 37.76 2.12
C LEU C 284 -15.40 36.88 3.07
N PRO C 285 -15.81 37.41 4.24
CA PRO C 285 -16.63 36.60 5.15
C PRO C 285 -18.07 36.49 4.63
N GLY D 4 3.69 -25.50 -31.83
CA GLY D 4 4.46 -25.78 -33.07
C GLY D 4 5.56 -26.81 -32.88
N TYR D 5 5.86 -27.22 -31.65
CA TYR D 5 6.86 -28.29 -31.37
C TYR D 5 6.20 -29.65 -31.14
N THR D 6 6.79 -30.68 -31.76
CA THR D 6 6.42 -32.09 -31.47
C THR D 6 7.23 -32.57 -30.27
N TYR D 7 6.74 -33.61 -29.59
CA TYR D 7 7.51 -34.28 -28.53
C TYR D 7 8.92 -34.60 -29.00
N GLU D 8 9.06 -35.08 -30.25
CA GLU D 8 10.34 -35.52 -30.84
C GLU D 8 11.33 -34.34 -30.95
N ASP D 9 10.82 -33.12 -31.21
CA ASP D 9 11.61 -31.86 -31.21
C ASP D 9 12.24 -31.64 -29.83
N TYR D 10 11.46 -31.73 -28.76
CA TYR D 10 12.00 -31.57 -27.39
C TYR D 10 13.08 -32.64 -27.17
N LYS D 11 12.77 -33.88 -27.53
CA LYS D 11 13.67 -35.05 -27.31
C LYS D 11 14.97 -34.82 -28.10
N ASN D 12 14.86 -34.35 -29.34
CA ASN D 12 16.02 -34.12 -30.24
C ASN D 12 16.96 -33.08 -29.60
N THR D 13 16.40 -31.97 -29.10
CA THR D 13 17.18 -30.92 -28.42
C THR D 13 17.87 -31.53 -27.19
N ALA D 14 17.13 -32.21 -26.34
CA ALA D 14 17.67 -32.84 -25.10
C ALA D 14 18.83 -33.79 -25.48
N GLU D 15 18.63 -34.66 -26.47
CA GLU D 15 19.65 -35.65 -26.91
C GLU D 15 20.91 -34.91 -27.41
N TRP D 16 20.73 -33.85 -28.18
CA TRP D 16 21.87 -33.00 -28.65
C TRP D 16 22.68 -32.49 -27.44
N LEU D 17 22.02 -31.86 -26.47
CA LEU D 17 22.72 -31.32 -25.28
C LEU D 17 23.40 -32.45 -24.50
N LEU D 18 22.71 -33.57 -24.28
CA LEU D 18 23.25 -34.72 -23.49
C LEU D 18 24.49 -35.31 -24.19
N SER D 19 24.55 -35.26 -25.51
CA SER D 19 25.71 -35.77 -26.32
C SER D 19 26.85 -34.75 -26.35
N HIS D 20 26.56 -33.46 -26.09
CA HIS D 20 27.54 -32.36 -26.28
C HIS D 20 28.12 -31.90 -24.94
N THR D 21 27.53 -32.29 -23.82
CA THR D 21 28.10 -32.06 -22.46
C THR D 21 28.04 -33.37 -21.67
N LYS D 22 28.99 -33.61 -20.79
CA LYS D 22 28.94 -34.70 -19.77
C LYS D 22 28.16 -34.21 -18.55
N HIS D 23 27.90 -32.91 -18.45
CA HIS D 23 27.16 -32.33 -17.30
C HIS D 23 25.72 -32.87 -17.30
N ARG D 24 25.24 -33.24 -16.12
CA ARG D 24 23.85 -33.72 -15.88
C ARG D 24 23.23 -32.82 -14.82
N PRO D 25 22.57 -31.71 -15.20
CA PRO D 25 22.07 -30.75 -14.22
C PRO D 25 20.89 -31.32 -13.41
N GLN D 26 20.84 -31.00 -12.13
CA GLN D 26 19.64 -31.19 -11.28
C GLN D 26 18.81 -29.90 -11.29
N VAL D 27 19.45 -28.73 -11.35
CA VAL D 27 18.79 -27.42 -11.15
C VAL D 27 18.91 -26.58 -12.42
N ALA D 28 17.79 -26.04 -12.89
CA ALA D 28 17.78 -25.02 -13.97
C ALA D 28 17.57 -23.66 -13.31
N ILE D 29 18.38 -22.68 -13.72
CA ILE D 29 18.26 -21.28 -13.21
C ILE D 29 17.97 -20.37 -14.42
N ILE D 30 16.79 -19.76 -14.44
CA ILE D 30 16.42 -18.79 -15.49
C ILE D 30 16.72 -17.39 -14.93
N CYS D 31 17.82 -16.82 -15.43
CA CYS D 31 18.41 -15.57 -14.88
C CYS D 31 17.58 -14.38 -15.39
N LEU D 35 21.25 -10.97 -12.43
CA LEU D 35 21.92 -12.31 -12.44
C LEU D 35 22.73 -12.53 -13.72
N GLY D 36 23.03 -11.47 -14.47
CA GLY D 36 23.87 -11.56 -15.69
C GLY D 36 25.14 -12.35 -15.45
N GLY D 37 25.83 -12.10 -14.33
CA GLY D 37 27.17 -12.66 -14.04
C GLY D 37 27.16 -13.85 -13.11
N LEU D 38 25.99 -14.45 -12.82
CA LEU D 38 25.92 -15.67 -11.99
C LEU D 38 26.69 -16.80 -12.67
N THR D 39 26.67 -16.91 -14.00
CA THR D 39 27.36 -17.98 -14.74
C THR D 39 28.86 -17.86 -14.47
N ASP D 40 29.34 -16.65 -14.16
CA ASP D 40 30.79 -16.38 -13.93
C ASP D 40 31.26 -17.06 -12.65
N LYS D 41 30.34 -17.53 -11.78
CA LYS D 41 30.68 -18.23 -10.55
C LYS D 41 30.67 -19.77 -10.71
N LEU D 42 30.27 -20.28 -11.88
CA LEU D 42 30.21 -21.74 -12.11
C LEU D 42 31.62 -22.32 -12.15
N THR D 43 31.79 -23.54 -11.61
CA THR D 43 32.98 -24.37 -11.88
C THR D 43 32.66 -25.31 -13.02
N GLN D 44 33.69 -25.76 -13.73
CA GLN D 44 33.56 -26.67 -14.91
C GLN D 44 32.54 -26.10 -15.89
N ALA D 45 32.57 -24.80 -16.17
CA ALA D 45 31.57 -24.11 -17.01
C ALA D 45 31.64 -24.62 -18.44
N GLN D 46 30.49 -24.88 -19.07
CA GLN D 46 30.43 -25.24 -20.51
C GLN D 46 29.29 -24.45 -21.14
N ILE D 47 29.62 -23.65 -22.16
CA ILE D 47 28.75 -22.60 -22.76
C ILE D 47 28.20 -23.07 -24.10
N PHE D 48 26.89 -22.98 -24.31
CA PHE D 48 26.28 -23.15 -25.66
C PHE D 48 25.51 -21.88 -25.99
N ASP D 49 25.84 -21.21 -27.10
CA ASP D 49 25.00 -20.09 -27.62
C ASP D 49 23.66 -20.70 -28.06
N TYR D 50 22.55 -20.04 -27.78
CA TYR D 50 21.20 -20.51 -28.20
C TYR D 50 21.25 -20.89 -29.68
N GLY D 51 21.98 -20.10 -30.49
CA GLY D 51 22.12 -20.31 -31.94
C GLY D 51 22.63 -21.68 -32.32
N GLU D 52 23.44 -22.32 -31.48
CA GLU D 52 24.04 -23.66 -31.76
C GLU D 52 23.05 -24.78 -31.47
N ILE D 53 22.06 -24.52 -30.60
CA ILE D 53 21.20 -25.57 -30.01
C ILE D 53 20.02 -25.82 -30.95
N PRO D 54 19.81 -27.08 -31.37
CA PRO D 54 18.67 -27.45 -32.20
C PRO D 54 17.35 -26.98 -31.58
N ASN D 55 16.50 -26.33 -32.37
CA ASN D 55 15.07 -26.03 -32.07
C ASN D 55 14.89 -24.90 -31.07
N PHE D 56 15.98 -24.32 -30.58
CA PHE D 56 15.90 -23.15 -29.67
C PHE D 56 15.30 -21.97 -30.43
N PRO D 57 14.35 -21.24 -29.82
CA PRO D 57 13.81 -20.02 -30.43
C PRO D 57 14.91 -19.04 -30.87
N ARG D 58 14.73 -18.40 -32.04
CA ARG D 58 15.67 -17.43 -32.64
C ARG D 58 15.19 -16.01 -32.33
N GLY D 66 21.97 -14.70 -26.27
CA GLY D 66 21.57 -15.63 -25.20
C GLY D 66 22.42 -16.89 -25.14
N ARG D 67 22.65 -17.43 -23.94
CA ARG D 67 23.53 -18.62 -23.73
C ARG D 67 22.92 -19.58 -22.70
N LEU D 68 23.14 -20.88 -22.92
CA LEU D 68 22.95 -21.96 -21.91
C LEU D 68 24.31 -22.31 -21.35
N VAL D 69 24.50 -22.21 -20.03
CA VAL D 69 25.78 -22.58 -19.38
C VAL D 69 25.54 -23.72 -18.40
N PHE D 70 26.26 -24.84 -18.57
CA PHE D 70 26.25 -25.99 -17.62
C PHE D 70 27.43 -25.88 -16.69
N GLY D 71 27.25 -26.26 -15.43
CA GLY D 71 28.37 -26.52 -14.51
C GLY D 71 27.90 -26.66 -13.10
N PHE D 72 28.76 -26.37 -12.13
CA PHE D 72 28.49 -26.50 -10.69
C PHE D 72 28.44 -25.10 -10.12
N LEU D 73 27.34 -24.79 -9.42
CA LEU D 73 27.23 -23.55 -8.61
C LEU D 73 27.29 -23.98 -7.16
N ASN D 74 28.40 -23.65 -6.49
CA ASN D 74 28.58 -24.03 -5.08
C ASN D 74 28.46 -25.57 -4.99
N GLY D 75 28.93 -26.27 -6.01
CA GLY D 75 29.00 -27.74 -6.03
C GLY D 75 27.69 -28.42 -6.43
N ARG D 76 26.68 -27.66 -6.84
CA ARG D 76 25.37 -28.23 -7.29
C ARG D 76 25.34 -28.21 -8.81
N ALA D 77 25.03 -29.35 -9.43
CA ALA D 77 24.98 -29.50 -10.90
C ALA D 77 23.80 -28.65 -11.44
N CYS D 78 24.08 -27.67 -12.29
CA CYS D 78 23.09 -26.64 -12.74
CA CYS D 78 23.03 -26.74 -12.78
C CYS D 78 23.22 -26.37 -14.25
N VAL D 79 22.16 -25.88 -14.85
CA VAL D 79 22.15 -25.31 -16.22
C VAL D 79 21.47 -23.97 -16.10
N MET D 80 22.15 -22.94 -16.61
CA MET D 80 21.74 -21.55 -16.43
C MET D 80 21.37 -20.98 -17.80
N MET D 81 20.16 -20.44 -17.88
CA MET D 81 19.67 -19.62 -19.01
C MET D 81 20.09 -18.18 -18.76
N GLN D 82 21.01 -17.69 -19.58
CA GLN D 82 21.45 -16.26 -19.56
C GLN D 82 20.84 -15.56 -20.77
N GLY D 83 19.80 -14.77 -20.54
CA GLY D 83 18.88 -14.30 -21.59
C GLY D 83 17.64 -15.18 -21.60
N ARG D 84 16.46 -14.59 -21.45
CA ARG D 84 15.19 -15.36 -21.50
C ARG D 84 14.29 -14.70 -22.54
N PHE D 85 13.34 -15.45 -23.07
CA PHE D 85 12.36 -15.00 -24.10
C PHE D 85 11.15 -14.41 -23.38
N HIS D 86 10.62 -13.32 -23.94
CA HIS D 86 9.49 -12.57 -23.34
C HIS D 86 8.34 -12.51 -24.33
N MET D 87 7.12 -12.56 -23.81
CA MET D 87 5.89 -12.35 -24.58
C MET D 87 5.97 -11.03 -25.38
N TYR D 88 6.50 -9.95 -24.78
CA TYR D 88 6.48 -8.59 -25.42
C TYR D 88 7.37 -8.61 -26.68
N GLU D 89 8.32 -9.54 -26.79
CA GLU D 89 9.24 -9.64 -27.96
C GLU D 89 8.48 -10.17 -29.19
N GLY D 90 7.30 -10.77 -29.00
CA GLY D 90 6.46 -11.35 -30.07
C GLY D 90 6.48 -12.87 -30.06
N TYR D 91 7.31 -13.50 -29.21
CA TYR D 91 7.35 -14.97 -29.05
C TYR D 91 6.01 -15.48 -28.51
N PRO D 92 5.43 -16.51 -29.15
CA PRO D 92 4.35 -17.29 -28.53
C PRO D 92 4.86 -17.99 -27.26
N LEU D 93 3.96 -18.26 -26.33
CA LEU D 93 4.34 -18.81 -25.01
C LEU D 93 4.91 -20.23 -25.17
N TRP D 94 4.58 -20.96 -26.25
CA TRP D 94 5.17 -22.29 -26.52
C TRP D 94 6.65 -22.19 -26.94
N LYS D 95 7.08 -21.02 -27.40
CA LYS D 95 8.52 -20.71 -27.67
C LYS D 95 9.15 -20.21 -26.36
N VAL D 96 8.46 -19.30 -25.66
CA VAL D 96 9.00 -18.75 -24.39
C VAL D 96 9.41 -19.90 -23.46
N THR D 97 8.58 -20.93 -23.36
CA THR D 97 8.69 -22.00 -22.33
C THR D 97 9.36 -23.27 -22.86
N PHE D 98 9.75 -23.29 -24.14
CA PHE D 98 10.37 -24.49 -24.78
C PHE D 98 11.54 -24.99 -23.94
N PRO D 99 12.47 -24.12 -23.44
CA PRO D 99 13.61 -24.61 -22.68
C PRO D 99 13.23 -25.41 -21.42
N VAL D 100 12.10 -25.07 -20.79
CA VAL D 100 11.68 -25.74 -19.54
C VAL D 100 11.41 -27.23 -19.81
N ARG D 101 10.70 -27.53 -20.89
CA ARG D 101 10.43 -28.93 -21.32
C ARG D 101 11.77 -29.65 -21.54
N VAL D 102 12.68 -28.99 -22.22
CA VAL D 102 14.04 -29.57 -22.51
C VAL D 102 14.73 -29.86 -21.17
N PHE D 103 14.67 -28.93 -20.21
CA PHE D 103 15.29 -29.10 -18.88
C PHE D 103 14.75 -30.36 -18.20
N HIS D 104 13.44 -30.56 -18.20
CA HIS D 104 12.78 -31.80 -17.70
C HIS D 104 13.42 -33.03 -18.35
N LEU D 105 13.55 -33.03 -19.68
CA LEU D 105 14.09 -34.20 -20.41
C LEU D 105 15.58 -34.39 -20.11
N LEU D 106 16.31 -33.34 -19.68
CA LEU D 106 17.73 -33.46 -19.27
C LEU D 106 17.86 -34.18 -17.92
N GLY D 107 16.79 -34.17 -17.11
CA GLY D 107 16.74 -34.76 -15.76
C GLY D 107 16.66 -33.71 -14.66
N VAL D 108 16.51 -32.42 -15.00
CA VAL D 108 16.38 -31.32 -14.00
C VAL D 108 15.13 -31.61 -13.18
N ASP D 109 15.20 -31.42 -11.86
CA ASP D 109 14.00 -31.62 -11.00
C ASP D 109 13.61 -30.32 -10.30
N THR D 110 14.43 -29.26 -10.41
CA THR D 110 14.20 -27.99 -9.71
C THR D 110 14.43 -26.82 -10.67
N LEU D 111 13.49 -25.86 -10.67
CA LEU D 111 13.61 -24.59 -11.41
C LEU D 111 13.74 -23.45 -10.42
N VAL D 112 14.82 -22.68 -10.57
CA VAL D 112 14.99 -21.35 -9.91
C VAL D 112 14.71 -20.29 -10.99
N VAL D 113 13.72 -19.43 -10.76
CA VAL D 113 13.32 -18.38 -11.75
C VAL D 113 13.53 -17.02 -11.11
N THR D 114 14.19 -16.08 -11.78
CA THR D 114 14.42 -14.74 -11.20
C THR D 114 13.95 -13.69 -12.20
N ASN D 115 13.59 -12.52 -11.68
CA ASN D 115 13.15 -11.42 -12.56
C ASN D 115 13.35 -10.08 -11.89
N ALA D 116 13.08 -9.02 -12.68
CA ALA D 116 12.90 -7.66 -12.15
C ALA D 116 11.40 -7.43 -11.97
N ALA D 117 11.02 -6.63 -10.97
CA ALA D 117 9.59 -6.27 -10.81
C ALA D 117 9.46 -4.85 -10.28
N GLY D 118 8.36 -4.21 -10.64
CA GLY D 118 7.91 -2.96 -10.02
C GLY D 118 7.25 -3.25 -8.69
N GLY D 119 7.59 -2.47 -7.65
CA GLY D 119 6.94 -2.54 -6.34
C GLY D 119 5.52 -1.99 -6.34
N LEU D 120 4.53 -2.80 -5.96
CA LEU D 120 3.15 -2.33 -5.70
C LEU D 120 2.93 -2.19 -4.19
N ASN D 121 3.53 -3.08 -3.41
CA ASN D 121 3.45 -3.09 -1.92
C ASN D 121 4.21 -1.87 -1.40
N PRO D 122 3.56 -0.91 -0.73
CA PRO D 122 4.26 0.27 -0.20
C PRO D 122 5.36 -0.03 0.83
N LYS D 123 5.42 -1.24 1.40
CA LYS D 123 6.53 -1.61 2.32
C LYS D 123 7.83 -1.85 1.54
N PHE D 124 7.75 -2.14 0.23
CA PHE D 124 8.91 -2.52 -0.59
C PHE D 124 9.75 -1.27 -0.92
N GLU D 125 11.08 -1.43 -0.92
CA GLU D 125 12.02 -0.36 -1.39
C GLU D 125 12.81 -0.89 -2.58
N VAL D 126 13.33 0.01 -3.42
CA VAL D 126 14.23 -0.36 -4.55
C VAL D 126 15.40 -1.15 -3.98
N GLY D 127 15.76 -2.28 -4.60
CA GLY D 127 16.85 -3.17 -4.14
C GLY D 127 16.35 -4.33 -3.29
N ASP D 128 15.12 -4.28 -2.83
CA ASP D 128 14.46 -5.38 -2.08
C ASP D 128 14.40 -6.62 -2.96
N ILE D 129 14.58 -7.79 -2.31
CA ILE D 129 14.37 -9.12 -2.95
C ILE D 129 13.04 -9.64 -2.41
N MET D 130 12.12 -9.95 -3.31
CA MET D 130 10.81 -10.52 -2.94
C MET D 130 10.80 -11.99 -3.33
N LEU D 131 10.76 -12.88 -2.34
CA LEU D 131 10.45 -14.31 -2.59
C LEU D 131 9.02 -14.34 -3.15
N ILE D 132 8.86 -15.01 -4.27
CA ILE D 132 7.54 -15.23 -4.88
C ILE D 132 6.86 -16.38 -4.13
N ARG D 133 5.80 -16.07 -3.40
CA ARG D 133 4.92 -17.03 -2.69
C ARG D 133 3.81 -17.49 -3.66
N ASP D 134 3.49 -16.66 -4.65
CA ASP D 134 2.30 -16.88 -5.49
C ASP D 134 2.35 -15.96 -6.71
N HIS D 135 1.50 -16.21 -7.68
CA HIS D 135 1.43 -15.32 -8.85
C HIS D 135 -0.03 -15.16 -9.28
N ILE D 136 -0.28 -14.11 -10.05
CA ILE D 136 -1.55 -13.79 -10.73
C ILE D 136 -1.24 -13.75 -12.23
N ASN D 137 -1.82 -14.68 -12.95
CA ASN D 137 -1.56 -14.86 -14.41
C ASN D 137 -2.62 -14.10 -15.21
N LEU D 138 -2.44 -12.80 -15.44
CA LEU D 138 -3.46 -12.01 -16.20
C LEU D 138 -3.52 -12.46 -17.65
N PRO D 139 -2.41 -12.74 -18.37
CA PRO D 139 -2.55 -13.26 -19.73
C PRO D 139 -3.28 -14.62 -19.75
N GLY D 140 -2.99 -15.49 -18.77
CA GLY D 140 -3.62 -16.81 -18.63
C GLY D 140 -5.13 -16.74 -18.58
N PHE D 141 -5.71 -15.82 -17.80
CA PHE D 141 -7.19 -15.70 -17.67
C PHE D 141 -7.83 -15.65 -19.06
N SER D 142 -7.24 -14.86 -19.98
CA SER D 142 -7.84 -14.54 -21.29
C SER D 142 -7.37 -15.47 -22.41
N GLY D 143 -6.61 -16.53 -22.10
CA GLY D 143 -6.23 -17.57 -23.09
C GLY D 143 -4.74 -17.69 -23.37
N GLN D 144 -3.92 -16.71 -22.97
CA GLN D 144 -2.43 -16.76 -23.16
C GLN D 144 -1.83 -17.61 -22.04
N ASN D 145 -2.03 -18.92 -22.15
CA ASN D 145 -1.47 -19.96 -21.25
C ASN D 145 -0.59 -20.85 -22.08
N PRO D 146 0.67 -21.15 -21.68
CA PRO D 146 1.56 -21.99 -22.47
C PRO D 146 1.07 -23.44 -22.67
N LEU D 147 0.06 -23.86 -21.91
CA LEU D 147 -0.52 -25.23 -21.98
C LEU D 147 -1.66 -25.27 -23.01
N ARG D 148 -2.03 -24.13 -23.60
CA ARG D 148 -3.17 -24.05 -24.56
C ARG D 148 -2.88 -24.97 -25.73
N GLY D 149 -3.85 -25.80 -26.11
CA GLY D 149 -3.67 -26.76 -27.22
C GLY D 149 -3.64 -28.19 -26.70
N PRO D 150 -3.40 -29.19 -27.58
CA PRO D 150 -3.45 -30.58 -27.15
C PRO D 150 -2.42 -30.81 -26.03
N ASN D 151 -2.76 -31.61 -25.05
CA ASN D 151 -1.87 -31.96 -23.91
C ASN D 151 -1.09 -33.22 -24.28
N ASP D 152 0.20 -33.28 -23.95
CA ASP D 152 1.01 -34.54 -24.06
C ASP D 152 1.22 -35.10 -22.64
N GLU D 153 0.65 -36.27 -22.36
CA GLU D 153 0.69 -36.92 -21.01
C GLU D 153 2.11 -37.30 -20.65
N ARG D 154 3.01 -37.42 -21.63
CA ARG D 154 4.45 -37.65 -21.35
C ARG D 154 5.03 -36.47 -20.57
N PHE D 155 4.50 -35.25 -20.72
CA PHE D 155 4.92 -34.08 -19.90
C PHE D 155 4.09 -34.01 -18.61
N GLY D 156 2.77 -34.11 -18.72
CA GLY D 156 1.93 -34.00 -17.51
C GLY D 156 0.44 -34.01 -17.81
N ASP D 157 -0.35 -33.63 -16.81
CA ASP D 157 -1.83 -33.73 -16.81
C ASP D 157 -2.43 -32.63 -17.66
N ARG D 158 -3.63 -32.86 -18.20
CA ARG D 158 -4.36 -31.85 -19.01
C ARG D 158 -4.66 -30.61 -18.13
N PHE D 159 -5.01 -30.80 -16.86
CA PHE D 159 -5.49 -29.71 -15.96
C PHE D 159 -4.66 -29.71 -14.67
N PRO D 160 -3.39 -29.22 -14.73
CA PRO D 160 -2.53 -29.21 -13.55
C PRO D 160 -2.92 -28.12 -12.55
N ALA D 161 -2.77 -28.40 -11.26
CA ALA D 161 -2.99 -27.42 -10.18
C ALA D 161 -1.79 -26.47 -10.11
N MET D 162 -2.02 -25.20 -9.80
CA MET D 162 -0.99 -24.16 -9.61
C MET D 162 -1.02 -23.61 -8.16
N SER D 163 -1.92 -24.11 -7.29
CA SER D 163 -2.09 -23.54 -5.92
C SER D 163 -0.85 -23.85 -5.06
N ASP D 164 -0.04 -24.84 -5.42
CA ASP D 164 1.20 -25.17 -4.65
C ASP D 164 2.43 -24.93 -5.53
N ALA D 165 2.38 -23.95 -6.43
CA ALA D 165 3.42 -23.80 -7.49
C ALA D 165 4.77 -23.48 -6.86
N TYR D 166 4.81 -22.63 -5.82
CA TYR D 166 6.09 -22.11 -5.25
C TYR D 166 6.40 -22.90 -3.97
N ASP D 167 7.29 -23.86 -4.11
CA ASP D 167 7.71 -24.83 -3.05
C ASP D 167 7.83 -24.15 -1.66
N ARG D 168 7.03 -24.61 -0.71
CA ARG D 168 6.98 -24.05 0.67
C ARG D 168 8.34 -24.25 1.37
N THR D 169 8.91 -25.45 1.30
CA THR D 169 10.21 -25.81 1.94
C THR D 169 11.31 -24.84 1.47
N MET D 170 11.44 -24.63 0.16
CA MET D 170 12.49 -23.73 -0.39
C MET D 170 12.30 -22.29 0.07
N ARG D 171 11.05 -21.82 0.24
CA ARG D 171 10.80 -20.45 0.75
C ARG D 171 11.27 -20.38 2.22
N GLN D 172 11.05 -21.43 3.00
CA GLN D 172 11.49 -21.49 4.43
C GLN D 172 13.02 -21.47 4.48
N ARG D 173 13.68 -22.28 3.63
CA ARG D 173 15.16 -22.38 3.59
C ARG D 173 15.78 -21.09 3.04
N ALA D 174 15.08 -20.40 2.12
CA ALA D 174 15.51 -19.09 1.60
C ALA D 174 15.52 -18.05 2.72
N LEU D 175 14.46 -18.02 3.54
CA LEU D 175 14.35 -17.11 4.70
C LEU D 175 15.49 -17.39 5.69
N SER D 176 15.71 -18.65 6.06
CA SER D 176 16.80 -19.05 7.02
C SER D 176 18.18 -18.72 6.44
N THR D 177 18.44 -19.02 5.16
CA THR D 177 19.71 -18.69 4.46
C THR D 177 19.99 -17.20 4.51
N TRP D 178 18.96 -16.39 4.26
CA TRP D 178 19.07 -14.91 4.22
C TRP D 178 19.52 -14.42 5.60
N LYS D 179 18.89 -14.95 6.65
CA LYS D 179 19.14 -14.56 8.07
C LYS D 179 20.61 -14.84 8.40
N GLN D 180 21.17 -15.94 7.88
CA GLN D 180 22.56 -16.37 8.19
C GLN D 180 23.56 -15.52 7.40
N MET D 181 23.12 -14.83 6.33
CA MET D 181 24.01 -13.92 5.55
C MET D 181 24.15 -12.57 6.27
N GLY D 182 23.34 -12.32 7.29
CA GLY D 182 23.28 -11.00 7.97
C GLY D 182 23.24 -9.84 6.99
N GLU D 183 22.20 -9.77 6.15
CA GLU D 183 21.89 -8.61 5.30
C GLU D 183 21.17 -7.51 6.07
N GLN D 184 21.40 -6.26 5.70
CA GLN D 184 20.83 -5.04 6.36
C GLN D 184 19.30 -5.14 6.39
N ARG D 185 18.72 -5.57 5.27
CA ARG D 185 17.27 -5.52 5.01
C ARG D 185 16.70 -6.94 4.95
N GLU D 186 15.43 -7.08 5.28
CA GLU D 186 14.70 -8.35 5.35
C GLU D 186 14.33 -8.80 3.92
N LEU D 187 14.16 -10.11 3.77
CA LEU D 187 13.70 -10.76 2.53
C LEU D 187 12.20 -10.46 2.47
N GLN D 188 11.72 -9.89 1.37
CA GLN D 188 10.26 -9.65 1.25
C GLN D 188 9.65 -10.94 0.71
N GLU D 189 8.33 -11.06 0.81
CA GLU D 189 7.61 -12.23 0.26
C GLU D 189 6.27 -11.73 -0.25
N GLY D 190 5.82 -12.19 -1.41
CA GLY D 190 4.46 -11.88 -1.85
C GLY D 190 4.13 -12.37 -3.23
N THR D 191 3.12 -11.73 -3.83
CA THR D 191 2.47 -12.18 -5.07
C THR D 191 3.02 -11.41 -6.25
N TYR D 192 3.49 -12.12 -7.28
CA TYR D 192 3.94 -11.51 -8.54
C TYR D 192 2.78 -11.58 -9.55
N VAL D 193 2.44 -10.46 -10.15
CA VAL D 193 1.44 -10.42 -11.26
C VAL D 193 2.23 -10.24 -12.56
N MET D 194 1.97 -11.11 -13.53
CA MET D 194 2.54 -10.95 -14.87
C MET D 194 1.59 -10.11 -15.70
N VAL D 195 2.14 -9.09 -16.33
CA VAL D 195 1.47 -8.33 -17.43
C VAL D 195 2.36 -8.51 -18.67
N ALA D 196 1.77 -8.41 -19.87
CA ALA D 196 2.51 -8.72 -21.11
C ALA D 196 3.54 -7.62 -21.44
N GLY D 197 3.29 -6.37 -21.04
CA GLY D 197 4.06 -5.19 -21.46
C GLY D 197 3.99 -5.02 -22.99
N PRO D 198 4.95 -4.33 -23.65
CA PRO D 198 6.17 -3.83 -23.01
C PRO D 198 6.14 -2.42 -22.40
N SER D 199 5.04 -1.71 -22.57
CA SER D 199 4.86 -0.36 -21.95
C SER D 199 4.58 -0.53 -20.45
N PHE D 200 5.06 0.40 -19.64
CA PHE D 200 4.85 0.46 -18.18
C PHE D 200 3.43 0.93 -17.88
N GLU D 201 3.01 0.72 -16.65
CA GLU D 201 1.59 0.85 -16.21
C GLU D 201 1.23 2.31 -16.00
N THR D 202 -0.03 2.64 -16.24
CA THR D 202 -0.62 3.95 -15.86
C THR D 202 -0.83 3.93 -14.34
N VAL D 203 -1.10 5.08 -13.76
CA VAL D 203 -1.49 5.16 -12.32
C VAL D 203 -2.73 4.32 -12.06
N ALA D 204 -3.78 4.48 -12.88
CA ALA D 204 -5.05 3.71 -12.76
C ALA D 204 -4.77 2.20 -12.81
N GLU D 205 -3.93 1.74 -13.74
CA GLU D 205 -3.54 0.32 -13.82
C GLU D 205 -2.80 -0.14 -12.55
N CYS D 206 -1.88 0.67 -12.04
CA CYS D 206 -1.14 0.36 -10.80
CA CYS D 206 -1.14 0.34 -10.81
C CYS D 206 -2.14 0.15 -9.66
N ARG D 207 -3.15 1.01 -9.56
CA ARG D 207 -4.21 0.91 -8.52
C ARG D 207 -5.00 -0.38 -8.71
N VAL D 208 -5.22 -0.80 -9.97
CA VAL D 208 -5.92 -2.08 -10.26
C VAL D 208 -5.07 -3.24 -9.70
N LEU D 209 -3.79 -3.32 -10.07
CA LEU D 209 -2.91 -4.43 -9.69
C LEU D 209 -2.80 -4.47 -8.15
N GLN D 210 -2.68 -3.32 -7.49
CA GLN D 210 -2.70 -3.24 -6.00
C GLN D 210 -4.00 -3.82 -5.46
N LYS D 211 -5.17 -3.41 -5.97
CA LYS D 211 -6.47 -3.87 -5.46
C LYS D 211 -6.67 -5.38 -5.76
N LEU D 212 -6.01 -5.93 -6.79
CA LEU D 212 -6.02 -7.39 -7.07
C LEU D 212 -5.18 -8.14 -6.04
N GLY D 213 -4.38 -7.43 -5.23
CA GLY D 213 -3.56 -8.04 -4.18
C GLY D 213 -2.16 -8.42 -4.66
N ALA D 214 -1.69 -7.84 -5.77
CA ALA D 214 -0.33 -8.10 -6.30
C ALA D 214 0.64 -7.25 -5.46
N ASP D 215 1.80 -7.80 -5.12
CA ASP D 215 2.87 -7.06 -4.38
C ASP D 215 3.87 -6.46 -5.37
N ALA D 216 4.01 -7.09 -6.54
CA ALA D 216 5.08 -6.76 -7.49
C ALA D 216 4.56 -7.13 -8.89
N VAL D 217 4.94 -6.37 -9.90
CA VAL D 217 4.49 -6.56 -11.30
C VAL D 217 5.73 -6.73 -12.18
N GLY D 218 5.64 -7.62 -13.16
CA GLY D 218 6.70 -7.81 -14.14
C GLY D 218 6.17 -8.46 -15.38
N MET D 219 7.08 -8.87 -16.27
CA MET D 219 6.69 -9.22 -17.66
C MET D 219 7.20 -10.59 -18.04
N SER D 220 7.39 -11.50 -17.07
CA SER D 220 7.91 -12.86 -17.40
C SER D 220 7.46 -13.89 -16.38
N THR D 221 8.16 -15.03 -16.36
CA THR D 221 8.26 -15.94 -15.20
C THR D 221 7.03 -16.84 -15.10
N VAL D 222 5.84 -16.27 -15.10
CA VAL D 222 4.59 -17.05 -14.88
C VAL D 222 4.47 -18.18 -15.90
N PRO D 223 4.72 -17.95 -17.21
CA PRO D 223 4.67 -19.03 -18.18
C PRO D 223 5.62 -20.21 -17.87
N GLU D 224 6.89 -19.89 -17.55
CA GLU D 224 7.95 -20.88 -17.25
C GLU D 224 7.51 -21.73 -16.04
N VAL D 225 7.00 -21.05 -15.00
CA VAL D 225 6.54 -21.73 -13.77
C VAL D 225 5.40 -22.69 -14.08
N ILE D 226 4.44 -22.28 -14.93
CA ILE D 226 3.29 -23.14 -15.27
C ILE D 226 3.78 -24.39 -15.98
N VAL D 227 4.66 -24.21 -16.97
CA VAL D 227 5.23 -25.38 -17.70
C VAL D 227 6.07 -26.23 -16.73
N ALA D 228 6.85 -25.64 -15.83
CA ALA D 228 7.67 -26.38 -14.86
C ALA D 228 6.78 -27.27 -13.99
N ARG D 229 5.72 -26.69 -13.44
CA ARG D 229 4.78 -27.43 -12.54
C ARG D 229 4.06 -28.51 -13.35
N HIS D 230 3.66 -28.21 -14.58
CA HIS D 230 3.04 -29.22 -15.49
C HIS D 230 3.94 -30.48 -15.57
N CYS D 231 5.26 -30.29 -15.69
CA CYS D 231 6.21 -31.43 -15.89
CA CYS D 231 6.30 -31.35 -15.88
C CYS D 231 6.74 -31.96 -14.55
N GLY D 232 6.28 -31.42 -13.42
CA GLY D 232 6.57 -31.93 -12.08
C GLY D 232 7.83 -31.37 -11.44
N LEU D 233 8.39 -30.27 -11.93
CA LEU D 233 9.61 -29.65 -11.33
C LEU D 233 9.21 -28.95 -10.05
N ARG D 234 10.16 -28.91 -9.10
CA ARG D 234 10.01 -28.07 -7.88
C ARG D 234 10.43 -26.67 -8.34
N VAL D 235 9.74 -25.62 -7.88
CA VAL D 235 9.95 -24.22 -8.34
C VAL D 235 10.23 -23.31 -7.15
N PHE D 236 11.27 -22.48 -7.27
CA PHE D 236 11.59 -21.40 -6.31
C PHE D 236 11.82 -20.16 -7.18
N GLY D 237 11.40 -19.01 -6.73
CA GLY D 237 11.56 -17.79 -7.52
C GLY D 237 11.68 -16.55 -6.67
N PHE D 238 12.29 -15.51 -7.24
CA PHE D 238 12.27 -14.19 -6.58
C PHE D 238 12.37 -13.07 -7.62
N SER D 239 11.91 -11.92 -7.18
CA SER D 239 11.89 -10.64 -7.91
C SER D 239 12.90 -9.71 -7.25
N LEU D 240 13.75 -9.07 -8.04
CA LEU D 240 14.39 -7.81 -7.63
C LEU D 240 13.45 -6.63 -7.88
N ILE D 241 13.05 -5.92 -6.82
CA ILE D 241 12.24 -4.68 -6.88
C ILE D 241 13.16 -3.57 -7.42
N THR D 242 12.99 -3.21 -8.69
CA THR D 242 13.87 -2.26 -9.40
C THR D 242 13.34 -0.84 -9.27
N ASN D 243 12.06 -0.67 -8.93
CA ASN D 243 11.38 0.65 -8.94
C ASN D 243 10.07 0.54 -8.19
N LYS D 244 9.61 1.66 -7.61
CA LYS D 244 8.25 1.74 -7.01
C LYS D 244 7.32 2.25 -8.10
N VAL D 245 6.28 1.47 -8.47
CA VAL D 245 5.38 1.89 -9.57
C VAL D 245 4.69 3.19 -9.14
N ILE D 246 4.46 4.12 -10.08
CA ILE D 246 3.85 5.44 -9.75
C ILE D 246 2.37 5.24 -9.45
N MET D 247 1.91 5.69 -8.27
CA MET D 247 0.53 5.44 -7.80
C MET D 247 -0.24 6.75 -7.53
N ASP D 248 0.29 7.92 -7.93
CA ASP D 248 -0.47 9.20 -7.82
C ASP D 248 -0.12 10.14 -8.99
N TYR D 249 -1.02 11.07 -9.30
CA TYR D 249 -0.94 11.96 -10.49
C TYR D 249 0.03 13.13 -10.26
N GLU D 250 0.35 13.44 -9.01
CA GLU D 250 1.28 14.56 -8.65
C GLU D 250 2.69 14.26 -9.20
N SER D 251 3.21 13.06 -8.90
CA SER D 251 4.61 12.64 -9.22
C SER D 251 4.98 13.01 -10.66
N LEU D 252 6.20 13.50 -10.87
CA LEU D 252 6.80 13.70 -12.23
C LEU D 252 7.84 12.62 -12.52
N GLU D 253 8.06 11.68 -11.59
CA GLU D 253 8.80 10.42 -11.84
C GLU D 253 8.00 9.55 -12.82
N LYS D 254 8.70 8.90 -13.75
CA LYS D 254 8.17 7.85 -14.65
C LYS D 254 9.09 6.62 -14.60
N ALA D 255 8.49 5.44 -14.75
CA ALA D 255 9.21 4.17 -14.90
C ALA D 255 9.99 4.22 -16.22
N ASN D 256 11.21 3.73 -16.21
CA ASN D 256 12.08 3.70 -17.42
C ASN D 256 13.01 2.49 -17.32
N HIS D 257 13.40 1.93 -18.47
CA HIS D 257 14.26 0.74 -18.58
C HIS D 257 15.63 1.03 -17.94
N GLU D 258 16.13 2.26 -18.10
CA GLU D 258 17.49 2.63 -17.60
C GLU D 258 17.54 2.41 -16.09
N GLU D 259 16.49 2.83 -15.34
CA GLU D 259 16.43 2.67 -13.87
C GLU D 259 16.36 1.18 -13.51
N VAL D 260 15.64 0.37 -14.31
CA VAL D 260 15.55 -1.11 -14.12
C VAL D 260 16.95 -1.71 -14.27
N LEU D 261 17.66 -1.37 -15.33
CA LEU D 261 19.06 -1.86 -15.55
C LEU D 261 19.94 -1.44 -14.37
N ALA D 262 19.86 -0.17 -13.96
CA ALA D 262 20.76 0.40 -12.94
C ALA D 262 20.53 -0.31 -11.58
N ALA D 263 19.27 -0.57 -11.21
CA ALA D 263 18.89 -1.28 -9.96
C ALA D 263 19.40 -2.73 -10.00
N GLY D 264 19.30 -3.36 -11.17
CA GLY D 264 19.84 -4.71 -11.43
C GLY D 264 21.31 -4.77 -11.18
N LYS D 265 22.07 -3.84 -11.78
CA LYS D 265 23.54 -3.75 -11.65
C LYS D 265 23.90 -3.57 -10.17
N GLN D 266 23.17 -2.71 -9.46
CA GLN D 266 23.46 -2.36 -8.03
C GLN D 266 23.24 -3.58 -7.13
N ALA D 267 22.25 -4.41 -7.41
CA ALA D 267 21.86 -5.58 -6.58
C ALA D 267 22.62 -6.85 -6.98
N ALA D 268 23.31 -6.83 -8.12
CA ALA D 268 23.86 -8.05 -8.77
C ALA D 268 24.71 -8.89 -7.81
N GLN D 269 25.66 -8.29 -7.08
CA GLN D 269 26.60 -9.03 -6.19
C GLN D 269 25.79 -9.73 -5.08
N LYS D 270 24.86 -9.00 -4.46
CA LYS D 270 23.95 -9.52 -3.39
C LYS D 270 23.12 -10.69 -3.93
N LEU D 271 22.48 -10.53 -5.10
CA LEU D 271 21.59 -11.59 -5.66
C LEU D 271 22.39 -12.86 -5.98
N GLU D 272 23.54 -12.69 -6.63
CA GLU D 272 24.45 -13.79 -7.03
C GLU D 272 24.88 -14.58 -5.80
N GLN D 273 25.30 -13.89 -4.73
CA GLN D 273 25.77 -14.52 -3.48
C GLN D 273 24.62 -15.35 -2.89
N PHE D 274 23.42 -14.75 -2.82
CA PHE D 274 22.21 -15.36 -2.24
C PHE D 274 21.86 -16.67 -2.97
N VAL D 275 21.77 -16.60 -4.30
CA VAL D 275 21.42 -17.81 -5.11
C VAL D 275 22.49 -18.90 -4.90
N SER D 276 23.77 -18.54 -4.99
CA SER D 276 24.93 -19.45 -4.83
C SER D 276 24.79 -20.19 -3.50
N ILE D 277 24.62 -19.47 -2.39
CA ILE D 277 24.53 -20.08 -1.03
C ILE D 277 23.29 -20.98 -0.98
N LEU D 278 22.18 -20.52 -1.57
CA LEU D 278 20.89 -21.25 -1.55
C LEU D 278 20.99 -22.62 -2.24
N MET D 279 21.87 -22.79 -3.21
CA MET D 279 22.08 -24.11 -3.88
C MET D 279 22.27 -25.22 -2.83
N ALA D 280 22.99 -24.91 -1.74
CA ALA D 280 23.34 -25.88 -0.67
C ALA D 280 22.06 -26.38 0.02
N SER D 281 20.99 -25.58 0.00
CA SER D 281 19.69 -25.87 0.67
C SER D 281 18.72 -26.66 -0.21
N ILE D 282 19.01 -26.85 -1.50
CA ILE D 282 18.06 -27.57 -2.40
C ILE D 282 18.11 -29.06 -2.06
N PRO D 283 16.96 -29.77 -1.97
CA PRO D 283 16.95 -31.21 -1.78
C PRO D 283 17.78 -31.94 -2.86
N LEU D 284 18.37 -33.08 -2.50
CA LEU D 284 19.04 -33.94 -3.51
C LEU D 284 17.95 -34.65 -4.33
N GLY E 4 -13.72 -18.20 -40.07
CA GLY E 4 -13.48 -19.17 -41.17
C GLY E 4 -14.77 -19.67 -41.80
N TYR E 5 -15.93 -19.39 -41.22
CA TYR E 5 -17.27 -19.83 -41.77
C TYR E 5 -17.99 -18.69 -42.49
N THR E 6 -18.55 -18.99 -43.66
CA THR E 6 -19.52 -18.10 -44.36
C THR E 6 -20.92 -18.38 -43.83
N TYR E 7 -21.85 -17.45 -44.01
CA TYR E 7 -23.27 -17.67 -43.71
C TYR E 7 -23.75 -18.99 -44.37
N GLU E 8 -23.34 -19.21 -45.62
CA GLU E 8 -23.76 -20.37 -46.45
C GLU E 8 -23.29 -21.69 -45.81
N ASP E 9 -22.12 -21.69 -45.15
CA ASP E 9 -21.60 -22.84 -44.38
C ASP E 9 -22.60 -23.19 -43.25
N TYR E 10 -23.01 -22.22 -42.46
CA TYR E 10 -24.01 -22.46 -41.37
C TYR E 10 -25.28 -23.03 -41.99
N LYS E 11 -25.75 -22.41 -43.07
CA LYS E 11 -27.02 -22.80 -43.76
C LYS E 11 -26.89 -24.23 -44.27
N ASN E 12 -25.75 -24.57 -44.87
CA ASN E 12 -25.48 -25.92 -45.43
C ASN E 12 -25.56 -26.97 -44.31
N THR E 13 -24.94 -26.71 -43.17
CA THR E 13 -24.96 -27.60 -41.98
C THR E 13 -26.42 -27.78 -41.53
N ALA E 14 -27.15 -26.68 -41.34
CA ALA E 14 -28.55 -26.70 -40.88
C ALA E 14 -29.40 -27.56 -41.84
N GLU E 15 -29.26 -27.29 -43.15
CA GLU E 15 -30.06 -27.98 -44.21
C GLU E 15 -29.73 -29.47 -44.18
N TRP E 16 -28.47 -29.85 -44.02
CA TRP E 16 -28.05 -31.26 -43.94
C TRP E 16 -28.77 -31.95 -42.78
N LEU E 17 -28.70 -31.37 -41.58
CA LEU E 17 -29.36 -31.97 -40.39
C LEU E 17 -30.88 -32.07 -40.62
N LEU E 18 -31.51 -31.00 -41.13
CA LEU E 18 -32.98 -30.96 -41.34
C LEU E 18 -33.40 -32.02 -42.36
N SER E 19 -32.55 -32.36 -43.32
CA SER E 19 -32.86 -33.37 -44.37
C SER E 19 -32.58 -34.79 -43.84
N HIS E 20 -31.75 -34.90 -42.80
CA HIS E 20 -31.30 -36.21 -42.26
C HIS E 20 -32.08 -36.67 -41.02
N THR E 21 -32.83 -35.78 -40.41
CA THR E 21 -33.76 -36.12 -39.28
C THR E 21 -35.11 -35.46 -39.56
N LYS E 22 -36.19 -36.10 -39.14
CA LYS E 22 -37.54 -35.50 -39.11
C LYS E 22 -37.72 -34.69 -37.83
N HIS E 23 -36.80 -34.83 -36.86
CA HIS E 23 -36.87 -34.10 -35.57
C HIS E 23 -36.70 -32.60 -35.82
N ARG E 24 -37.50 -31.79 -35.14
CA ARG E 24 -37.45 -30.32 -35.18
C ARG E 24 -37.30 -29.85 -33.73
N PRO E 25 -36.06 -29.66 -33.24
CA PRO E 25 -35.87 -29.27 -31.85
C PRO E 25 -36.34 -27.85 -31.57
N GLN E 26 -36.94 -27.64 -30.40
CA GLN E 26 -37.18 -26.29 -29.82
C GLN E 26 -36.02 -25.93 -28.89
N VAL E 27 -35.42 -26.92 -28.24
CA VAL E 27 -34.45 -26.71 -27.13
C VAL E 27 -33.13 -27.36 -27.50
N ALA E 28 -32.02 -26.61 -27.41
CA ALA E 28 -30.66 -27.17 -27.51
C ALA E 28 -30.12 -27.28 -26.08
N ILE E 29 -29.52 -28.43 -25.77
CA ILE E 29 -28.89 -28.68 -24.46
C ILE E 29 -27.40 -28.96 -24.69
N ILE E 30 -26.54 -28.09 -24.17
CA ILE E 30 -25.06 -28.29 -24.23
C ILE E 30 -24.68 -28.93 -22.90
N CYS E 31 -24.41 -30.24 -22.98
CA CYS E 31 -24.25 -31.09 -21.79
C CYS E 31 -22.86 -30.83 -21.22
N GLY E 32 -22.81 -30.33 -19.99
CA GLY E 32 -21.58 -30.20 -19.20
C GLY E 32 -21.34 -31.42 -18.33
N SER E 33 -20.44 -31.27 -17.36
CA SER E 33 -20.04 -32.31 -16.38
C SER E 33 -21.29 -32.83 -15.65
N GLY E 34 -21.47 -34.16 -15.63
CA GLY E 34 -22.59 -34.83 -14.96
C GLY E 34 -23.74 -35.20 -15.91
N LEU E 35 -23.76 -34.66 -17.13
CA LEU E 35 -24.88 -34.85 -18.09
C LEU E 35 -24.48 -35.77 -19.25
N GLY E 36 -23.40 -36.54 -19.10
CA GLY E 36 -22.99 -37.57 -20.07
C GLY E 36 -24.16 -38.43 -20.53
N GLY E 37 -25.01 -38.88 -19.61
CA GLY E 37 -26.04 -39.90 -19.86
C GLY E 37 -27.44 -39.32 -20.03
N LEU E 38 -27.58 -38.00 -20.15
CA LEU E 38 -28.90 -37.35 -20.38
C LEU E 38 -29.55 -37.91 -21.65
N THR E 39 -28.78 -38.21 -22.67
CA THR E 39 -29.27 -38.74 -23.96
C THR E 39 -30.00 -40.06 -23.70
N ASP E 40 -29.63 -40.78 -22.64
CA ASP E 40 -30.22 -42.10 -22.27
C ASP E 40 -31.69 -41.94 -21.89
N LYS E 41 -32.14 -40.72 -21.58
CA LYS E 41 -33.56 -40.46 -21.23
C LYS E 41 -34.39 -40.01 -22.43
N LEU E 42 -33.80 -39.79 -23.59
CA LEU E 42 -34.53 -39.33 -24.79
C LEU E 42 -35.45 -40.45 -25.31
N THR E 43 -36.63 -40.09 -25.82
CA THR E 43 -37.44 -40.97 -26.70
C THR E 43 -37.13 -40.61 -28.15
N GLN E 44 -37.33 -41.57 -29.05
CA GLN E 44 -37.07 -41.41 -30.52
C GLN E 44 -35.68 -40.83 -30.74
N ALA E 45 -34.66 -41.36 -30.05
CA ALA E 45 -33.28 -40.83 -30.09
C ALA E 45 -32.68 -41.03 -31.50
N GLN E 46 -32.04 -40.01 -32.07
CA GLN E 46 -31.35 -40.14 -33.37
C GLN E 46 -29.99 -39.44 -33.25
N ILE E 47 -28.92 -40.18 -33.49
CA ILE E 47 -27.50 -39.81 -33.18
C ILE E 47 -26.79 -39.41 -34.47
N PHE E 48 -26.11 -38.25 -34.46
CA PHE E 48 -25.15 -37.88 -35.55
C PHE E 48 -23.79 -37.63 -34.91
N ASP E 49 -22.78 -38.40 -35.33
CA ASP E 49 -21.38 -38.14 -34.91
C ASP E 49 -20.97 -36.82 -35.56
N TYR E 50 -20.25 -35.98 -34.83
CA TYR E 50 -19.77 -34.67 -35.37
C TYR E 50 -19.13 -34.91 -36.75
N GLY E 51 -18.38 -36.00 -36.90
CA GLY E 51 -17.66 -36.37 -38.13
C GLY E 51 -18.55 -36.45 -39.36
N GLU E 52 -19.83 -36.81 -39.21
CA GLU E 52 -20.80 -36.96 -40.34
C GLU E 52 -21.33 -35.60 -40.79
N ILE E 53 -21.31 -34.61 -39.88
CA ILE E 53 -22.05 -33.34 -40.05
C ILE E 53 -21.14 -32.37 -40.80
N PRO E 54 -21.62 -31.81 -41.94
CA PRO E 54 -20.84 -30.81 -42.68
C PRO E 54 -20.39 -29.67 -41.76
N ASN E 55 -19.11 -29.30 -41.83
CA ASN E 55 -18.53 -28.05 -41.27
C ASN E 55 -18.37 -28.10 -39.74
N PHE E 56 -18.75 -29.19 -39.10
CA PHE E 56 -18.54 -29.35 -37.63
C PHE E 56 -17.05 -29.40 -37.34
N PRO E 57 -16.57 -28.67 -36.32
CA PRO E 57 -15.16 -28.76 -35.92
C PRO E 57 -14.73 -30.20 -35.63
N GLY E 66 -17.45 -36.96 -30.06
CA GLY E 66 -18.57 -36.02 -29.89
C GLY E 66 -19.77 -36.37 -30.75
N ARG E 67 -20.99 -36.13 -30.24
CA ARG E 67 -22.24 -36.46 -30.97
C ARG E 67 -23.34 -35.42 -30.71
N LEU E 68 -24.16 -35.22 -31.73
CA LEU E 68 -25.46 -34.48 -31.67
C LEU E 68 -26.56 -35.53 -31.60
N VAL E 69 -27.41 -35.48 -30.57
CA VAL E 69 -28.54 -36.44 -30.44
C VAL E 69 -29.86 -35.67 -30.42
N PHE E 70 -30.74 -35.98 -31.37
CA PHE E 70 -32.10 -35.39 -31.48
C PHE E 70 -33.10 -36.35 -30.82
N GLY E 71 -34.11 -35.80 -30.15
CA GLY E 71 -35.23 -36.62 -29.64
C GLY E 71 -36.15 -35.82 -28.76
N PHE E 72 -36.94 -36.51 -27.96
CA PHE E 72 -37.87 -35.90 -26.98
C PHE E 72 -37.35 -36.17 -25.58
N LEU E 73 -37.20 -35.12 -24.79
CA LEU E 73 -36.90 -35.24 -23.35
C LEU E 73 -38.16 -34.83 -22.61
N ASN E 74 -38.81 -35.80 -21.97
CA ASN E 74 -40.06 -35.53 -21.21
C ASN E 74 -41.07 -34.94 -22.22
N GLY E 75 -41.03 -35.36 -23.48
CA GLY E 75 -41.97 -34.98 -24.53
C GLY E 75 -41.66 -33.63 -25.18
N ARG E 76 -40.53 -33.01 -24.87
CA ARG E 76 -40.10 -31.71 -25.44
C ARG E 76 -39.05 -32.00 -26.51
N ALA E 77 -39.24 -31.45 -27.71
CA ALA E 77 -38.35 -31.68 -28.87
C ALA E 77 -37.01 -31.01 -28.59
N CYS E 78 -35.91 -31.79 -28.56
CA CYS E 78 -34.57 -31.29 -28.11
CA CYS E 78 -34.58 -31.24 -28.16
C CYS E 78 -33.46 -31.82 -29.03
N VAL E 79 -32.32 -31.14 -29.02
CA VAL E 79 -31.06 -31.62 -29.62
C VAL E 79 -30.01 -31.42 -28.54
N MET E 80 -29.24 -32.48 -28.26
CA MET E 80 -28.23 -32.50 -27.19
C MET E 80 -26.84 -32.57 -27.81
N MET E 81 -25.96 -31.65 -27.40
CA MET E 81 -24.50 -31.68 -27.70
C MET E 81 -23.82 -32.50 -26.60
N GLN E 82 -23.27 -33.64 -26.99
CA GLN E 82 -22.51 -34.53 -26.09
C GLN E 82 -21.05 -34.42 -26.49
N GLY E 83 -20.27 -33.71 -25.68
CA GLY E 83 -18.92 -33.26 -26.04
C GLY E 83 -19.00 -31.82 -26.53
N ARG E 84 -18.33 -30.91 -25.83
CA ARG E 84 -18.30 -29.48 -26.22
C ARG E 84 -16.83 -29.10 -26.40
N PHE E 85 -16.60 -28.11 -27.24
CA PHE E 85 -15.25 -27.59 -27.59
C PHE E 85 -14.88 -26.50 -26.58
N HIS E 86 -13.60 -26.49 -26.20
CA HIS E 86 -13.07 -25.56 -25.17
C HIS E 86 -11.93 -24.77 -25.78
N MET E 87 -11.84 -23.50 -25.38
CA MET E 87 -10.70 -22.60 -25.68
C MET E 87 -9.37 -23.29 -25.34
N TYR E 88 -9.27 -23.98 -24.21
CA TYR E 88 -7.98 -24.56 -23.73
C TYR E 88 -7.51 -25.66 -24.70
N GLU E 89 -8.40 -26.26 -25.50
CA GLU E 89 -8.05 -27.33 -26.47
C GLU E 89 -7.33 -26.73 -27.69
N GLY E 90 -7.36 -25.41 -27.86
CA GLY E 90 -6.74 -24.69 -29.00
C GLY E 90 -7.74 -24.18 -30.02
N TYR E 91 -9.02 -24.53 -29.90
CA TYR E 91 -10.09 -24.08 -30.82
C TYR E 91 -10.28 -22.56 -30.70
N PRO E 92 -10.30 -21.84 -31.84
CA PRO E 92 -10.84 -20.50 -31.91
C PRO E 92 -12.32 -20.45 -31.47
N LEU E 93 -12.76 -19.30 -30.96
CA LEU E 93 -14.14 -19.16 -30.43
C LEU E 93 -15.17 -19.30 -31.57
N TRP E 94 -14.77 -19.04 -32.82
CA TRP E 94 -15.71 -19.19 -33.97
C TRP E 94 -15.94 -20.68 -34.27
N LYS E 95 -15.06 -21.56 -33.83
CA LYS E 95 -15.26 -23.03 -33.85
C LYS E 95 -16.05 -23.46 -32.60
N VAL E 96 -15.63 -22.97 -31.44
CA VAL E 96 -16.28 -23.33 -30.15
C VAL E 96 -17.81 -23.12 -30.30
N THR E 97 -18.23 -22.01 -30.87
CA THR E 97 -19.65 -21.52 -30.84
C THR E 97 -20.39 -21.82 -32.14
N PHE E 98 -19.73 -22.44 -33.12
CA PHE E 98 -20.35 -22.76 -34.44
C PHE E 98 -21.68 -23.51 -34.23
N PRO E 99 -21.78 -24.51 -33.34
CA PRO E 99 -23.03 -25.24 -33.16
C PRO E 99 -24.22 -24.36 -32.77
N VAL E 100 -23.97 -23.28 -32.01
CA VAL E 100 -25.07 -22.40 -31.54
C VAL E 100 -25.75 -21.71 -32.74
N ARG E 101 -24.96 -21.19 -33.67
CA ARG E 101 -25.49 -20.62 -34.95
C ARG E 101 -26.37 -21.66 -35.65
N VAL E 102 -25.86 -22.89 -35.75
CA VAL E 102 -26.57 -24.02 -36.42
C VAL E 102 -27.90 -24.24 -35.67
N PHE E 103 -27.89 -24.26 -34.34
CA PHE E 103 -29.10 -24.48 -33.52
C PHE E 103 -30.18 -23.43 -33.87
N HIS E 104 -29.80 -22.18 -33.93
CA HIS E 104 -30.69 -21.08 -34.37
C HIS E 104 -31.34 -21.43 -35.73
N LEU E 105 -30.52 -21.84 -36.70
CA LEU E 105 -31.01 -22.14 -38.07
C LEU E 105 -31.88 -23.39 -38.08
N LEU E 106 -31.75 -24.28 -37.07
CA LEU E 106 -32.64 -25.48 -36.96
C LEU E 106 -34.04 -25.08 -36.48
N GLY E 107 -34.17 -23.92 -35.83
CA GLY E 107 -35.43 -23.40 -35.28
C GLY E 107 -35.45 -23.43 -33.75
N VAL E 108 -34.33 -23.80 -33.11
CA VAL E 108 -34.20 -23.82 -31.63
C VAL E 108 -34.45 -22.39 -31.14
N ASP E 109 -35.24 -22.23 -30.07
CA ASP E 109 -35.47 -20.89 -29.51
C ASP E 109 -34.92 -20.81 -28.09
N THR E 110 -34.48 -21.94 -27.50
CA THR E 110 -33.99 -21.98 -26.11
C THR E 110 -32.68 -22.77 -26.05
N LEU E 111 -31.67 -22.20 -25.39
CA LEU E 111 -30.41 -22.89 -25.07
C LEU E 111 -30.35 -23.16 -23.56
N VAL E 112 -30.21 -24.43 -23.21
CA VAL E 112 -29.84 -24.90 -21.85
C VAL E 112 -28.34 -25.26 -21.89
N VAL E 113 -27.55 -24.62 -21.06
CA VAL E 113 -26.06 -24.79 -21.05
C VAL E 113 -25.67 -25.26 -19.66
N THR E 114 -24.89 -26.33 -19.53
CA THR E 114 -24.43 -26.78 -18.20
C THR E 114 -22.91 -26.90 -18.20
N ASN E 115 -22.33 -26.86 -17.01
CA ASN E 115 -20.86 -27.00 -16.85
C ASN E 115 -20.51 -27.46 -15.45
N ALA E 116 -19.22 -27.71 -15.25
CA ALA E 116 -18.61 -27.86 -13.92
C ALA E 116 -18.04 -26.50 -13.53
N ALA E 117 -18.00 -26.19 -12.24
CA ALA E 117 -17.31 -24.99 -11.75
C ALA E 117 -16.67 -25.24 -10.40
N GLY E 118 -15.60 -24.50 -10.13
CA GLY E 118 -15.03 -24.38 -8.79
C GLY E 118 -15.85 -23.40 -7.99
N GLY E 119 -16.13 -23.73 -6.72
CA GLY E 119 -16.87 -22.80 -5.81
C GLY E 119 -15.95 -21.68 -5.30
N LEU E 120 -16.31 -20.41 -5.57
CA LEU E 120 -15.61 -19.24 -5.00
C LEU E 120 -16.37 -18.72 -3.78
N ASN E 121 -17.71 -18.81 -3.83
CA ASN E 121 -18.62 -18.47 -2.69
C ASN E 121 -18.42 -19.53 -1.61
N PRO E 122 -17.93 -19.15 -0.41
CA PRO E 122 -17.69 -20.13 0.65
C PRO E 122 -18.96 -20.85 1.15
N LYS E 123 -20.16 -20.37 0.79
CA LYS E 123 -21.42 -21.05 1.18
C LYS E 123 -21.65 -22.28 0.30
N PHE E 124 -21.00 -22.36 -0.86
CA PHE E 124 -21.20 -23.48 -1.82
C PHE E 124 -20.52 -24.75 -1.30
N GLU E 125 -21.17 -25.90 -1.48
CA GLU E 125 -20.57 -27.24 -1.13
C GLU E 125 -20.47 -28.06 -2.43
N VAL E 126 -19.53 -28.99 -2.47
CA VAL E 126 -19.37 -29.95 -3.62
C VAL E 126 -20.73 -30.64 -3.83
N GLY E 127 -21.20 -30.73 -5.07
CA GLY E 127 -22.50 -31.32 -5.43
C GLY E 127 -23.61 -30.29 -5.57
N ASP E 128 -23.40 -29.07 -5.09
CA ASP E 128 -24.34 -27.93 -5.25
C ASP E 128 -24.54 -27.63 -6.72
N ILE E 129 -25.76 -27.25 -7.08
CA ILE E 129 -26.13 -26.76 -8.42
C ILE E 129 -26.31 -25.25 -8.29
N MET E 130 -25.59 -24.48 -9.09
CA MET E 130 -25.68 -23.01 -9.07
C MET E 130 -26.36 -22.59 -10.36
N LEU E 131 -27.59 -22.09 -10.26
CA LEU E 131 -28.23 -21.40 -11.39
C LEU E 131 -27.37 -20.19 -11.73
N ILE E 132 -27.06 -20.04 -13.00
CA ILE E 132 -26.25 -18.91 -13.49
C ILE E 132 -27.21 -17.73 -13.69
N ARG E 133 -27.08 -16.72 -12.84
CA ARG E 133 -27.85 -15.45 -12.94
C ARG E 133 -27.11 -14.48 -13.85
N ASP E 134 -25.79 -14.63 -13.95
CA ASP E 134 -24.94 -13.66 -14.68
C ASP E 134 -23.56 -14.27 -14.90
N HIS E 135 -22.76 -13.61 -15.74
CA HIS E 135 -21.36 -14.07 -15.93
C HIS E 135 -20.42 -12.87 -16.01
N ILE E 136 -19.14 -13.18 -15.85
CA ILE E 136 -17.99 -12.26 -16.03
C ILE E 136 -17.11 -12.90 -17.11
N ASN E 137 -17.01 -12.24 -18.24
CA ASN E 137 -16.29 -12.77 -19.43
C ASN E 137 -14.86 -12.21 -19.44
N LEU E 138 -13.94 -12.82 -18.69
CA LEU E 138 -12.55 -12.28 -18.63
C LEU E 138 -11.87 -12.38 -19.99
N PRO E 139 -11.97 -13.48 -20.76
CA PRO E 139 -11.36 -13.49 -22.10
C PRO E 139 -11.96 -12.40 -23.02
N GLY E 140 -13.28 -12.18 -22.93
CA GLY E 140 -14.01 -11.16 -23.69
C GLY E 140 -13.38 -9.77 -23.57
N PHE E 141 -13.07 -9.35 -22.36
CA PHE E 141 -12.49 -8.01 -22.08
C PHE E 141 -11.30 -7.75 -22.99
N SER E 142 -10.43 -8.75 -23.16
CA SER E 142 -9.11 -8.60 -23.82
C SER E 142 -9.16 -9.00 -25.30
N GLY E 143 -10.34 -9.32 -25.84
CA GLY E 143 -10.52 -9.53 -27.30
C GLY E 143 -11.07 -10.89 -27.66
N GLN E 144 -11.02 -11.88 -26.77
CA GLN E 144 -11.51 -13.25 -27.03
C GLN E 144 -13.03 -13.28 -26.82
N ASN E 145 -13.77 -12.60 -27.70
CA ASN E 145 -15.26 -12.55 -27.77
C ASN E 145 -15.63 -13.21 -29.09
N PRO E 146 -16.58 -14.18 -29.10
CA PRO E 146 -16.89 -14.93 -30.32
C PRO E 146 -17.49 -14.06 -31.42
N LEU E 147 -17.95 -12.84 -31.09
CA LEU E 147 -18.61 -11.92 -32.06
C LEU E 147 -17.56 -11.03 -32.75
N ARG E 148 -16.29 -11.10 -32.35
CA ARG E 148 -15.19 -10.32 -32.97
C ARG E 148 -15.15 -10.65 -34.47
N GLY E 149 -15.09 -9.62 -35.30
CA GLY E 149 -15.05 -9.80 -36.75
C GLY E 149 -16.31 -9.23 -37.38
N PRO E 150 -16.47 -9.37 -38.71
CA PRO E 150 -17.63 -8.81 -39.40
C PRO E 150 -18.92 -9.36 -38.78
N ASN E 151 -19.95 -8.51 -38.63
CA ASN E 151 -21.26 -8.94 -38.10
C ASN E 151 -22.15 -9.33 -39.27
N ASP E 152 -22.91 -10.42 -39.16
CA ASP E 152 -23.99 -10.76 -40.12
C ASP E 152 -25.35 -10.46 -39.47
N GLU E 153 -26.08 -9.48 -40.00
CA GLU E 153 -27.37 -9.00 -39.44
C GLU E 153 -28.42 -10.11 -39.54
N ARG E 154 -28.22 -11.10 -40.41
CA ARG E 154 -29.12 -12.27 -40.45
C ARG E 154 -29.05 -13.06 -39.14
N PHE E 155 -27.93 -13.02 -38.40
CA PHE E 155 -27.87 -13.62 -37.03
C PHE E 155 -28.30 -12.62 -35.97
N GLY E 156 -27.77 -11.39 -36.02
CA GLY E 156 -28.15 -10.38 -35.02
C GLY E 156 -27.40 -9.08 -35.13
N ASP E 157 -27.50 -8.28 -34.09
CA ASP E 157 -27.01 -6.88 -34.03
C ASP E 157 -25.49 -6.86 -33.89
N ARG E 158 -24.85 -5.80 -34.38
CA ARG E 158 -23.39 -5.61 -34.25
C ARG E 158 -23.01 -5.54 -32.77
N PHE E 159 -23.79 -4.85 -31.93
CA PHE E 159 -23.47 -4.55 -30.52
C PHE E 159 -24.59 -5.01 -29.60
N PRO E 160 -24.77 -6.34 -29.42
CA PRO E 160 -25.86 -6.87 -28.59
C PRO E 160 -25.63 -6.68 -27.09
N ALA E 161 -26.71 -6.39 -26.37
CA ALA E 161 -26.72 -6.31 -24.89
C ALA E 161 -26.64 -7.72 -24.31
N MET E 162 -25.93 -7.86 -23.19
CA MET E 162 -25.72 -9.13 -22.44
C MET E 162 -26.25 -9.01 -21.00
N SER E 163 -26.76 -7.85 -20.60
CA SER E 163 -27.20 -7.59 -19.20
C SER E 163 -28.41 -8.46 -18.84
N ASP E 164 -29.16 -8.96 -19.84
CA ASP E 164 -30.36 -9.80 -19.60
C ASP E 164 -30.11 -11.20 -20.18
N ALA E 165 -28.85 -11.67 -20.18
CA ALA E 165 -28.51 -12.90 -20.94
C ALA E 165 -29.25 -14.13 -20.36
N TYR E 166 -29.41 -14.21 -19.03
CA TYR E 166 -29.92 -15.43 -18.37
C TYR E 166 -31.39 -15.20 -17.98
N ASP E 167 -32.26 -15.76 -18.80
CA ASP E 167 -33.74 -15.56 -18.74
C ASP E 167 -34.25 -15.60 -17.29
N ARG E 168 -34.86 -14.52 -16.84
CA ARG E 168 -35.37 -14.38 -15.43
C ARG E 168 -36.44 -15.46 -15.14
N THR E 169 -37.41 -15.61 -16.04
CA THR E 169 -38.55 -16.57 -15.93
C THR E 169 -38.04 -17.99 -15.71
N MET E 170 -37.11 -18.46 -16.55
CA MET E 170 -36.55 -19.83 -16.46
C MET E 170 -35.85 -20.02 -15.11
N ARG E 171 -35.17 -19.01 -14.56
CA ARG E 171 -34.51 -19.14 -13.25
C ARG E 171 -35.59 -19.30 -12.16
N GLN E 172 -36.71 -18.58 -12.28
CA GLN E 172 -37.85 -18.66 -11.32
C GLN E 172 -38.48 -20.06 -11.40
N ARG E 173 -38.69 -20.58 -12.62
CA ARG E 173 -39.29 -21.92 -12.84
C ARG E 173 -38.33 -23.03 -12.44
N ALA E 174 -37.01 -22.82 -12.58
CA ALA E 174 -35.98 -23.78 -12.10
C ALA E 174 -36.05 -23.90 -10.58
N LEU E 175 -36.17 -22.77 -9.87
CA LEU E 175 -36.29 -22.75 -8.39
C LEU E 175 -37.57 -23.52 -7.99
N SER E 176 -38.72 -23.21 -8.60
CA SER E 176 -40.02 -23.89 -8.29
C SER E 176 -39.96 -25.37 -8.63
N THR E 177 -39.40 -25.78 -9.79
CA THR E 177 -39.21 -27.20 -10.18
C THR E 177 -38.40 -27.96 -9.13
N TRP E 178 -37.32 -27.33 -8.64
CA TRP E 178 -36.41 -27.96 -7.66
C TRP E 178 -37.19 -28.26 -6.38
N LYS E 179 -37.97 -27.28 -5.94
CA LYS E 179 -38.79 -27.33 -4.70
C LYS E 179 -39.77 -28.51 -4.78
N GLN E 180 -40.32 -28.77 -5.97
CA GLN E 180 -41.36 -29.82 -6.18
C GLN E 180 -40.69 -31.18 -6.27
N MET E 181 -39.37 -31.26 -6.47
CA MET E 181 -38.62 -32.54 -6.46
C MET E 181 -38.30 -32.97 -5.02
N GLY E 182 -38.59 -32.12 -4.03
CA GLY E 182 -38.32 -32.43 -2.62
C GLY E 182 -36.87 -32.85 -2.39
N GLU E 183 -35.92 -31.99 -2.76
CA GLU E 183 -34.45 -32.31 -2.70
C GLU E 183 -33.88 -31.90 -1.34
N GLN E 184 -32.92 -32.66 -0.84
CA GLN E 184 -32.30 -32.49 0.51
C GLN E 184 -31.74 -31.07 0.64
N ARG E 185 -31.05 -30.59 -0.39
CA ARG E 185 -30.28 -29.33 -0.35
C ARG E 185 -30.91 -28.37 -1.36
N GLU E 186 -30.81 -27.06 -1.09
CA GLU E 186 -31.39 -26.01 -1.96
C GLU E 186 -30.48 -25.76 -3.17
N LEU E 187 -31.06 -25.18 -4.21
CA LEU E 187 -30.35 -24.63 -5.37
C LEU E 187 -29.56 -23.40 -4.95
N GLN E 188 -28.38 -23.25 -5.52
CA GLN E 188 -27.63 -21.98 -5.36
C GLN E 188 -27.93 -21.11 -6.58
N GLU E 189 -27.59 -19.83 -6.51
CA GLU E 189 -27.73 -18.90 -7.66
C GLU E 189 -26.57 -17.88 -7.59
N GLY E 190 -25.91 -17.59 -8.72
CA GLY E 190 -24.88 -16.54 -8.70
C GLY E 190 -24.18 -16.36 -10.02
N THR E 191 -23.00 -15.74 -9.95
CA THR E 191 -22.24 -15.26 -11.13
C THR E 191 -21.16 -16.27 -11.49
N TYR E 192 -21.14 -16.70 -12.75
CA TYR E 192 -20.08 -17.56 -13.30
C TYR E 192 -19.02 -16.68 -13.96
N VAL E 193 -17.76 -16.89 -13.61
CA VAL E 193 -16.62 -16.25 -14.31
C VAL E 193 -15.98 -17.30 -15.20
N MET E 194 -15.82 -16.98 -16.47
CA MET E 194 -15.04 -17.86 -17.37
C MET E 194 -13.58 -17.41 -17.34
N VAL E 195 -12.70 -18.37 -17.14
CA VAL E 195 -11.23 -18.25 -17.39
C VAL E 195 -10.89 -19.26 -18.49
N ALA E 196 -9.80 -19.05 -19.20
CA ALA E 196 -9.45 -19.92 -20.37
C ALA E 196 -8.93 -21.29 -19.91
N GLY E 197 -8.33 -21.40 -18.72
CA GLY E 197 -7.54 -22.55 -18.27
C GLY E 197 -6.41 -22.89 -19.25
N PRO E 198 -5.91 -24.13 -19.32
CA PRO E 198 -6.47 -25.29 -18.63
C PRO E 198 -5.98 -25.59 -17.21
N SER E 199 -4.97 -24.86 -16.74
CA SER E 199 -4.45 -25.01 -15.36
C SER E 199 -5.46 -24.41 -14.37
N PHE E 200 -5.58 -25.00 -13.20
CA PHE E 200 -6.39 -24.49 -12.05
C PHE E 200 -5.74 -23.23 -11.45
N GLU E 201 -6.54 -22.48 -10.69
CA GLU E 201 -6.17 -21.13 -10.22
C GLU E 201 -5.23 -21.22 -9.02
N THR E 202 -4.38 -20.22 -8.89
CA THR E 202 -3.54 -20.01 -7.66
C THR E 202 -4.46 -19.47 -6.57
N VAL E 203 -4.00 -19.46 -5.34
CA VAL E 203 -4.74 -18.82 -4.21
C VAL E 203 -4.96 -17.33 -4.55
N ALA E 204 -3.91 -16.59 -4.96
CA ALA E 204 -4.00 -15.17 -5.34
C ALA E 204 -5.07 -14.95 -6.41
N GLU E 205 -5.07 -15.78 -7.47
CA GLU E 205 -6.10 -15.70 -8.54
C GLU E 205 -7.51 -15.94 -7.96
N CYS E 206 -7.67 -16.95 -7.10
CA CYS E 206 -8.97 -17.26 -6.47
CA CYS E 206 -8.98 -17.27 -6.47
C CYS E 206 -9.48 -16.02 -5.72
N ARG E 207 -8.59 -15.35 -4.98
CA ARG E 207 -8.94 -14.13 -4.22
C ARG E 207 -9.37 -13.02 -5.18
N VAL E 208 -8.71 -12.92 -6.33
CA VAL E 208 -9.07 -11.92 -7.38
C VAL E 208 -10.51 -12.20 -7.85
N LEU E 209 -10.81 -13.43 -8.27
CA LEU E 209 -12.12 -13.79 -8.84
C LEU E 209 -13.21 -13.55 -7.77
N GLN E 210 -12.95 -13.91 -6.52
CA GLN E 210 -13.86 -13.59 -5.38
C GLN E 210 -14.11 -12.08 -5.29
N LYS E 211 -13.06 -11.27 -5.29
CA LYS E 211 -13.21 -9.80 -5.15
C LYS E 211 -13.91 -9.20 -6.39
N LEU E 212 -13.82 -9.84 -7.57
CA LEU E 212 -14.56 -9.39 -8.77
C LEU E 212 -16.07 -9.71 -8.61
N GLY E 213 -16.45 -10.50 -7.62
CA GLY E 213 -17.85 -10.82 -7.32
C GLY E 213 -18.32 -12.10 -7.98
N ALA E 214 -17.40 -12.97 -8.39
CA ALA E 214 -17.74 -14.25 -9.04
C ALA E 214 -18.06 -15.25 -7.92
N ASP E 215 -19.09 -16.07 -8.10
CA ASP E 215 -19.49 -17.14 -7.16
C ASP E 215 -18.84 -18.47 -7.55
N ALA E 216 -18.55 -18.64 -8.84
CA ALA E 216 -18.09 -19.94 -9.36
C ALA E 216 -17.26 -19.69 -10.61
N VAL E 217 -16.19 -20.47 -10.80
CA VAL E 217 -15.26 -20.31 -11.95
C VAL E 217 -15.26 -21.58 -12.79
N GLY E 218 -15.21 -21.41 -14.09
CA GLY E 218 -15.04 -22.53 -15.02
C GLY E 218 -14.44 -22.09 -16.34
N MET E 219 -14.46 -22.98 -17.33
CA MET E 219 -13.63 -22.80 -18.55
C MET E 219 -14.48 -22.93 -19.80
N SER E 220 -15.77 -22.63 -19.74
CA SER E 220 -16.64 -22.75 -20.94
C SER E 220 -17.81 -21.77 -20.86
N THR E 221 -18.84 -22.03 -21.69
CA THR E 221 -20.25 -21.61 -21.48
C THR E 221 -20.43 -20.15 -21.92
N VAL E 222 -19.60 -19.23 -21.44
CA VAL E 222 -19.81 -17.78 -21.71
C VAL E 222 -19.82 -17.54 -23.22
N PRO E 223 -18.90 -18.09 -24.03
CA PRO E 223 -18.95 -17.90 -25.48
C PRO E 223 -20.28 -18.34 -26.12
N GLU E 224 -20.77 -19.54 -25.75
CA GLU E 224 -22.01 -20.13 -26.30
C GLU E 224 -23.20 -19.21 -25.95
N VAL E 225 -23.24 -18.73 -24.72
CA VAL E 225 -24.30 -17.82 -24.24
C VAL E 225 -24.29 -16.53 -25.06
N ILE E 226 -23.10 -15.96 -25.30
CA ILE E 226 -22.99 -14.68 -26.05
C ILE E 226 -23.52 -14.90 -27.47
N VAL E 227 -23.12 -15.97 -28.11
CA VAL E 227 -23.61 -16.27 -29.49
C VAL E 227 -25.12 -16.55 -29.46
N ALA E 228 -25.62 -17.29 -28.45
CA ALA E 228 -27.05 -17.59 -28.32
C ALA E 228 -27.86 -16.28 -28.21
N ARG E 229 -27.43 -15.37 -27.34
CA ARG E 229 -28.12 -14.08 -27.12
C ARG E 229 -28.03 -13.21 -28.38
N HIS E 230 -26.89 -13.22 -29.08
CA HIS E 230 -26.73 -12.51 -30.37
C HIS E 230 -27.85 -12.96 -31.35
N CYS E 231 -28.15 -14.27 -31.38
CA CYS E 231 -29.14 -14.90 -32.32
C CYS E 231 -30.58 -14.79 -31.78
N GLY E 232 -30.76 -14.33 -30.54
CA GLY E 232 -32.08 -14.14 -29.91
C GLY E 232 -32.62 -15.38 -29.21
N LEU E 233 -31.77 -16.35 -28.84
CA LEU E 233 -32.22 -17.55 -28.10
C LEU E 233 -32.46 -17.14 -26.65
N ARG E 234 -33.45 -17.75 -26.02
CA ARG E 234 -33.64 -17.72 -24.54
C ARG E 234 -32.56 -18.63 -23.94
N VAL E 235 -31.89 -18.21 -22.86
CA VAL E 235 -30.75 -18.96 -22.27
C VAL E 235 -31.03 -19.28 -20.80
N PHE E 236 -30.81 -20.54 -20.43
CA PHE E 236 -30.83 -21.01 -19.03
C PHE E 236 -29.55 -21.80 -18.85
N GLY E 237 -28.91 -21.64 -17.71
CA GLY E 237 -27.66 -22.36 -17.43
C GLY E 237 -27.48 -22.69 -15.99
N PHE E 238 -26.67 -23.70 -15.72
CA PHE E 238 -26.24 -23.97 -14.33
C PHE E 238 -24.87 -24.63 -14.32
N SER E 239 -24.23 -24.49 -13.17
CA SER E 239 -22.91 -25.06 -12.83
C SER E 239 -23.12 -26.14 -11.80
N LEU E 240 -22.52 -27.30 -11.99
CA LEU E 240 -22.24 -28.24 -10.87
C LEU E 240 -20.95 -27.81 -10.19
N ILE E 241 -21.04 -27.46 -8.90
CA ILE E 241 -19.88 -27.15 -8.03
C ILE E 241 -19.16 -28.47 -7.72
N THR E 242 -18.03 -28.71 -8.41
CA THR E 242 -17.30 -29.99 -8.34
C THR E 242 -16.26 -29.94 -7.23
N ASN E 243 -15.89 -28.74 -6.78
CA ASN E 243 -14.78 -28.54 -5.81
C ASN E 243 -14.84 -27.13 -5.26
N LYS E 244 -14.35 -26.92 -4.04
CA LYS E 244 -14.16 -25.58 -3.44
C LYS E 244 -12.73 -25.14 -3.81
N VAL E 245 -12.60 -24.00 -4.49
CA VAL E 245 -11.25 -23.54 -4.94
C VAL E 245 -10.41 -23.27 -3.68
N ILE E 246 -9.11 -23.56 -3.71
CA ILE E 246 -8.20 -23.35 -2.55
C ILE E 246 -7.98 -21.84 -2.38
N MET E 247 -8.27 -21.28 -1.19
CA MET E 247 -8.29 -19.81 -0.97
C MET E 247 -7.36 -19.42 0.19
N ASP E 248 -6.53 -20.35 0.68
CA ASP E 248 -5.53 -20.05 1.72
C ASP E 248 -4.31 -20.96 1.54
N TYR E 249 -3.16 -20.50 2.03
CA TYR E 249 -1.81 -21.09 1.80
C TYR E 249 -1.60 -22.29 2.73
N GLU E 250 -2.38 -22.40 3.81
CA GLU E 250 -2.26 -23.52 4.80
C GLU E 250 -2.61 -24.85 4.10
N SER E 251 -3.77 -24.90 3.42
CA SER E 251 -4.34 -26.14 2.81
C SER E 251 -3.25 -26.90 2.03
N LEU E 252 -3.22 -28.24 2.12
CA LEU E 252 -2.40 -29.12 1.25
C LEU E 252 -3.29 -29.83 0.22
N GLU E 253 -4.60 -29.57 0.24
CA GLU E 253 -5.54 -29.97 -0.84
C GLU E 253 -5.20 -29.19 -2.13
N LYS E 254 -5.28 -29.87 -3.28
CA LYS E 254 -5.18 -29.27 -4.63
C LYS E 254 -6.35 -29.70 -5.52
N ALA E 255 -6.80 -28.79 -6.36
CA ALA E 255 -7.80 -29.03 -7.41
C ALA E 255 -7.22 -30.03 -8.41
N ASN E 256 -8.03 -30.97 -8.85
CA ASN E 256 -7.59 -32.03 -9.81
C ASN E 256 -8.80 -32.46 -10.66
N HIS E 257 -8.53 -32.88 -11.89
CA HIS E 257 -9.55 -33.34 -12.86
C HIS E 257 -10.30 -34.55 -12.31
N GLU E 258 -9.60 -35.44 -11.58
CA GLU E 258 -10.21 -36.70 -11.06
C GLU E 258 -11.40 -36.33 -10.16
N GLU E 259 -11.25 -35.35 -9.27
CA GLU E 259 -12.32 -34.91 -8.34
C GLU E 259 -13.48 -34.28 -9.15
N VAL E 260 -13.16 -33.55 -10.23
CA VAL E 260 -14.19 -32.96 -11.14
C VAL E 260 -15.02 -34.08 -11.76
N LEU E 261 -14.35 -35.09 -12.34
CA LEU E 261 -15.04 -36.27 -12.93
C LEU E 261 -15.90 -36.96 -11.87
N ALA E 262 -15.35 -37.19 -10.68
CA ALA E 262 -16.00 -37.98 -9.60
C ALA E 262 -17.27 -37.24 -9.13
N ALA E 263 -17.22 -35.90 -8.97
CA ALA E 263 -18.37 -35.06 -8.56
C ALA E 263 -19.46 -35.11 -9.64
N GLY E 264 -19.05 -35.08 -10.91
CA GLY E 264 -19.94 -35.21 -12.06
C GLY E 264 -20.68 -36.53 -12.04
N LYS E 265 -19.96 -37.62 -11.85
CA LYS E 265 -20.53 -39.00 -11.78
C LYS E 265 -21.54 -39.06 -10.61
N GLN E 266 -21.18 -38.49 -9.47
CA GLN E 266 -22.02 -38.53 -8.24
C GLN E 266 -23.32 -37.77 -8.43
N ALA E 267 -23.30 -36.65 -9.17
CA ALA E 267 -24.46 -35.74 -9.37
C ALA E 267 -25.30 -36.18 -10.57
N ALA E 268 -24.80 -37.09 -11.40
CA ALA E 268 -25.37 -37.36 -12.75
C ALA E 268 -26.88 -37.68 -12.68
N GLN E 269 -27.32 -38.59 -11.82
CA GLN E 269 -28.73 -39.02 -11.74
C GLN E 269 -29.62 -37.82 -11.35
N LYS E 270 -29.19 -37.06 -10.35
CA LYS E 270 -29.85 -35.81 -9.86
C LYS E 270 -29.96 -34.79 -11.00
N LEU E 271 -28.88 -34.54 -11.74
CA LEU E 271 -28.86 -33.49 -12.80
C LEU E 271 -29.76 -33.89 -13.94
N GLU E 272 -29.70 -35.16 -14.35
CA GLU E 272 -30.53 -35.74 -15.44
C GLU E 272 -32.02 -35.58 -15.12
N GLN E 273 -32.41 -35.93 -13.89
CA GLN E 273 -33.81 -35.82 -13.43
C GLN E 273 -34.26 -34.36 -13.48
N PHE E 274 -33.42 -33.46 -12.95
CA PHE E 274 -33.68 -31.99 -12.86
C PHE E 274 -33.91 -31.40 -14.26
N VAL E 275 -33.00 -31.67 -15.19
CA VAL E 275 -33.13 -31.15 -16.58
C VAL E 275 -34.40 -31.71 -17.23
N SER E 276 -34.63 -33.01 -17.12
CA SER E 276 -35.82 -33.72 -17.68
C SER E 276 -37.09 -33.00 -17.21
N ILE E 277 -37.25 -32.83 -15.89
CA ILE E 277 -38.47 -32.22 -15.31
C ILE E 277 -38.58 -30.76 -15.77
N LEU E 278 -37.45 -30.04 -15.82
CA LEU E 278 -37.39 -28.60 -16.24
C LEU E 278 -37.93 -28.41 -17.67
N MET E 279 -37.79 -29.39 -18.55
CA MET E 279 -38.32 -29.28 -19.93
C MET E 279 -39.79 -28.83 -19.90
N ALA E 280 -40.57 -29.33 -18.95
CA ALA E 280 -42.03 -29.07 -18.82
C ALA E 280 -42.28 -27.58 -18.58
N SER E 281 -41.30 -26.88 -17.97
CA SER E 281 -41.39 -25.45 -17.59
C SER E 281 -40.96 -24.50 -18.71
N ILE E 282 -40.41 -25.00 -19.81
CA ILE E 282 -39.92 -24.10 -20.91
C ILE E 282 -41.15 -23.57 -21.65
N PRO E 283 -41.19 -22.27 -21.99
CA PRO E 283 -42.29 -21.74 -22.80
C PRO E 283 -42.43 -22.49 -24.13
N LEU E 284 -43.66 -22.55 -24.65
CA LEU E 284 -43.93 -23.22 -25.96
C LEU E 284 -43.42 -22.32 -27.09
N PRO E 285 -43.23 -22.88 -28.31
CA PRO E 285 -42.83 -22.10 -29.47
C PRO E 285 -43.88 -21.07 -29.91
N GLY F 4 2.74 -7.03 -39.43
CA GLY F 4 2.74 -7.20 -40.91
C GLY F 4 3.33 -6.02 -41.66
N TYR F 5 3.59 -4.89 -40.99
CA TYR F 5 4.20 -3.67 -41.61
C TYR F 5 5.68 -3.55 -41.30
N THR F 6 6.49 -3.24 -42.31
CA THR F 6 7.91 -2.84 -42.16
C THR F 6 7.97 -1.33 -41.97
N TYR F 7 9.06 -0.81 -41.41
CA TYR F 7 9.31 0.64 -41.33
C TYR F 7 9.06 1.30 -42.71
N GLU F 8 9.54 0.65 -43.77
CA GLU F 8 9.50 1.18 -45.16
C GLU F 8 8.04 1.33 -45.62
N ASP F 9 7.14 0.42 -45.20
CA ASP F 9 5.68 0.53 -45.48
C ASP F 9 5.14 1.83 -44.87
N TYR F 10 5.42 2.11 -43.60
CA TYR F 10 4.96 3.37 -42.96
C TYR F 10 5.51 4.56 -43.77
N LYS F 11 6.81 4.52 -44.10
CA LYS F 11 7.53 5.61 -44.80
C LYS F 11 6.89 5.80 -46.17
N ASN F 12 6.59 4.71 -46.89
CA ASN F 12 5.99 4.76 -48.24
C ASN F 12 4.63 5.46 -48.19
N THR F 13 3.79 5.12 -47.21
CA THR F 13 2.47 5.76 -47.00
C THR F 13 2.68 7.26 -46.75
N ALA F 14 3.54 7.62 -45.80
CA ALA F 14 3.84 9.02 -45.44
C ALA F 14 4.31 9.78 -46.70
N GLU F 15 5.25 9.22 -47.47
CA GLU F 15 5.80 9.87 -48.68
C GLU F 15 4.68 10.09 -49.71
N TRP F 16 3.80 9.10 -49.89
CA TRP F 16 2.63 9.24 -50.80
C TRP F 16 1.77 10.43 -50.36
N LEU F 17 1.38 10.49 -49.09
CA LEU F 17 0.53 11.61 -48.58
C LEU F 17 1.26 12.96 -48.76
N LEU F 18 2.55 13.03 -48.41
CA LEU F 18 3.33 14.29 -48.47
C LEU F 18 3.44 14.77 -49.93
N SER F 19 3.45 13.85 -50.90
CA SER F 19 3.53 14.17 -52.35
C SER F 19 2.15 14.54 -52.91
N HIS F 20 1.06 14.16 -52.22
CA HIS F 20 -0.32 14.31 -52.75
C HIS F 20 -1.05 15.48 -52.08
N THR F 21 -0.51 16.03 -51.00
CA THR F 21 -1.05 17.25 -50.36
C THR F 21 0.13 18.18 -50.04
N LYS F 22 -0.11 19.51 -50.10
CA LYS F 22 0.87 20.51 -49.62
C LYS F 22 0.64 20.74 -48.13
N HIS F 23 -0.46 20.22 -47.58
CA HIS F 23 -0.78 20.41 -46.14
C HIS F 23 0.27 19.66 -45.30
N ARG F 24 0.70 20.30 -44.22
CA ARG F 24 1.65 19.74 -43.22
C ARG F 24 0.97 19.85 -41.87
N PRO F 25 0.24 18.79 -41.43
CA PRO F 25 -0.50 18.88 -40.17
C PRO F 25 0.44 18.91 -38.98
N GLN F 26 0.07 19.69 -37.97
CA GLN F 26 0.65 19.59 -36.60
C GLN F 26 -0.19 18.63 -35.77
N VAL F 27 -1.50 18.58 -36.01
CA VAL F 27 -2.48 17.91 -35.10
C VAL F 27 -3.22 16.82 -35.88
N ALA F 28 -3.26 15.60 -35.33
CA ALA F 28 -4.14 14.53 -35.85
C ALA F 28 -5.35 14.45 -34.94
N ILE F 29 -6.53 14.36 -35.53
CA ILE F 29 -7.82 14.24 -34.78
C ILE F 29 -8.49 12.93 -35.22
N ILE F 30 -8.60 11.99 -34.29
CA ILE F 30 -9.31 10.70 -34.53
C ILE F 30 -10.74 10.87 -34.01
N CYS F 31 -11.66 11.08 -34.97
CA CYS F 31 -13.06 11.50 -34.68
C CYS F 31 -13.83 10.29 -34.16
N GLY F 32 -14.31 10.38 -32.92
CA GLY F 32 -15.22 9.41 -32.32
C GLY F 32 -16.67 9.85 -32.50
N SER F 33 -17.57 9.22 -31.75
CA SER F 33 -19.03 9.42 -31.79
C SER F 33 -19.37 10.89 -31.52
N GLY F 34 -20.16 11.51 -32.39
CA GLY F 34 -20.59 12.92 -32.29
C GLY F 34 -19.74 13.89 -33.10
N LEU F 35 -18.53 13.50 -33.56
CA LEU F 35 -17.65 14.38 -34.38
C LEU F 35 -17.82 14.14 -35.90
N GLY F 36 -19.00 13.64 -36.27
CA GLY F 36 -19.31 13.24 -37.65
C GLY F 36 -18.97 14.33 -38.64
N GLY F 37 -19.39 15.56 -38.35
CA GLY F 37 -19.33 16.70 -39.32
C GLY F 37 -18.21 17.66 -38.97
N LEU F 38 -17.22 17.28 -38.13
CA LEU F 38 -16.10 18.18 -37.80
C LEU F 38 -15.31 18.49 -39.09
N THR F 39 -15.15 17.53 -40.01
CA THR F 39 -14.37 17.74 -41.25
C THR F 39 -15.04 18.85 -42.07
N ASP F 40 -16.37 19.00 -41.91
CA ASP F 40 -17.16 19.97 -42.69
C ASP F 40 -16.78 21.40 -42.32
N LYS F 41 -16.08 21.60 -41.20
CA LYS F 41 -15.68 22.94 -40.72
C LYS F 41 -14.26 23.30 -41.16
N LEU F 42 -13.52 22.40 -41.83
CA LEU F 42 -12.11 22.71 -42.21
C LEU F 42 -12.07 23.81 -43.28
N THR F 43 -11.07 24.68 -43.25
CA THR F 43 -10.72 25.53 -44.42
C THR F 43 -9.63 24.81 -45.22
N GLN F 44 -9.62 25.05 -46.52
CA GLN F 44 -8.70 24.41 -47.50
C GLN F 44 -8.69 22.90 -47.31
N ALA F 45 -9.89 22.29 -47.20
CA ALA F 45 -10.06 20.84 -46.95
C ALA F 45 -9.54 20.05 -48.16
N GLN F 46 -8.81 18.97 -47.92
CA GLN F 46 -8.41 18.02 -48.99
C GLN F 46 -8.61 16.59 -48.48
N ILE F 47 -9.38 15.81 -49.22
CA ILE F 47 -9.99 14.51 -48.79
C ILE F 47 -9.27 13.35 -49.49
N PHE F 48 -8.86 12.32 -48.74
CA PHE F 48 -8.33 11.05 -49.31
C PHE F 48 -9.16 9.89 -48.75
N ASP F 49 -9.82 9.13 -49.61
CA ASP F 49 -10.52 7.88 -49.22
C ASP F 49 -9.43 6.90 -48.77
N TYR F 50 -9.64 6.18 -47.67
CA TYR F 50 -8.68 5.18 -47.16
C TYR F 50 -8.24 4.27 -48.32
N GLY F 51 -9.19 3.91 -49.20
CA GLY F 51 -8.97 3.02 -50.36
C GLY F 51 -7.84 3.49 -51.28
N GLU F 52 -7.62 4.81 -51.38
CA GLU F 52 -6.61 5.42 -52.30
C GLU F 52 -5.22 5.37 -51.67
N ILE F 53 -5.14 5.28 -50.34
CA ILE F 53 -3.89 5.49 -49.58
C ILE F 53 -3.15 4.15 -49.52
N PRO F 54 -1.87 4.12 -49.95
CA PRO F 54 -1.06 2.90 -49.86
C PRO F 54 -1.03 2.37 -48.41
N ASN F 55 -1.27 1.07 -48.24
CA ASN F 55 -1.03 0.28 -47.01
C ASN F 55 -2.09 0.54 -45.93
N PHE F 56 -3.06 1.41 -46.19
CA PHE F 56 -4.17 1.67 -45.23
C PHE F 56 -5.00 0.40 -45.07
N PRO F 57 -5.33 0.01 -43.82
CA PRO F 57 -6.18 -1.16 -43.58
C PRO F 57 -7.50 -1.11 -44.36
N ARG F 58 -7.92 -2.27 -44.89
CA ARG F 58 -9.14 -2.41 -45.73
C ARG F 58 -10.39 -1.99 -44.95
N GLY F 66 -14.54 5.37 -45.02
CA GLY F 66 -13.48 6.01 -44.20
C GLY F 66 -12.65 7.00 -45.00
N ARG F 67 -12.33 8.15 -44.42
CA ARG F 67 -11.61 9.26 -45.11
C ARG F 67 -10.57 9.91 -44.19
N LEU F 68 -9.44 10.31 -44.77
CA LEU F 68 -8.44 11.21 -44.19
C LEU F 68 -8.67 12.59 -44.79
N VAL F 69 -8.91 13.61 -43.97
CA VAL F 69 -9.11 15.01 -44.44
C VAL F 69 -8.02 15.91 -43.86
N PHE F 70 -7.26 16.58 -44.72
CA PHE F 70 -6.25 17.60 -44.31
C PHE F 70 -6.87 18.99 -44.43
N GLY F 71 -6.48 19.91 -43.55
CA GLY F 71 -6.97 21.31 -43.62
C GLY F 71 -6.63 22.09 -42.37
N PHE F 72 -7.27 23.23 -42.22
CA PHE F 72 -7.14 24.14 -41.06
C PHE F 72 -8.44 24.10 -40.28
N LEU F 73 -8.34 23.81 -38.98
CA LEU F 73 -9.46 23.93 -38.05
C LEU F 73 -9.17 25.13 -37.17
N ASN F 74 -9.92 26.21 -37.33
CA ASN F 74 -9.72 27.44 -36.53
C ASN F 74 -8.27 27.90 -36.77
N GLY F 75 -7.75 27.68 -37.99
CA GLY F 75 -6.41 28.14 -38.41
C GLY F 75 -5.26 27.23 -37.98
N ARG F 76 -5.54 26.08 -37.35
CA ARG F 76 -4.51 25.09 -36.93
C ARG F 76 -4.42 23.99 -37.98
N ALA F 77 -3.21 23.71 -38.47
CA ALA F 77 -2.97 22.68 -39.50
C ALA F 77 -3.28 21.28 -38.92
N CYS F 78 -4.24 20.56 -39.50
CA CYS F 78 -4.76 19.29 -38.92
CA CYS F 78 -4.61 19.24 -38.92
C CYS F 78 -4.97 18.23 -40.01
N VAL F 79 -5.01 16.96 -39.61
CA VAL F 79 -5.44 15.80 -40.42
C VAL F 79 -6.43 15.05 -39.56
N MET F 80 -7.61 14.78 -40.13
CA MET F 80 -8.75 14.20 -39.42
C MET F 80 -9.03 12.81 -40.00
N MET F 81 -9.11 11.84 -39.09
CA MET F 81 -9.60 10.47 -39.38
C MET F 81 -11.10 10.45 -39.17
N GLN F 82 -11.84 10.28 -40.26
CA GLN F 82 -13.31 10.10 -40.26
C GLN F 82 -13.59 8.63 -40.53
N GLY F 83 -13.95 7.89 -39.49
CA GLY F 83 -13.93 6.43 -39.48
C GLY F 83 -12.65 5.94 -38.85
N ARG F 84 -12.74 5.18 -37.77
CA ARG F 84 -11.55 4.61 -37.10
C ARG F 84 -11.72 3.10 -37.03
N PHE F 85 -10.61 2.37 -36.94
CA PHE F 85 -10.58 0.89 -36.90
C PHE F 85 -10.72 0.45 -35.44
N HIS F 86 -11.48 -0.61 -35.23
CA HIS F 86 -11.77 -1.14 -33.88
C HIS F 86 -11.35 -2.61 -33.83
N MET F 87 -10.84 -2.99 -32.67
CA MET F 87 -10.51 -4.40 -32.35
C MET F 87 -11.71 -5.32 -32.64
N TYR F 88 -12.94 -4.89 -32.32
CA TYR F 88 -14.14 -5.76 -32.45
C TYR F 88 -14.42 -6.05 -33.93
N GLU F 89 -13.92 -5.24 -34.87
CA GLU F 89 -14.13 -5.44 -36.32
C GLU F 89 -13.27 -6.61 -36.83
N GLY F 90 -12.28 -7.07 -36.04
CA GLY F 90 -11.36 -8.16 -36.40
C GLY F 90 -9.97 -7.69 -36.77
N TYR F 91 -9.74 -6.37 -36.83
CA TYR F 91 -8.41 -5.79 -37.11
C TYR F 91 -7.44 -6.13 -35.97
N PRO F 92 -6.24 -6.65 -36.28
CA PRO F 92 -5.15 -6.69 -35.33
C PRO F 92 -4.75 -5.27 -34.90
N LEU F 93 -4.18 -5.12 -33.71
CA LEU F 93 -3.83 -3.77 -33.18
C LEU F 93 -2.76 -3.10 -34.05
N TRP F 94 -1.95 -3.87 -34.79
CA TRP F 94 -0.93 -3.27 -35.69
C TRP F 94 -1.60 -2.63 -36.92
N LYS F 95 -2.83 -3.04 -37.24
CA LYS F 95 -3.68 -2.37 -38.27
C LYS F 95 -4.43 -1.20 -37.62
N VAL F 96 -5.03 -1.43 -36.46
CA VAL F 96 -5.80 -0.37 -35.75
C VAL F 96 -4.93 0.90 -35.66
N THR F 97 -3.66 0.75 -35.28
CA THR F 97 -2.77 1.88 -34.89
C THR F 97 -1.84 2.31 -36.02
N PHE F 98 -1.91 1.66 -37.19
CA PHE F 98 -1.05 1.99 -38.36
C PHE F 98 -1.12 3.50 -38.66
N PRO F 99 -2.31 4.14 -38.70
CA PRO F 99 -2.38 5.56 -39.02
C PRO F 99 -1.54 6.45 -38.10
N VAL F 100 -1.42 6.08 -36.83
CA VAL F 100 -0.70 6.91 -35.82
C VAL F 100 0.78 7.00 -36.21
N ARG F 101 1.40 5.88 -36.56
CA ARG F 101 2.80 5.83 -37.05
C ARG F 101 2.94 6.77 -38.25
N VAL F 102 2.01 6.68 -39.19
CA VAL F 102 1.99 7.52 -40.42
C VAL F 102 1.94 9.00 -39.99
N PHE F 103 1.06 9.34 -39.04
CA PHE F 103 0.91 10.74 -38.56
C PHE F 103 2.24 11.27 -38.03
N HIS F 104 2.94 10.49 -37.21
CA HIS F 104 4.31 10.82 -36.73
C HIS F 104 5.21 11.16 -37.91
N LEU F 105 5.25 10.30 -38.93
CA LEU F 105 6.13 10.49 -40.10
C LEU F 105 5.71 11.72 -40.91
N LEU F 106 4.44 12.14 -40.84
CA LEU F 106 3.96 13.38 -41.53
C LEU F 106 4.47 14.64 -40.83
N GLY F 107 4.83 14.54 -39.55
CA GLY F 107 5.32 15.64 -38.71
C GLY F 107 4.33 16.05 -37.63
N VAL F 108 3.22 15.31 -37.46
CA VAL F 108 2.20 15.58 -36.41
C VAL F 108 2.92 15.49 -35.06
N ASP F 109 2.65 16.40 -34.13
CA ASP F 109 3.26 16.33 -32.78
C ASP F 109 2.17 16.20 -31.73
N THR F 110 0.89 16.29 -32.11
CA THR F 110 -0.25 16.23 -31.16
C THR F 110 -1.36 15.33 -31.72
N LEU F 111 -1.86 14.40 -30.90
CA LEU F 111 -3.05 13.58 -31.19
C LEU F 111 -4.21 13.98 -30.29
N VAL F 112 -5.32 14.35 -30.92
CA VAL F 112 -6.64 14.53 -30.27
C VAL F 112 -7.47 13.27 -30.60
N VAL F 113 -7.90 12.54 -29.59
CA VAL F 113 -8.62 11.24 -29.78
C VAL F 113 -9.96 11.37 -29.08
N THR F 114 -11.06 11.03 -29.76
CA THR F 114 -12.42 11.18 -29.20
C THR F 114 -13.13 9.82 -29.29
N ASN F 115 -14.11 9.62 -28.44
CA ASN F 115 -14.90 8.36 -28.47
C ASN F 115 -16.25 8.56 -27.78
N ALA F 116 -17.07 7.53 -27.86
CA ALA F 116 -18.28 7.35 -27.02
C ALA F 116 -17.88 6.45 -25.85
N ALA F 117 -18.51 6.61 -24.71
CA ALA F 117 -18.28 5.69 -23.56
C ALA F 117 -19.55 5.54 -22.74
N GLY F 118 -19.70 4.38 -22.12
CA GLY F 118 -20.70 4.19 -21.08
C GLY F 118 -20.24 4.76 -19.77
N GLY F 119 -21.13 5.45 -19.06
CA GLY F 119 -20.88 6.01 -17.72
C GLY F 119 -20.85 4.93 -16.65
N LEU F 120 -19.71 4.80 -15.94
CA LEU F 120 -19.58 3.89 -14.76
C LEU F 120 -19.69 4.71 -13.48
N ASN F 121 -19.17 5.95 -13.51
CA ASN F 121 -19.23 6.94 -12.40
C ASN F 121 -20.67 7.39 -12.27
N PRO F 122 -21.35 7.11 -11.13
CA PRO F 122 -22.74 7.52 -10.96
C PRO F 122 -23.00 9.04 -11.04
N LYS F 123 -21.97 9.87 -10.93
CA LYS F 123 -22.12 11.35 -11.08
C LYS F 123 -22.33 11.73 -12.55
N PHE F 124 -21.97 10.87 -13.50
CA PHE F 124 -22.01 11.18 -14.95
C PHE F 124 -23.44 11.12 -15.46
N GLU F 125 -23.82 12.04 -16.35
CA GLU F 125 -25.14 11.98 -17.06
C GLU F 125 -24.91 11.84 -18.56
N VAL F 126 -25.88 11.31 -19.27
CA VAL F 126 -25.87 11.18 -20.76
C VAL F 126 -25.65 12.59 -21.32
N GLY F 127 -24.74 12.76 -22.28
CA GLY F 127 -24.40 14.06 -22.89
C GLY F 127 -23.18 14.72 -22.24
N ASP F 128 -22.75 14.25 -21.08
CA ASP F 128 -21.52 14.72 -20.40
C ASP F 128 -20.30 14.44 -21.30
N ILE F 129 -19.34 15.35 -21.29
CA ILE F 129 -17.99 15.16 -21.90
C ILE F 129 -17.03 14.84 -20.76
N MET F 130 -16.33 13.70 -20.85
CA MET F 130 -15.30 13.33 -19.86
C MET F 130 -13.93 13.49 -20.50
N LEU F 131 -13.16 14.45 -20.00
CA LEU F 131 -11.71 14.52 -20.32
C LEU F 131 -11.09 13.25 -19.78
N ILE F 132 -10.32 12.57 -20.63
CA ILE F 132 -9.58 11.36 -20.22
C ILE F 132 -8.31 11.82 -19.52
N ARG F 133 -8.23 11.60 -18.21
CA ARG F 133 -7.04 11.84 -17.36
C ARG F 133 -6.12 10.62 -17.44
N ASP F 134 -6.68 9.45 -17.70
CA ASP F 134 -5.94 8.17 -17.56
C ASP F 134 -6.77 7.05 -18.19
N HIS F 135 -6.12 5.91 -18.42
CA HIS F 135 -6.84 4.72 -18.95
C HIS F 135 -6.42 3.46 -18.19
N ILE F 136 -7.25 2.43 -18.36
CA ILE F 136 -7.00 1.03 -17.92
C ILE F 136 -7.06 0.19 -19.19
N ASN F 137 -5.95 -0.37 -19.56
CA ASN F 137 -5.80 -1.16 -20.81
C ASN F 137 -5.98 -2.64 -20.49
N LEU F 138 -7.24 -3.13 -20.45
CA LEU F 138 -7.48 -4.56 -20.12
C LEU F 138 -6.93 -5.48 -21.20
N PRO F 139 -7.08 -5.19 -22.51
CA PRO F 139 -6.43 -6.07 -23.50
C PRO F 139 -4.91 -6.10 -23.37
N GLY F 140 -4.30 -4.93 -23.06
CA GLY F 140 -2.84 -4.80 -22.85
C GLY F 140 -2.30 -5.79 -21.82
N PHE F 141 -2.95 -5.89 -20.67
CA PHE F 141 -2.49 -6.77 -19.56
C PHE F 141 -2.24 -8.19 -20.08
N SER F 142 -3.11 -8.68 -20.95
CA SER F 142 -3.14 -10.11 -21.39
C SER F 142 -2.38 -10.32 -22.72
N GLY F 143 -1.74 -9.30 -23.26
CA GLY F 143 -0.86 -9.44 -24.47
C GLY F 143 -1.30 -8.62 -25.68
N GLN F 144 -2.53 -8.09 -25.69
CA GLN F 144 -3.03 -7.27 -26.83
C GLN F 144 -2.56 -5.81 -26.63
N ASN F 145 -1.26 -5.62 -26.79
CA ASN F 145 -0.56 -4.30 -26.73
C ASN F 145 -0.05 -4.05 -28.14
N PRO F 146 -0.30 -2.86 -28.75
CA PRO F 146 0.11 -2.62 -30.13
C PRO F 146 1.65 -2.56 -30.30
N LEU F 147 2.41 -2.50 -29.20
CA LEU F 147 3.91 -2.45 -29.22
C LEU F 147 4.51 -3.87 -29.17
N ARG F 148 3.67 -4.90 -29.02
CA ARG F 148 4.16 -6.30 -28.89
C ARG F 148 4.92 -6.65 -30.17
N GLY F 149 6.10 -7.23 -30.04
CA GLY F 149 6.91 -7.57 -31.22
C GLY F 149 8.20 -6.76 -31.21
N PRO F 150 9.03 -6.89 -32.26
CA PRO F 150 10.31 -6.18 -32.30
C PRO F 150 10.07 -4.67 -32.19
N ASN F 151 10.92 -3.96 -31.47
CA ASN F 151 10.82 -2.48 -31.33
C ASN F 151 11.66 -1.83 -32.41
N ASP F 152 11.15 -0.77 -33.05
CA ASP F 152 11.95 0.09 -33.96
C ASP F 152 12.26 1.41 -33.25
N GLU F 153 13.55 1.65 -32.95
CA GLU F 153 14.01 2.83 -32.19
C GLU F 153 13.74 4.11 -32.99
N ARG F 154 13.58 4.00 -34.32
CA ARG F 154 13.18 5.18 -35.14
C ARG F 154 11.79 5.67 -34.71
N PHE F 155 10.90 4.82 -34.16
CA PHE F 155 9.61 5.28 -33.60
C PHE F 155 9.77 5.64 -32.12
N GLY F 156 10.41 4.80 -31.32
CA GLY F 156 10.57 5.08 -29.89
C GLY F 156 11.20 3.97 -29.11
N ASP F 157 11.08 4.07 -27.79
CA ASP F 157 11.81 3.21 -26.82
C ASP F 157 11.12 1.84 -26.74
N ARG F 158 11.88 0.80 -26.36
CA ARG F 158 11.33 -0.56 -26.19
C ARG F 158 10.28 -0.58 -25.07
N PHE F 159 10.50 0.15 -23.98
CA PHE F 159 9.64 0.07 -22.76
C PHE F 159 9.15 1.45 -22.36
N PRO F 160 8.21 2.06 -23.12
CA PRO F 160 7.81 3.45 -22.86
C PRO F 160 6.85 3.54 -21.66
N ALA F 161 6.96 4.62 -20.90
CA ALA F 161 6.03 4.93 -19.79
C ALA F 161 4.71 5.45 -20.37
N MET F 162 3.61 5.13 -19.71
CA MET F 162 2.23 5.53 -20.04
C MET F 162 1.60 6.32 -18.87
N SER F 163 2.29 6.51 -17.75
CA SER F 163 1.75 7.20 -16.56
C SER F 163 1.48 8.69 -16.84
N ASP F 164 2.11 9.27 -17.86
CA ASP F 164 1.91 10.70 -18.22
C ASP F 164 1.29 10.79 -19.62
N ALA F 165 0.48 9.79 -20.02
CA ALA F 165 0.02 9.69 -21.42
C ALA F 165 -0.83 10.92 -21.80
N TYR F 166 -1.69 11.42 -20.89
CA TYR F 166 -2.71 12.44 -21.19
C TYR F 166 -2.19 13.79 -20.69
N ASP F 167 -1.72 14.58 -21.63
CA ASP F 167 -1.06 15.90 -21.40
C ASP F 167 -1.79 16.72 -20.33
N ARG F 168 -1.10 17.04 -19.24
CA ARG F 168 -1.66 17.80 -18.09
C ARG F 168 -2.07 19.20 -18.54
N THR F 169 -1.21 19.90 -19.29
CA THR F 169 -1.45 21.28 -19.78
C THR F 169 -2.75 21.33 -20.59
N MET F 170 -2.92 20.44 -21.57
CA MET F 170 -4.12 20.41 -22.43
C MET F 170 -5.39 20.16 -21.60
N ARG F 171 -5.32 19.34 -20.55
CA ARG F 171 -6.52 19.08 -19.70
C ARG F 171 -6.86 20.37 -18.94
N GLN F 172 -5.85 21.11 -18.47
CA GLN F 172 -6.04 22.40 -17.75
C GLN F 172 -6.67 23.43 -18.71
N ARG F 173 -6.16 23.52 -19.93
CA ARG F 173 -6.65 24.48 -20.95
C ARG F 173 -8.03 24.07 -21.45
N ALA F 174 -8.34 22.78 -21.51
CA ALA F 174 -9.68 22.27 -21.86
C ALA F 174 -10.70 22.74 -20.79
N LEU F 175 -10.36 22.61 -19.51
CA LEU F 175 -11.21 23.06 -18.38
C LEU F 175 -11.44 24.58 -18.48
N SER F 176 -10.39 25.38 -18.66
CA SER F 176 -10.50 26.87 -18.79
C SER F 176 -11.29 27.26 -20.04
N THR F 177 -11.07 26.62 -21.20
CA THR F 177 -11.84 26.85 -22.44
C THR F 177 -13.34 26.61 -22.21
N TRP F 178 -13.66 25.52 -21.50
CA TRP F 178 -15.06 25.11 -21.23
C TRP F 178 -15.76 26.21 -20.43
N GLU F 183 -21.35 26.86 -20.81
CA GLU F 183 -22.11 25.59 -20.95
C GLU F 183 -22.87 25.29 -19.66
N GLN F 184 -24.07 24.72 -19.78
CA GLN F 184 -25.00 24.44 -18.65
C GLN F 184 -24.31 23.56 -17.62
N ARG F 185 -23.56 22.55 -18.08
CA ARG F 185 -23.01 21.47 -17.22
C ARG F 185 -21.49 21.53 -17.25
N GLU F 186 -20.84 21.03 -16.21
CA GLU F 186 -19.35 21.00 -16.09
C GLU F 186 -18.77 19.88 -16.97
N LEU F 187 -17.51 20.06 -17.32
CA LEU F 187 -16.65 19.08 -18.02
C LEU F 187 -16.32 18.02 -16.98
N GLN F 188 -16.55 16.74 -17.27
CA GLN F 188 -16.14 15.68 -16.34
C GLN F 188 -14.68 15.34 -16.63
N GLU F 189 -14.05 14.61 -15.72
CA GLU F 189 -12.67 14.12 -15.91
C GLU F 189 -12.56 12.75 -15.24
N GLY F 190 -11.91 11.77 -15.90
CA GLY F 190 -11.64 10.51 -15.22
C GLY F 190 -10.97 9.47 -16.09
N THR F 191 -11.11 8.22 -15.66
CA THR F 191 -10.36 7.04 -16.20
C THR F 191 -11.22 6.30 -17.20
N TYR F 192 -10.70 6.11 -18.40
CA TYR F 192 -11.37 5.33 -19.48
C TYR F 192 -10.79 3.92 -19.43
N VAL F 193 -11.65 2.91 -19.33
CA VAL F 193 -11.24 1.49 -19.47
C VAL F 193 -11.63 1.03 -20.88
N MET F 194 -10.69 0.46 -21.60
CA MET F 194 -10.98 -0.15 -22.91
C MET F 194 -11.31 -1.62 -22.67
N VAL F 195 -12.43 -2.04 -23.23
CA VAL F 195 -12.79 -3.49 -23.39
C VAL F 195 -12.91 -3.72 -24.90
N ALA F 196 -12.79 -4.96 -25.36
CA ALA F 196 -12.71 -5.23 -26.82
C ALA F 196 -14.11 -5.13 -27.46
N GLY F 197 -15.17 -5.40 -26.70
CA GLY F 197 -16.54 -5.60 -27.18
C GLY F 197 -16.59 -6.76 -28.18
N PRO F 198 -17.55 -6.81 -29.13
CA PRO F 198 -18.52 -5.73 -29.38
C PRO F 198 -19.83 -5.75 -28.59
N SER F 199 -20.06 -6.82 -27.84
CA SER F 199 -21.22 -6.97 -26.93
C SER F 199 -21.07 -6.01 -25.76
N PHE F 200 -22.19 -5.46 -25.28
CA PHE F 200 -22.22 -4.60 -24.07
C PHE F 200 -22.05 -5.46 -22.81
N GLU F 201 -21.73 -4.81 -21.70
CA GLU F 201 -21.28 -5.48 -20.45
C GLU F 201 -22.49 -6.03 -19.71
N THR F 202 -22.29 -7.14 -18.98
CA THR F 202 -23.30 -7.66 -18.04
C THR F 202 -23.30 -6.75 -16.80
N VAL F 203 -24.30 -6.87 -15.94
CA VAL F 203 -24.27 -6.14 -14.63
C VAL F 203 -23.01 -6.49 -13.83
N ALA F 204 -22.69 -7.78 -13.69
CA ALA F 204 -21.48 -8.24 -12.96
C ALA F 204 -20.21 -7.59 -13.56
N GLU F 205 -20.09 -7.56 -14.89
CA GLU F 205 -18.92 -6.92 -15.55
C GLU F 205 -18.88 -5.42 -15.23
N CYS F 206 -20.01 -4.74 -15.29
CA CYS F 206 -20.10 -3.28 -14.98
CA CYS F 206 -20.09 -3.29 -14.98
C CYS F 206 -19.58 -3.06 -13.55
N ARG F 207 -19.97 -3.91 -12.61
CA ARG F 207 -19.53 -3.82 -11.20
C ARG F 207 -18.03 -4.03 -11.11
N VAL F 208 -17.48 -4.93 -11.93
CA VAL F 208 -16.01 -5.18 -11.96
C VAL F 208 -15.31 -3.86 -12.40
N LEU F 209 -15.72 -3.30 -13.53
CA LEU F 209 -15.05 -2.09 -14.11
C LEU F 209 -15.15 -0.94 -13.09
N GLN F 210 -16.31 -0.77 -12.46
CA GLN F 210 -16.47 0.23 -11.37
C GLN F 210 -15.47 -0.01 -10.24
N LYS F 211 -15.37 -1.25 -9.73
CA LYS F 211 -14.46 -1.56 -8.60
C LYS F 211 -12.99 -1.41 -9.02
N LEU F 212 -12.67 -1.55 -10.32
CA LEU F 212 -11.30 -1.29 -10.84
C LEU F 212 -11.00 0.21 -10.84
N GLY F 213 -12.01 1.07 -10.65
CA GLY F 213 -11.84 2.53 -10.56
C GLY F 213 -11.99 3.19 -11.93
N ALA F 214 -12.65 2.53 -12.88
CA ALA F 214 -12.95 3.12 -14.21
C ALA F 214 -14.14 4.05 -14.05
N ASP F 215 -14.12 5.20 -14.71
CA ASP F 215 -15.25 6.16 -14.72
C ASP F 215 -16.12 5.93 -15.95
N ALA F 216 -15.53 5.40 -17.02
CA ALA F 216 -16.21 5.26 -18.30
C ALA F 216 -15.59 4.10 -19.06
N VAL F 217 -16.42 3.37 -19.80
CA VAL F 217 -15.96 2.18 -20.58
C VAL F 217 -16.24 2.41 -22.06
N GLY F 218 -15.30 1.97 -22.90
CA GLY F 218 -15.49 2.02 -24.34
C GLY F 218 -14.63 1.01 -25.05
N MET F 219 -14.58 1.08 -26.38
CA MET F 219 -14.05 -0.02 -27.21
C MET F 219 -12.97 0.47 -28.16
N SER F 220 -12.26 1.56 -27.83
CA SER F 220 -11.21 2.08 -28.74
C SER F 220 -10.15 2.85 -27.96
N THR F 221 -9.37 3.66 -28.69
CA THR F 221 -8.64 4.85 -28.16
C THR F 221 -7.34 4.39 -27.50
N VAL F 222 -7.40 3.44 -26.57
CA VAL F 222 -6.20 3.08 -25.74
C VAL F 222 -5.07 2.62 -26.66
N PRO F 223 -5.29 1.78 -27.69
CA PRO F 223 -4.20 1.40 -28.60
C PRO F 223 -3.54 2.59 -29.30
N GLU F 224 -4.35 3.51 -29.84
CA GLU F 224 -3.86 4.70 -30.60
C GLU F 224 -3.00 5.56 -29.66
N VAL F 225 -3.47 5.75 -28.43
CA VAL F 225 -2.75 6.55 -27.40
C VAL F 225 -1.40 5.93 -27.10
N ILE F 226 -1.33 4.61 -26.94
CA ILE F 226 -0.06 3.91 -26.60
C ILE F 226 0.94 4.11 -27.74
N VAL F 227 0.49 3.91 -28.97
CA VAL F 227 1.37 4.10 -30.14
C VAL F 227 1.77 5.59 -30.26
N ALA F 228 0.84 6.53 -30.01
CA ALA F 228 1.15 7.98 -30.08
C ALA F 228 2.24 8.34 -29.07
N ARG F 229 2.10 7.88 -27.83
CA ARG F 229 3.07 8.16 -26.75
C ARG F 229 4.41 7.49 -27.07
N HIS F 230 4.39 6.27 -27.61
CA HIS F 230 5.62 5.58 -28.07
C HIS F 230 6.42 6.49 -29.03
N CYS F 231 5.71 7.15 -29.97
CA CYS F 231 6.29 8.02 -31.04
C CYS F 231 6.58 9.43 -30.53
N GLY F 232 6.17 9.77 -29.31
CA GLY F 232 6.47 11.05 -28.65
C GLY F 232 5.42 12.12 -28.90
N LEU F 233 4.22 11.77 -29.37
CA LEU F 233 3.14 12.75 -29.63
C LEU F 233 2.55 13.18 -28.29
N ARG F 234 2.14 14.44 -28.19
CA ARG F 234 1.29 14.95 -27.10
C ARG F 234 -0.12 14.40 -27.36
N VAL F 235 -0.82 13.94 -26.33
CA VAL F 235 -2.16 13.30 -26.45
C VAL F 235 -3.18 14.04 -25.58
N PHE F 236 -4.31 14.36 -26.19
CA PHE F 236 -5.51 14.88 -25.48
C PHE F 236 -6.66 14.01 -25.96
N GLY F 237 -7.51 13.61 -25.05
CA GLY F 237 -8.65 12.73 -25.39
C GLY F 237 -9.89 13.08 -24.59
N PHE F 238 -11.06 12.74 -25.11
CA PHE F 238 -12.29 12.81 -24.31
C PHE F 238 -13.31 11.81 -24.83
N SER F 239 -14.24 11.50 -23.94
CA SER F 239 -15.36 10.59 -24.15
C SER F 239 -16.65 11.40 -24.10
N LEU F 240 -17.55 11.19 -25.04
CA LEU F 240 -18.98 11.50 -24.87
C LEU F 240 -19.67 10.34 -24.12
N ILE F 241 -20.21 10.63 -22.94
CA ILE F 241 -21.01 9.67 -22.12
C ILE F 241 -22.37 9.52 -22.80
N THR F 242 -22.57 8.42 -23.51
CA THR F 242 -23.75 8.16 -24.37
C THR F 242 -24.84 7.46 -23.57
N ASN F 243 -24.50 6.84 -22.43
CA ASN F 243 -25.45 5.99 -21.67
C ASN F 243 -24.85 5.69 -20.30
N LYS F 244 -25.72 5.47 -19.30
CA LYS F 244 -25.31 4.97 -17.98
C LYS F 244 -25.35 3.43 -18.02
N VAL F 245 -24.23 2.79 -17.76
CA VAL F 245 -24.20 1.30 -17.85
C VAL F 245 -25.14 0.72 -16.79
N ILE F 246 -25.79 -0.40 -17.13
CA ILE F 246 -26.79 -1.01 -16.20
C ILE F 246 -26.02 -1.70 -15.06
N MET F 247 -26.31 -1.33 -13.79
CA MET F 247 -25.50 -1.78 -12.64
C MET F 247 -26.36 -2.50 -11.59
N ASP F 248 -27.61 -2.83 -11.91
CA ASP F 248 -28.49 -3.61 -11.01
C ASP F 248 -29.44 -4.46 -11.83
N TYR F 249 -29.91 -5.56 -11.25
CA TYR F 249 -30.70 -6.62 -11.93
C TYR F 249 -32.17 -6.19 -12.10
N GLU F 250 -32.63 -5.19 -11.34
CA GLU F 250 -34.03 -4.69 -11.39
C GLU F 250 -34.30 -4.08 -12.77
N SER F 251 -33.42 -3.18 -13.22
CA SER F 251 -33.59 -2.36 -14.45
C SER F 251 -34.04 -3.24 -15.62
N LEU F 252 -34.97 -2.74 -16.44
CA LEU F 252 -35.38 -3.36 -17.72
C LEU F 252 -34.81 -2.55 -18.90
N GLU F 253 -34.06 -1.48 -18.62
CA GLU F 253 -33.22 -0.78 -19.61
C GLU F 253 -32.06 -1.70 -20.05
N LYS F 254 -31.73 -1.67 -21.34
CA LYS F 254 -30.53 -2.32 -21.92
C LYS F 254 -29.76 -1.33 -22.78
N ALA F 255 -28.43 -1.41 -22.74
CA ALA F 255 -27.53 -0.67 -23.63
C ALA F 255 -27.81 -1.08 -25.07
N ASN F 256 -27.82 -0.13 -25.99
CA ASN F 256 -28.10 -0.42 -27.43
C ASN F 256 -27.35 0.61 -28.28
N HIS F 257 -26.96 0.21 -29.49
CA HIS F 257 -26.17 1.08 -30.41
C HIS F 257 -27.01 2.30 -30.80
N GLU F 258 -28.33 2.14 -30.93
CA GLU F 258 -29.23 3.21 -31.37
C GLU F 258 -29.12 4.38 -30.38
N GLU F 259 -29.11 4.13 -29.07
CA GLU F 259 -29.01 5.18 -28.03
C GLU F 259 -27.63 5.84 -28.10
N VAL F 260 -26.57 5.08 -28.41
CA VAL F 260 -25.20 5.61 -28.61
C VAL F 260 -25.21 6.59 -29.78
N LEU F 261 -25.76 6.19 -30.92
CA LEU F 261 -25.86 7.06 -32.12
C LEU F 261 -26.68 8.31 -31.78
N ALA F 262 -27.81 8.15 -31.09
CA ALA F 262 -28.74 9.27 -30.79
C ALA F 262 -28.05 10.28 -29.88
N ALA F 263 -27.30 9.85 -28.87
CA ALA F 263 -26.55 10.71 -27.92
C ALA F 263 -25.46 11.47 -28.69
N GLY F 264 -24.80 10.79 -29.63
CA GLY F 264 -23.78 11.37 -30.52
C GLY F 264 -24.36 12.50 -31.35
N LYS F 265 -25.51 12.25 -31.99
CA LYS F 265 -26.23 13.24 -32.82
C LYS F 265 -26.59 14.45 -31.94
N GLN F 266 -27.08 14.22 -30.74
CA GLN F 266 -27.55 15.27 -29.80
C GLN F 266 -26.39 16.17 -29.37
N ALA F 267 -25.18 15.60 -29.19
CA ALA F 267 -23.99 16.30 -28.67
C ALA F 267 -23.16 16.92 -29.80
N ALA F 268 -23.44 16.59 -31.05
CA ALA F 268 -22.56 16.84 -32.21
C ALA F 268 -22.15 18.33 -32.30
N GLN F 269 -23.11 19.26 -32.24
CA GLN F 269 -22.84 20.73 -32.42
C GLN F 269 -21.90 21.19 -31.28
N LYS F 270 -22.23 20.80 -30.04
CA LYS F 270 -21.45 21.10 -28.81
C LYS F 270 -20.01 20.56 -28.96
N LEU F 271 -19.85 19.30 -29.36
CA LEU F 271 -18.50 18.67 -29.43
C LEU F 271 -17.66 19.34 -30.51
N GLU F 272 -18.24 19.58 -31.68
CA GLU F 272 -17.56 20.23 -32.83
C GLU F 272 -17.05 21.62 -32.41
N GLN F 273 -17.90 22.40 -31.75
CA GLN F 273 -17.56 23.77 -31.29
C GLN F 273 -16.38 23.69 -30.31
N PHE F 274 -16.48 22.78 -29.34
CA PHE F 274 -15.46 22.55 -28.26
C PHE F 274 -14.10 22.22 -28.87
N VAL F 275 -14.06 21.26 -29.78
CA VAL F 275 -12.78 20.83 -30.41
C VAL F 275 -12.19 22.01 -31.20
N SER F 276 -13.02 22.67 -32.02
CA SER F 276 -12.62 23.82 -32.87
C SER F 276 -11.94 24.87 -32.00
N ILE F 277 -12.60 25.30 -30.91
CA ILE F 277 -12.07 26.37 -30.01
C ILE F 277 -10.78 25.87 -29.37
N LEU F 278 -10.75 24.60 -28.95
CA LEU F 278 -9.58 23.99 -28.26
C LEU F 278 -8.31 24.00 -29.14
N MET F 279 -8.44 23.99 -30.46
CA MET F 279 -7.27 24.10 -31.37
C MET F 279 -6.37 25.29 -30.95
N ALA F 280 -6.98 26.41 -30.55
CA ALA F 280 -6.29 27.67 -30.16
C ALA F 280 -5.37 27.41 -28.94
N SER F 281 -5.72 26.44 -28.10
CA SER F 281 -5.03 26.11 -26.83
C SER F 281 -3.86 25.13 -27.02
N ILE F 282 -3.70 24.53 -28.21
CA ILE F 282 -2.63 23.53 -28.44
C ILE F 282 -1.30 24.27 -28.53
N PRO F 283 -0.22 23.78 -27.88
CA PRO F 283 1.09 24.41 -28.01
C PRO F 283 1.59 24.41 -29.46
N LEU F 284 2.57 25.26 -29.72
CA LEU F 284 3.16 25.43 -31.07
C LEU F 284 4.11 24.28 -31.39
#